data_4QT6
# 
_entry.id   4QT6 
# 
_audit_conform.dict_name       mmcif_pdbx.dic 
_audit_conform.dict_version    5.399 
_audit_conform.dict_location   http://mmcif.pdb.org/dictionaries/ascii/mmcif_pdbx.dic 
# 
loop_
_database_2.database_id 
_database_2.database_code 
_database_2.pdbx_database_accession 
_database_2.pdbx_DOI 
PDB   4QT6         pdb_00004qt6 10.2210/pdb4qt6/pdb 
RCSB  RCSB086481   ?            ?                   
WWPDB D_1000086481 ?            ?                   
# 
loop_
_pdbx_audit_revision_history.ordinal 
_pdbx_audit_revision_history.data_content_type 
_pdbx_audit_revision_history.major_revision 
_pdbx_audit_revision_history.minor_revision 
_pdbx_audit_revision_history.revision_date 
1 'Structure model' 1 0 2015-01-07 
2 'Structure model' 1 1 2017-11-22 
3 'Structure model' 1 2 2024-11-20 
# 
_pdbx_audit_revision_details.ordinal             1 
_pdbx_audit_revision_details.revision_ordinal    1 
_pdbx_audit_revision_details.data_content_type   'Structure model' 
_pdbx_audit_revision_details.provider            repository 
_pdbx_audit_revision_details.type                'Initial release' 
_pdbx_audit_revision_details.description         ? 
_pdbx_audit_revision_details.details             ? 
# 
loop_
_pdbx_audit_revision_group.ordinal 
_pdbx_audit_revision_group.revision_ordinal 
_pdbx_audit_revision_group.data_content_type 
_pdbx_audit_revision_group.group 
1 2 'Structure model' 'Refinement description' 
2 3 'Structure model' 'Data collection'        
3 3 'Structure model' 'Database references'    
4 3 'Structure model' 'Derived calculations'   
5 3 'Structure model' 'Structure summary'      
# 
loop_
_pdbx_audit_revision_category.ordinal 
_pdbx_audit_revision_category.revision_ordinal 
_pdbx_audit_revision_category.data_content_type 
_pdbx_audit_revision_category.category 
1 2 'Structure model' software                  
2 3 'Structure model' chem_comp_atom            
3 3 'Structure model' chem_comp_bond            
4 3 'Structure model' database_2                
5 3 'Structure model' pdbx_entry_details        
6 3 'Structure model' pdbx_modification_feature 
7 3 'Structure model' struct_conn               
8 3 'Structure model' struct_ref_seq_dif        
9 3 'Structure model' struct_site               
# 
loop_
_pdbx_audit_revision_item.ordinal 
_pdbx_audit_revision_item.revision_ordinal 
_pdbx_audit_revision_item.data_content_type 
_pdbx_audit_revision_item.item 
1 2 'Structure model' '_software.name'                      
2 3 'Structure model' '_database_2.pdbx_DOI'                
3 3 'Structure model' '_database_2.pdbx_database_accession' 
4 3 'Structure model' '_struct_conn.pdbx_leaving_atom_flag' 
5 3 'Structure model' '_struct_ref_seq_dif.details'         
6 3 'Structure model' '_struct_site.pdbx_auth_asym_id'      
7 3 'Structure model' '_struct_site.pdbx_auth_comp_id'      
8 3 'Structure model' '_struct_site.pdbx_auth_seq_id'       
# 
_pdbx_database_status.entry_id                        4QT6 
_pdbx_database_status.status_code                     REL 
_pdbx_database_status.deposit_site                    RCSB 
_pdbx_database_status.process_site                    RCSB 
_pdbx_database_status.recvd_initial_deposition_date   2014-07-07 
_pdbx_database_status.status_code_sf                  REL 
_pdbx_database_status.status_code_mr                  ? 
_pdbx_database_status.SG_entry                        Y 
_pdbx_database_status.status_code_cs                  ? 
_pdbx_database_status.methods_development_category    ? 
_pdbx_database_status.pdb_format_compatible           Y 
_pdbx_database_status.status_code_nmr_data            ? 
# 
loop_
_audit_author.name 
_audit_author.pdbx_ordinal 
'Dong, A.'                             1  
'Hu, J.'                               2  
'Guan, X.'                             3  
'Wernimont, A.'                        4  
'Li, Y.'                               5  
'Bountra, C.'                          6  
'Arrowsmith, C.H.'                     7  
'Edwards, A.M.'                        8  
'Tong, Y.'                             9  
'Structural Genomics Consortium (SGC)' 10 
# 
_citation.id                        primary 
_citation.title                     'Crystal structure of the SPRY domain of human HERC1' 
_citation.journal_abbrev            'To be Published' 
_citation.journal_volume            ? 
_citation.page_first                ? 
_citation.page_last                 ? 
_citation.year                      ? 
_citation.journal_id_ASTM           ? 
_citation.country                   ? 
_citation.journal_id_ISSN           ? 
_citation.journal_id_CSD            0353 
_citation.book_publisher            ? 
_citation.pdbx_database_id_PubMed   ? 
_citation.pdbx_database_id_DOI      ? 
# 
loop_
_citation_author.citation_id 
_citation_author.name 
_citation_author.ordinal 
_citation_author.identifier_ORCID 
primary 'Hu, J.'           1 ? 
primary 'Dong, A.'         2 ? 
primary 'Guan, X.'         3 ? 
primary 'Wernimont, A.'    4 ? 
primary 'Li, Y.'           5 ? 
primary 'Bountra, C.'      6 ? 
primary 'Arrowsmith, C.H.' 7 ? 
primary 'Edwards, A.M.'    8 ? 
primary 'Tong, Y.'         9 ? 
# 
loop_
_entity.id 
_entity.type 
_entity.src_method 
_entity.pdbx_description 
_entity.formula_weight 
_entity.pdbx_number_of_molecules 
_entity.pdbx_ec 
_entity.pdbx_mutation 
_entity.pdbx_fragment 
_entity.details 
1 polymer     man 'Probable E3 ubiquitin-protein ligase HERC1' 17992.352 1   ? ? 'SPRY domain (UNP residues 2035-2192)' ? 
2 non-polymer syn FORMAMIDE                                    45.041    7   ? ? ?                                      ? 
3 non-polymer syn 'UNKNOWN ATOM OR ION'                        ?         5   ? ? ?                                      ? 
4 water       nat water                                        18.015    157 ? ? ?                                      ? 
# 
_entity_name_com.entity_id   1 
_entity_name_com.name        'HECT domain and RCC1-like domain-containing protein 1, p532, p619' 
# 
_entity_poly.entity_id                      1 
_entity_poly.type                           'polypeptide(L)' 
_entity_poly.nstd_linkage                   no 
_entity_poly.nstd_monomer                   yes 
_entity_poly.pdbx_seq_one_letter_code       
;GFDPEKAQCCLVENGQILTHGSGGKGYGLASTGVTSGCYQWKFYIVKENRGNEGTCVGVSRWPVHDFNHRTTSD(MSE)W
LYRAYSGNLYHNGEQTLTLSSFTQGDFITCVLD(MSE)EARTISFGKNGEEPKLAFEDVDAAELYPCV(MSE)FYSSNPG
EKVKICD(MSE)Q(MSE)R
;
_entity_poly.pdbx_seq_one_letter_code_can   
;GFDPEKAQCCLVENGQILTHGSGGKGYGLASTGVTSGCYQWKFYIVKENRGNEGTCVGVSRWPVHDFNHRTTSDMWLYRA
YSGNLYHNGEQTLTLSSFTQGDFITCVLDMEARTISFGKNGEEPKLAFEDVDAAELYPCVMFYSSNPGEKVKICDMQMR
;
_entity_poly.pdbx_strand_id                 A 
_entity_poly.pdbx_target_identifier         ? 
# 
loop_
_pdbx_entity_nonpoly.entity_id 
_pdbx_entity_nonpoly.name 
_pdbx_entity_nonpoly.comp_id 
2 FORMAMIDE             ARF 
3 'UNKNOWN ATOM OR ION' UNX 
4 water                 HOH 
# 
loop_
_entity_poly_seq.entity_id 
_entity_poly_seq.num 
_entity_poly_seq.mon_id 
_entity_poly_seq.hetero 
1 1   GLY n 
1 2   PHE n 
1 3   ASP n 
1 4   PRO n 
1 5   GLU n 
1 6   LYS n 
1 7   ALA n 
1 8   GLN n 
1 9   CYS n 
1 10  CYS n 
1 11  LEU n 
1 12  VAL n 
1 13  GLU n 
1 14  ASN n 
1 15  GLY n 
1 16  GLN n 
1 17  ILE n 
1 18  LEU n 
1 19  THR n 
1 20  HIS n 
1 21  GLY n 
1 22  SER n 
1 23  GLY n 
1 24  GLY n 
1 25  LYS n 
1 26  GLY n 
1 27  TYR n 
1 28  GLY n 
1 29  LEU n 
1 30  ALA n 
1 31  SER n 
1 32  THR n 
1 33  GLY n 
1 34  VAL n 
1 35  THR n 
1 36  SER n 
1 37  GLY n 
1 38  CYS n 
1 39  TYR n 
1 40  GLN n 
1 41  TRP n 
1 42  LYS n 
1 43  PHE n 
1 44  TYR n 
1 45  ILE n 
1 46  VAL n 
1 47  LYS n 
1 48  GLU n 
1 49  ASN n 
1 50  ARG n 
1 51  GLY n 
1 52  ASN n 
1 53  GLU n 
1 54  GLY n 
1 55  THR n 
1 56  CYS n 
1 57  VAL n 
1 58  GLY n 
1 59  VAL n 
1 60  SER n 
1 61  ARG n 
1 62  TRP n 
1 63  PRO n 
1 64  VAL n 
1 65  HIS n 
1 66  ASP n 
1 67  PHE n 
1 68  ASN n 
1 69  HIS n 
1 70  ARG n 
1 71  THR n 
1 72  THR n 
1 73  SER n 
1 74  ASP n 
1 75  MSE n 
1 76  TRP n 
1 77  LEU n 
1 78  TYR n 
1 79  ARG n 
1 80  ALA n 
1 81  TYR n 
1 82  SER n 
1 83  GLY n 
1 84  ASN n 
1 85  LEU n 
1 86  TYR n 
1 87  HIS n 
1 88  ASN n 
1 89  GLY n 
1 90  GLU n 
1 91  GLN n 
1 92  THR n 
1 93  LEU n 
1 94  THR n 
1 95  LEU n 
1 96  SER n 
1 97  SER n 
1 98  PHE n 
1 99  THR n 
1 100 GLN n 
1 101 GLY n 
1 102 ASP n 
1 103 PHE n 
1 104 ILE n 
1 105 THR n 
1 106 CYS n 
1 107 VAL n 
1 108 LEU n 
1 109 ASP n 
1 110 MSE n 
1 111 GLU n 
1 112 ALA n 
1 113 ARG n 
1 114 THR n 
1 115 ILE n 
1 116 SER n 
1 117 PHE n 
1 118 GLY n 
1 119 LYS n 
1 120 ASN n 
1 121 GLY n 
1 122 GLU n 
1 123 GLU n 
1 124 PRO n 
1 125 LYS n 
1 126 LEU n 
1 127 ALA n 
1 128 PHE n 
1 129 GLU n 
1 130 ASP n 
1 131 VAL n 
1 132 ASP n 
1 133 ALA n 
1 134 ALA n 
1 135 GLU n 
1 136 LEU n 
1 137 TYR n 
1 138 PRO n 
1 139 CYS n 
1 140 VAL n 
1 141 MSE n 
1 142 PHE n 
1 143 TYR n 
1 144 SER n 
1 145 SER n 
1 146 ASN n 
1 147 PRO n 
1 148 GLY n 
1 149 GLU n 
1 150 LYS n 
1 151 VAL n 
1 152 LYS n 
1 153 ILE n 
1 154 CYS n 
1 155 ASP n 
1 156 MSE n 
1 157 GLN n 
1 158 MSE n 
1 159 ARG n 
# 
_entity_src_gen.entity_id                          1 
_entity_src_gen.pdbx_src_id                        1 
_entity_src_gen.pdbx_alt_source_flag               sample 
_entity_src_gen.pdbx_seq_type                      ? 
_entity_src_gen.pdbx_beg_seq_num                   ? 
_entity_src_gen.pdbx_end_seq_num                   ? 
_entity_src_gen.gene_src_common_name               human 
_entity_src_gen.gene_src_genus                     ? 
_entity_src_gen.pdbx_gene_src_gene                 HERC1 
_entity_src_gen.gene_src_species                   ? 
_entity_src_gen.gene_src_strain                    ? 
_entity_src_gen.gene_src_tissue                    ? 
_entity_src_gen.gene_src_tissue_fraction           ? 
_entity_src_gen.gene_src_details                   ? 
_entity_src_gen.pdbx_gene_src_fragment             ? 
_entity_src_gen.pdbx_gene_src_scientific_name      'Homo sapiens' 
_entity_src_gen.pdbx_gene_src_ncbi_taxonomy_id     9606 
_entity_src_gen.pdbx_gene_src_variant              ? 
_entity_src_gen.pdbx_gene_src_cell_line            ? 
_entity_src_gen.pdbx_gene_src_atcc                 ? 
_entity_src_gen.pdbx_gene_src_organ                ? 
_entity_src_gen.pdbx_gene_src_organelle            ? 
_entity_src_gen.pdbx_gene_src_cell                 ? 
_entity_src_gen.pdbx_gene_src_cellular_location    ? 
_entity_src_gen.host_org_common_name               ? 
_entity_src_gen.pdbx_host_org_scientific_name      'Escherichia coli BL21(DE3)' 
_entity_src_gen.pdbx_host_org_ncbi_taxonomy_id     469008 
_entity_src_gen.host_org_genus                     ? 
_entity_src_gen.pdbx_host_org_gene                 ? 
_entity_src_gen.pdbx_host_org_organ                ? 
_entity_src_gen.host_org_species                   ? 
_entity_src_gen.pdbx_host_org_tissue               ? 
_entity_src_gen.pdbx_host_org_tissue_fraction      ? 
_entity_src_gen.pdbx_host_org_strain               'BL21(DE3)-V2R' 
_entity_src_gen.pdbx_host_org_variant              ? 
_entity_src_gen.pdbx_host_org_cell_line            ? 
_entity_src_gen.pdbx_host_org_atcc                 ? 
_entity_src_gen.pdbx_host_org_culture_collection   ? 
_entity_src_gen.pdbx_host_org_cell                 ? 
_entity_src_gen.pdbx_host_org_organelle            ? 
_entity_src_gen.pdbx_host_org_cellular_location    ? 
_entity_src_gen.pdbx_host_org_vector_type          plasmid 
_entity_src_gen.pdbx_host_org_vector               ? 
_entity_src_gen.host_org_details                   ? 
_entity_src_gen.expression_system_id               ? 
_entity_src_gen.plasmid_name                       pET28-MHL 
_entity_src_gen.plasmid_details                    ? 
_entity_src_gen.pdbx_description                   ? 
# 
loop_
_chem_comp.id 
_chem_comp.type 
_chem_comp.mon_nstd_flag 
_chem_comp.name 
_chem_comp.pdbx_synonyms 
_chem_comp.formula 
_chem_comp.formula_weight 
ALA 'L-peptide linking'            y ALANINE               ? 'C3 H7 N O2'     89.093  
ARF 'L-peptide NH3 amino terminus' . FORMAMIDE             ? 'C H3 N O'       45.041  
ARG 'L-peptide linking'            y ARGININE              ? 'C6 H15 N4 O2 1' 175.209 
ASN 'L-peptide linking'            y ASPARAGINE            ? 'C4 H8 N2 O3'    132.118 
ASP 'L-peptide linking'            y 'ASPARTIC ACID'       ? 'C4 H7 N O4'     133.103 
CYS 'L-peptide linking'            y CYSTEINE              ? 'C3 H7 N O2 S'   121.158 
GLN 'L-peptide linking'            y GLUTAMINE             ? 'C5 H10 N2 O3'   146.144 
GLU 'L-peptide linking'            y 'GLUTAMIC ACID'       ? 'C5 H9 N O4'     147.129 
GLY 'peptide linking'              y GLYCINE               ? 'C2 H5 N O2'     75.067  
HIS 'L-peptide linking'            y HISTIDINE             ? 'C6 H10 N3 O2 1' 156.162 
HOH non-polymer                    . WATER                 ? 'H2 O'           18.015  
ILE 'L-peptide linking'            y ISOLEUCINE            ? 'C6 H13 N O2'    131.173 
LEU 'L-peptide linking'            y LEUCINE               ? 'C6 H13 N O2'    131.173 
LYS 'L-peptide linking'            y LYSINE                ? 'C6 H15 N2 O2 1' 147.195 
MSE 'L-peptide linking'            n SELENOMETHIONINE      ? 'C5 H11 N O2 Se' 196.106 
PHE 'L-peptide linking'            y PHENYLALANINE         ? 'C9 H11 N O2'    165.189 
PRO 'L-peptide linking'            y PROLINE               ? 'C5 H9 N O2'     115.130 
SER 'L-peptide linking'            y SERINE                ? 'C3 H7 N O3'     105.093 
THR 'L-peptide linking'            y THREONINE             ? 'C4 H9 N O3'     119.119 
TRP 'L-peptide linking'            y TRYPTOPHAN            ? 'C11 H12 N2 O2'  204.225 
TYR 'L-peptide linking'            y TYROSINE              ? 'C9 H11 N O3'    181.189 
UNX non-polymer                    . 'UNKNOWN ATOM OR ION' ? ?                ?       
VAL 'L-peptide linking'            y VALINE                ? 'C5 H11 N O2'    117.146 
# 
loop_
_pdbx_poly_seq_scheme.asym_id 
_pdbx_poly_seq_scheme.entity_id 
_pdbx_poly_seq_scheme.seq_id 
_pdbx_poly_seq_scheme.mon_id 
_pdbx_poly_seq_scheme.ndb_seq_num 
_pdbx_poly_seq_scheme.pdb_seq_num 
_pdbx_poly_seq_scheme.auth_seq_num 
_pdbx_poly_seq_scheme.pdb_mon_id 
_pdbx_poly_seq_scheme.auth_mon_id 
_pdbx_poly_seq_scheme.pdb_strand_id 
_pdbx_poly_seq_scheme.pdb_ins_code 
_pdbx_poly_seq_scheme.hetero 
A 1 1   GLY 1   2034 2034 GLY GLY A . n 
A 1 2   PHE 2   2035 2035 PHE PHE A . n 
A 1 3   ASP 3   2036 2036 ASP ASP A . n 
A 1 4   PRO 4   2037 2037 PRO PRO A . n 
A 1 5   GLU 5   2038 2038 GLU GLU A . n 
A 1 6   LYS 6   2039 2039 LYS LYS A . n 
A 1 7   ALA 7   2040 2040 ALA ALA A . n 
A 1 8   GLN 8   2041 2041 GLN GLN A . n 
A 1 9   CYS 9   2042 2042 CYS CYS A . n 
A 1 10  CYS 10  2043 2043 CYS CYS A . n 
A 1 11  LEU 11  2044 2044 LEU LEU A . n 
A 1 12  VAL 12  2045 2045 VAL VAL A . n 
A 1 13  GLU 13  2046 2046 GLU GLU A . n 
A 1 14  ASN 14  2047 2047 ASN ASN A . n 
A 1 15  GLY 15  2048 2048 GLY GLY A . n 
A 1 16  GLN 16  2049 2049 GLN GLN A . n 
A 1 17  ILE 17  2050 2050 ILE ILE A . n 
A 1 18  LEU 18  2051 2051 LEU LEU A . n 
A 1 19  THR 19  2052 2052 THR THR A . n 
A 1 20  HIS 20  2053 2053 HIS HIS A . n 
A 1 21  GLY 21  2054 2054 GLY GLY A . n 
A 1 22  SER 22  2055 2055 SER SER A . n 
A 1 23  GLY 23  2056 2056 GLY GLY A . n 
A 1 24  GLY 24  2057 2057 GLY GLY A . n 
A 1 25  LYS 25  2058 2058 LYS LYS A . n 
A 1 26  GLY 26  2059 2059 GLY GLY A . n 
A 1 27  TYR 27  2060 2060 TYR TYR A . n 
A 1 28  GLY 28  2061 2061 GLY GLY A . n 
A 1 29  LEU 29  2062 2062 LEU LEU A . n 
A 1 30  ALA 30  2063 2063 ALA ALA A . n 
A 1 31  SER 31  2064 2064 SER SER A . n 
A 1 32  THR 32  2065 2065 THR THR A . n 
A 1 33  GLY 33  2066 2066 GLY GLY A . n 
A 1 34  VAL 34  2067 2067 VAL VAL A . n 
A 1 35  THR 35  2068 2068 THR THR A . n 
A 1 36  SER 36  2069 2069 SER SER A . n 
A 1 37  GLY 37  2070 2070 GLY GLY A . n 
A 1 38  CYS 38  2071 2071 CYS CYS A . n 
A 1 39  TYR 39  2072 2072 TYR TYR A . n 
A 1 40  GLN 40  2073 2073 GLN GLN A . n 
A 1 41  TRP 41  2074 2074 TRP TRP A . n 
A 1 42  LYS 42  2075 2075 LYS LYS A . n 
A 1 43  PHE 43  2076 2076 PHE PHE A . n 
A 1 44  TYR 44  2077 2077 TYR TYR A . n 
A 1 45  ILE 45  2078 2078 ILE ILE A . n 
A 1 46  VAL 46  2079 2079 VAL VAL A . n 
A 1 47  LYS 47  2080 2080 LYS LYS A . n 
A 1 48  GLU 48  2081 2081 GLU GLU A . n 
A 1 49  ASN 49  2082 2082 ASN ASN A . n 
A 1 50  ARG 50  2083 2083 ARG ARG A . n 
A 1 51  GLY 51  2084 2084 GLY GLY A . n 
A 1 52  ASN 52  2085 2085 ASN ASN A . n 
A 1 53  GLU 53  2086 2086 GLU GLU A . n 
A 1 54  GLY 54  2087 2087 GLY GLY A . n 
A 1 55  THR 55  2088 2088 THR THR A . n 
A 1 56  CYS 56  2089 2089 CYS CYS A . n 
A 1 57  VAL 57  2090 2090 VAL VAL A . n 
A 1 58  GLY 58  2091 2091 GLY GLY A . n 
A 1 59  VAL 59  2092 2092 VAL VAL A . n 
A 1 60  SER 60  2093 2093 SER SER A . n 
A 1 61  ARG 61  2094 2094 ARG ARG A . n 
A 1 62  TRP 62  2095 2095 TRP TRP A . n 
A 1 63  PRO 63  2096 2096 PRO PRO A . n 
A 1 64  VAL 64  2097 2097 VAL VAL A . n 
A 1 65  HIS 65  2098 2098 HIS HIS A . n 
A 1 66  ASP 66  2099 2099 ASP ASP A . n 
A 1 67  PHE 67  2100 2100 PHE PHE A . n 
A 1 68  ASN 68  2101 2101 ASN ASN A . n 
A 1 69  HIS 69  2102 2102 HIS HIS A . n 
A 1 70  ARG 70  2103 2103 ARG ARG A . n 
A 1 71  THR 71  2104 2104 THR THR A . n 
A 1 72  THR 72  2105 2105 THR THR A . n 
A 1 73  SER 73  2106 2106 SER SER A . n 
A 1 74  ASP 74  2107 2107 ASP ASP A . n 
A 1 75  MSE 75  2108 2108 MSE MSE A . n 
A 1 76  TRP 76  2109 2109 TRP TRP A . n 
A 1 77  LEU 77  2110 2110 LEU LEU A . n 
A 1 78  TYR 78  2111 2111 TYR TYR A . n 
A 1 79  ARG 79  2112 2112 ARG ARG A . n 
A 1 80  ALA 80  2113 2113 ALA ALA A . n 
A 1 81  TYR 81  2114 2114 TYR TYR A . n 
A 1 82  SER 82  2115 2115 SER SER A . n 
A 1 83  GLY 83  2116 2116 GLY GLY A . n 
A 1 84  ASN 84  2117 2117 ASN ASN A . n 
A 1 85  LEU 85  2118 2118 LEU LEU A . n 
A 1 86  TYR 86  2119 2119 TYR TYR A . n 
A 1 87  HIS 87  2120 2120 HIS HIS A . n 
A 1 88  ASN 88  2121 2121 ASN ASN A . n 
A 1 89  GLY 89  2122 2122 GLY GLY A . n 
A 1 90  GLU 90  2123 2123 GLU GLU A . n 
A 1 91  GLN 91  2124 2124 GLN GLN A . n 
A 1 92  THR 92  2125 2125 THR THR A . n 
A 1 93  LEU 93  2126 2126 LEU LEU A . n 
A 1 94  THR 94  2127 2127 THR THR A . n 
A 1 95  LEU 95  2128 2128 LEU LEU A . n 
A 1 96  SER 96  2129 2129 SER SER A . n 
A 1 97  SER 97  2130 2130 SER SER A . n 
A 1 98  PHE 98  2131 2131 PHE PHE A . n 
A 1 99  THR 99  2132 2132 THR THR A . n 
A 1 100 GLN 100 2133 2133 GLN GLN A . n 
A 1 101 GLY 101 2134 2134 GLY GLY A . n 
A 1 102 ASP 102 2135 2135 ASP ASP A . n 
A 1 103 PHE 103 2136 2136 PHE PHE A . n 
A 1 104 ILE 104 2137 2137 ILE ILE A . n 
A 1 105 THR 105 2138 2138 THR THR A . n 
A 1 106 CYS 106 2139 2139 CYS CYS A . n 
A 1 107 VAL 107 2140 2140 VAL VAL A . n 
A 1 108 LEU 108 2141 2141 LEU LEU A . n 
A 1 109 ASP 109 2142 2142 ASP ASP A . n 
A 1 110 MSE 110 2143 2143 MSE MSE A . n 
A 1 111 GLU 111 2144 2144 GLU GLU A . n 
A 1 112 ALA 112 2145 2145 ALA ALA A . n 
A 1 113 ARG 113 2146 2146 ARG ARG A . n 
A 1 114 THR 114 2147 2147 THR THR A . n 
A 1 115 ILE 115 2148 2148 ILE ILE A . n 
A 1 116 SER 116 2149 2149 SER SER A . n 
A 1 117 PHE 117 2150 2150 PHE PHE A . n 
A 1 118 GLY 118 2151 2151 GLY GLY A . n 
A 1 119 LYS 119 2152 2152 LYS LYS A . n 
A 1 120 ASN 120 2153 2153 ASN ASN A . n 
A 1 121 GLY 121 2154 2154 GLY GLY A . n 
A 1 122 GLU 122 2155 2155 GLU GLU A . n 
A 1 123 GLU 123 2156 2156 GLU GLU A . n 
A 1 124 PRO 124 2157 2157 PRO PRO A . n 
A 1 125 LYS 125 2158 2158 LYS LYS A . n 
A 1 126 LEU 126 2159 2159 LEU LEU A . n 
A 1 127 ALA 127 2160 2160 ALA ALA A . n 
A 1 128 PHE 128 2161 2161 PHE PHE A . n 
A 1 129 GLU 129 2162 2162 GLU GLU A . n 
A 1 130 ASP 130 2163 2163 ASP ASP A . n 
A 1 131 VAL 131 2164 2164 VAL VAL A . n 
A 1 132 ASP 132 2165 2165 ASP ASP A . n 
A 1 133 ALA 133 2166 2166 ALA ALA A . n 
A 1 134 ALA 134 2167 2167 ALA ALA A . n 
A 1 135 GLU 135 2168 2168 GLU GLU A . n 
A 1 136 LEU 136 2169 2169 LEU LEU A . n 
A 1 137 TYR 137 2170 2170 TYR TYR A . n 
A 1 138 PRO 138 2171 2171 PRO PRO A . n 
A 1 139 CYS 139 2172 2172 CYS CYS A . n 
A 1 140 VAL 140 2173 2173 VAL VAL A . n 
A 1 141 MSE 141 2174 2174 MSE MSE A . n 
A 1 142 PHE 142 2175 2175 PHE PHE A . n 
A 1 143 TYR 143 2176 2176 TYR TYR A . n 
A 1 144 SER 144 2177 2177 SER SER A . n 
A 1 145 SER 145 2178 2178 SER SER A . n 
A 1 146 ASN 146 2179 2179 ASN ASN A . n 
A 1 147 PRO 147 2180 2180 PRO PRO A . n 
A 1 148 GLY 148 2181 2181 GLY GLY A . n 
A 1 149 GLU 149 2182 2182 GLU GLU A . n 
A 1 150 LYS 150 2183 2183 LYS LYS A . n 
A 1 151 VAL 151 2184 2184 VAL VAL A . n 
A 1 152 LYS 152 2185 2185 LYS LYS A . n 
A 1 153 ILE 153 2186 2186 ILE ILE A . n 
A 1 154 CYS 154 2187 2187 CYS CYS A . n 
A 1 155 ASP 155 2188 2188 ASP ASP A . n 
A 1 156 MSE 156 2189 2189 MSE MSE A . n 
A 1 157 GLN 157 2190 2190 GLN GLN A . n 
A 1 158 MSE 158 2191 2191 MSE MSE A . n 
A 1 159 ARG 159 2192 2192 ARG ARG A . n 
# 
loop_
_pdbx_nonpoly_scheme.asym_id 
_pdbx_nonpoly_scheme.entity_id 
_pdbx_nonpoly_scheme.mon_id 
_pdbx_nonpoly_scheme.ndb_seq_num 
_pdbx_nonpoly_scheme.pdb_seq_num 
_pdbx_nonpoly_scheme.auth_seq_num 
_pdbx_nonpoly_scheme.pdb_mon_id 
_pdbx_nonpoly_scheme.auth_mon_id 
_pdbx_nonpoly_scheme.pdb_strand_id 
_pdbx_nonpoly_scheme.pdb_ins_code 
B 2 ARF 1   2201 1    ARF ARF A . 
C 2 ARF 1   2202 2    ARF ARF A . 
D 2 ARF 1   2203 3    ARF ARF A . 
E 2 ARF 1   2204 4    ARF ARF A . 
F 2 ARF 1   2205 5    ARF ARF A . 
G 2 ARF 1   2206 6    ARF ARF A . 
H 2 ARF 1   2207 7    ARF ARF A . 
I 3 UNX 1   2208 1001 UNX UNX A . 
J 3 UNX 1   2209 1002 UNX UNX A . 
K 3 UNX 1   2210 1003 UNX UNX A . 
L 3 UNX 1   2211 1004 UNX UNX A . 
M 3 UNX 1   2212 1005 UNX UNX A . 
N 4 HOH 1   2301 1    HOH HOH A . 
N 4 HOH 2   2302 2    HOH HOH A . 
N 4 HOH 3   2303 3    HOH HOH A . 
N 4 HOH 4   2304 4    HOH HOH A . 
N 4 HOH 5   2305 5    HOH HOH A . 
N 4 HOH 6   2306 6    HOH HOH A . 
N 4 HOH 7   2307 7    HOH HOH A . 
N 4 HOH 8   2308 8    HOH HOH A . 
N 4 HOH 9   2309 9    HOH HOH A . 
N 4 HOH 10  2310 10   HOH HOH A . 
N 4 HOH 11  2311 11   HOH HOH A . 
N 4 HOH 12  2312 12   HOH HOH A . 
N 4 HOH 13  2313 13   HOH HOH A . 
N 4 HOH 14  2314 14   HOH HOH A . 
N 4 HOH 15  2315 15   HOH HOH A . 
N 4 HOH 16  2316 16   HOH HOH A . 
N 4 HOH 17  2317 17   HOH HOH A . 
N 4 HOH 18  2318 18   HOH HOH A . 
N 4 HOH 19  2319 19   HOH HOH A . 
N 4 HOH 20  2320 20   HOH HOH A . 
N 4 HOH 21  2321 21   HOH HOH A . 
N 4 HOH 22  2322 22   HOH HOH A . 
N 4 HOH 23  2323 23   HOH HOH A . 
N 4 HOH 24  2324 24   HOH HOH A . 
N 4 HOH 25  2325 25   HOH HOH A . 
N 4 HOH 26  2326 26   HOH HOH A . 
N 4 HOH 27  2327 27   HOH HOH A . 
N 4 HOH 28  2328 28   HOH HOH A . 
N 4 HOH 29  2329 29   HOH HOH A . 
N 4 HOH 30  2330 30   HOH HOH A . 
N 4 HOH 31  2331 31   HOH HOH A . 
N 4 HOH 32  2332 32   HOH HOH A . 
N 4 HOH 33  2333 33   HOH HOH A . 
N 4 HOH 34  2334 34   HOH HOH A . 
N 4 HOH 35  2335 35   HOH HOH A . 
N 4 HOH 36  2336 36   HOH HOH A . 
N 4 HOH 37  2337 37   HOH HOH A . 
N 4 HOH 38  2338 38   HOH HOH A . 
N 4 HOH 39  2339 39   HOH HOH A . 
N 4 HOH 40  2340 40   HOH HOH A . 
N 4 HOH 41  2341 41   HOH HOH A . 
N 4 HOH 42  2342 42   HOH HOH A . 
N 4 HOH 43  2343 43   HOH HOH A . 
N 4 HOH 44  2344 44   HOH HOH A . 
N 4 HOH 45  2345 45   HOH HOH A . 
N 4 HOH 46  2346 46   HOH HOH A . 
N 4 HOH 47  2347 47   HOH HOH A . 
N 4 HOH 48  2348 48   HOH HOH A . 
N 4 HOH 49  2349 49   HOH HOH A . 
N 4 HOH 50  2350 50   HOH HOH A . 
N 4 HOH 51  2351 51   HOH HOH A . 
N 4 HOH 52  2352 52   HOH HOH A . 
N 4 HOH 53  2353 53   HOH HOH A . 
N 4 HOH 54  2354 54   HOH HOH A . 
N 4 HOH 55  2355 55   HOH HOH A . 
N 4 HOH 56  2356 56   HOH HOH A . 
N 4 HOH 57  2357 57   HOH HOH A . 
N 4 HOH 58  2358 58   HOH HOH A . 
N 4 HOH 59  2359 59   HOH HOH A . 
N 4 HOH 60  2360 60   HOH HOH A . 
N 4 HOH 61  2361 61   HOH HOH A . 
N 4 HOH 62  2362 62   HOH HOH A . 
N 4 HOH 63  2363 63   HOH HOH A . 
N 4 HOH 64  2364 64   HOH HOH A . 
N 4 HOH 65  2365 65   HOH HOH A . 
N 4 HOH 66  2366 66   HOH HOH A . 
N 4 HOH 67  2367 67   HOH HOH A . 
N 4 HOH 68  2368 68   HOH HOH A . 
N 4 HOH 69  2369 69   HOH HOH A . 
N 4 HOH 70  2370 70   HOH HOH A . 
N 4 HOH 71  2371 71   HOH HOH A . 
N 4 HOH 72  2372 72   HOH HOH A . 
N 4 HOH 73  2373 73   HOH HOH A . 
N 4 HOH 74  2374 74   HOH HOH A . 
N 4 HOH 75  2375 75   HOH HOH A . 
N 4 HOH 76  2376 76   HOH HOH A . 
N 4 HOH 77  2377 77   HOH HOH A . 
N 4 HOH 78  2378 78   HOH HOH A . 
N 4 HOH 79  2379 79   HOH HOH A . 
N 4 HOH 80  2380 80   HOH HOH A . 
N 4 HOH 81  2381 81   HOH HOH A . 
N 4 HOH 82  2382 82   HOH HOH A . 
N 4 HOH 83  2383 83   HOH HOH A . 
N 4 HOH 84  2384 84   HOH HOH A . 
N 4 HOH 85  2385 85   HOH HOH A . 
N 4 HOH 86  2386 86   HOH HOH A . 
N 4 HOH 87  2387 87   HOH HOH A . 
N 4 HOH 88  2388 88   HOH HOH A . 
N 4 HOH 89  2389 89   HOH HOH A . 
N 4 HOH 90  2390 90   HOH HOH A . 
N 4 HOH 91  2391 91   HOH HOH A . 
N 4 HOH 92  2392 92   HOH HOH A . 
N 4 HOH 93  2393 93   HOH HOH A . 
N 4 HOH 94  2394 94   HOH HOH A . 
N 4 HOH 95  2395 95   HOH HOH A . 
N 4 HOH 96  2396 96   HOH HOH A . 
N 4 HOH 97  2397 97   HOH HOH A . 
N 4 HOH 98  2398 98   HOH HOH A . 
N 4 HOH 99  2399 99   HOH HOH A . 
N 4 HOH 100 2400 100  HOH HOH A . 
N 4 HOH 101 2401 101  HOH HOH A . 
N 4 HOH 102 2402 102  HOH HOH A . 
N 4 HOH 103 2403 103  HOH HOH A . 
N 4 HOH 104 2404 104  HOH HOH A . 
N 4 HOH 105 2405 105  HOH HOH A . 
N 4 HOH 106 2406 106  HOH HOH A . 
N 4 HOH 107 2407 107  HOH HOH A . 
N 4 HOH 108 2408 108  HOH HOH A . 
N 4 HOH 109 2409 109  HOH HOH A . 
N 4 HOH 110 2410 110  HOH HOH A . 
N 4 HOH 111 2411 111  HOH HOH A . 
N 4 HOH 112 2412 112  HOH HOH A . 
N 4 HOH 113 2413 113  HOH HOH A . 
N 4 HOH 114 2414 114  HOH HOH A . 
N 4 HOH 115 2415 115  HOH HOH A . 
N 4 HOH 116 2416 116  HOH HOH A . 
N 4 HOH 117 2417 117  HOH HOH A . 
N 4 HOH 118 2418 118  HOH HOH A . 
N 4 HOH 119 2419 119  HOH HOH A . 
N 4 HOH 120 2420 120  HOH HOH A . 
N 4 HOH 121 2421 121  HOH HOH A . 
N 4 HOH 122 2422 122  HOH HOH A . 
N 4 HOH 123 2423 123  HOH HOH A . 
N 4 HOH 124 2424 124  HOH HOH A . 
N 4 HOH 125 2425 125  HOH HOH A . 
N 4 HOH 126 2426 126  HOH HOH A . 
N 4 HOH 127 2427 127  HOH HOH A . 
N 4 HOH 128 2428 128  HOH HOH A . 
N 4 HOH 129 2429 129  HOH HOH A . 
N 4 HOH 130 2430 130  HOH HOH A . 
N 4 HOH 131 2431 131  HOH HOH A . 
N 4 HOH 132 2432 132  HOH HOH A . 
N 4 HOH 133 2433 133  HOH HOH A . 
N 4 HOH 134 2434 134  HOH HOH A . 
N 4 HOH 135 2435 135  HOH HOH A . 
N 4 HOH 136 2436 136  HOH HOH A . 
N 4 HOH 137 2437 137  HOH HOH A . 
N 4 HOH 138 2438 138  HOH HOH A . 
N 4 HOH 139 2439 139  HOH HOH A . 
N 4 HOH 140 2440 140  HOH HOH A . 
N 4 HOH 141 2441 141  HOH HOH A . 
N 4 HOH 142 2442 142  HOH HOH A . 
N 4 HOH 143 2443 143  HOH HOH A . 
N 4 HOH 144 2444 144  HOH HOH A . 
N 4 HOH 145 2445 145  HOH HOH A . 
N 4 HOH 146 2446 146  HOH HOH A . 
N 4 HOH 147 2447 147  HOH HOH A . 
N 4 HOH 148 2448 148  HOH HOH A . 
N 4 HOH 149 2449 149  HOH HOH A . 
N 4 HOH 150 2450 150  HOH HOH A . 
N 4 HOH 151 2451 151  HOH HOH A . 
N 4 HOH 152 2452 152  HOH HOH A . 
N 4 HOH 153 2453 153  HOH HOH A . 
N 4 HOH 154 2454 154  HOH HOH A . 
N 4 HOH 155 2455 155  HOH HOH A . 
N 4 HOH 156 2456 156  HOH HOH A . 
N 4 HOH 157 2457 157  HOH HOH A . 
# 
loop_
_pdbx_unobs_or_zero_occ_atoms.id 
_pdbx_unobs_or_zero_occ_atoms.PDB_model_num 
_pdbx_unobs_or_zero_occ_atoms.polymer_flag 
_pdbx_unobs_or_zero_occ_atoms.occupancy_flag 
_pdbx_unobs_or_zero_occ_atoms.auth_asym_id 
_pdbx_unobs_or_zero_occ_atoms.auth_comp_id 
_pdbx_unobs_or_zero_occ_atoms.auth_seq_id 
_pdbx_unobs_or_zero_occ_atoms.PDB_ins_code 
_pdbx_unobs_or_zero_occ_atoms.auth_atom_id 
_pdbx_unobs_or_zero_occ_atoms.label_alt_id 
_pdbx_unobs_or_zero_occ_atoms.label_asym_id 
_pdbx_unobs_or_zero_occ_atoms.label_comp_id 
_pdbx_unobs_or_zero_occ_atoms.label_seq_id 
_pdbx_unobs_or_zero_occ_atoms.label_atom_id 
1  1 Y 1 A ARG 2146 ? NE  ? A ARG 113 NE  
2  1 Y 1 A ARG 2146 ? CZ  ? A ARG 113 CZ  
3  1 Y 1 A ARG 2146 ? NH1 ? A ARG 113 NH1 
4  1 Y 1 A ARG 2146 ? NH2 ? A ARG 113 NH2 
5  1 Y 1 A GLU 2155 ? CG  ? A GLU 122 CG  
6  1 Y 1 A GLU 2155 ? CD  ? A GLU 122 CD  
7  1 Y 1 A GLU 2155 ? OE1 ? A GLU 122 OE1 
8  1 Y 1 A GLU 2155 ? OE2 ? A GLU 122 OE2 
9  1 Y 1 A LYS 2158 ? CE  ? A LYS 125 CE  
10 1 Y 1 A LYS 2158 ? NZ  ? A LYS 125 NZ  
# 
loop_
_software.pdbx_ordinal 
_software.name 
_software.version 
_software.date 
_software.type 
_software.contact_author 
_software.contact_author_email 
_software.classification 
_software.location 
_software.language 
_software.citation_id 
1  SCALEPACK   .        ?               program 'Zbyszek Otwinowski' hkl@hkl-xray.com         'data scaling'    
http://www.hkl-xray.com/                     ?          ? 
2  REFMAC      5.8.0073 ?               program 'Garib N. Murshudov' garib@ysbl.york.ac.uk    refinement        
http://www.ccp4.ac.uk/dist/html/refmac5.html Fortran_77 ? 
3  PDB_EXTRACT 3.14     'Dec. 10, 2013' package PDB                  deposit@deposit.rcsb.org 'data extraction' 
http://sw-tools.pdb.org/apps/PDB_EXTRACT/    C++        ? 
4  SBC-Collect .        ?               ?       ?                    ?                        'data collection' ? ?          ? 
5  HKL-3000    .        ?               ?       ?                    ?                        'data reduction'  ? ?          ? 
6  HKL-3000    .        ?               ?       ?                    ?                        'data scaling'    ? ?          ? 
7  SOLVE       '2 .13'  ?               ?       ?                    ?                        phasing           ? ?          ? 
8  RESOLVE     '2 .13'  ?               ?       ?                    ?                        phasing           ? ?          ? 
9  Coot        0.7.2    ?               ?       ?                    ?                        'model building'  ? ?          ? 
10 ARP/wARP    7.4.0    ?               ?       ?                    ?                        'model building'  ? ?          ? 
# 
_cell.length_a           99.730 
_cell.length_b           99.730 
_cell.length_c           99.730 
_cell.angle_alpha        90.000 
_cell.angle_beta         90.000 
_cell.angle_gamma        90.000 
_cell.entry_id           4QT6 
_cell.pdbx_unique_axis   ? 
_cell.Z_PDB              24 
_cell.length_a_esd       ? 
_cell.length_b_esd       ? 
_cell.length_c_esd       ? 
_cell.angle_alpha_esd    ? 
_cell.angle_beta_esd     ? 
_cell.angle_gamma_esd    ? 
# 
_symmetry.space_group_name_H-M             'I 2 3' 
_symmetry.entry_id                         4QT6 
_symmetry.Int_Tables_number                197 
_symmetry.pdbx_full_space_group_name_H-M   ? 
_symmetry.cell_setting                     ? 
_symmetry.space_group_name_Hall            ? 
# 
_exptl.crystals_number   1 
_exptl.entry_id          4QT6 
_exptl.method            'X-RAY DIFFRACTION' 
# 
_exptl_crystal.id                    1 
_exptl_crystal.density_Matthews      2.30 
_exptl_crystal.density_meas          ? 
_exptl_crystal.density_percent_sol   46.45 
_exptl_crystal.description           ? 
_exptl_crystal.F_000                 ? 
_exptl_crystal.preparation           ? 
# 
_exptl_crystal_grow.crystal_id      1 
_exptl_crystal_grow.method          'VAPOR DIFFUSION, SITTING DROP' 
_exptl_crystal_grow.pH              ? 
_exptl_crystal_grow.temp            293 
_exptl_crystal_grow.pdbx_details    
;0.5 uL protein (mixed 1:700 w/w chymotrypsin:protein before setup) + 0.5 uL well solution (16% w/v PEG 8000, 0.04 M potassium phosphate monobasic, 20% v/v glycerol) + 0.1 uL 40% formamide (4% final concentration), VAPOR DIFFUSION, SITTING DROP, temperature 293K
;
_exptl_crystal_grow.temp_details    ? 
_exptl_crystal_grow.pdbx_pH_range   ? 
# 
_diffrn.id                     1 
_diffrn.ambient_temp           100 
_diffrn.ambient_temp_details   ? 
_diffrn.crystal_id             1 
# 
_diffrn_detector.diffrn_id              1 
_diffrn_detector.detector               CCD 
_diffrn_detector.type                   'RIGAKU SATURN A200' 
_diffrn_detector.pdbx_collection_date   2014-06-26 
_diffrn_detector.details                'VeriMax HF' 
# 
_diffrn_radiation.diffrn_id                        1 
_diffrn_radiation.pdbx_diffrn_protocol             SAD 
_diffrn_radiation.monochromator                    ? 
_diffrn_radiation.wavelength_id                    1 
_diffrn_radiation.pdbx_monochromatic_or_laue_m_l   ? 
_diffrn_radiation.pdbx_scattering_type             x-ray 
# 
_diffrn_radiation_wavelength.id           1 
_diffrn_radiation_wavelength.wavelength   1.5406 
_diffrn_radiation_wavelength.wt           1.0 
# 
_diffrn_source.diffrn_id                   1 
_diffrn_source.source                      'ROTATING ANODE' 
_diffrn_source.type                        'RIGAKU FR-E SUPERBRIGHT' 
_diffrn_source.pdbx_wavelength_list        1.5406 
_diffrn_source.pdbx_wavelength             ? 
_diffrn_source.pdbx_synchrotron_site       ? 
_diffrn_source.pdbx_synchrotron_beamline   ? 
# 
_reflns.entry_id                     4QT6 
_reflns.d_resolution_high            1.640 
_reflns.d_resolution_low             50.0 
_reflns.number_obs                   20404 
_reflns.pdbx_Rmerge_I_obs            0.056 
_reflns.pdbx_netI_over_sigmaI        80.4 
_reflns.pdbx_chi_squared             1.080 
_reflns.pdbx_redundancy              27.8 
_reflns.percent_possible_obs         99.9 
_reflns.observed_criterion_sigma_F   ? 
_reflns.observed_criterion_sigma_I   ? 
_reflns.number_all                   ? 
_reflns.pdbx_Rsym_value              ? 
_reflns.B_iso_Wilson_estimate        19.9 
_reflns.R_free_details               ? 
_reflns.limit_h_max                  ? 
_reflns.limit_h_min                  ? 
_reflns.limit_k_max                  ? 
_reflns.limit_k_min                  ? 
_reflns.limit_l_max                  ? 
_reflns.limit_l_min                  ? 
_reflns.observed_criterion_F_max     ? 
_reflns.observed_criterion_F_min     ? 
_reflns.pdbx_scaling_rejects         ? 
_reflns.pdbx_ordinal                 1 
_reflns.pdbx_diffrn_id               1 
# 
loop_
_reflns_shell.d_res_high 
_reflns_shell.d_res_low 
_reflns_shell.number_measured_obs 
_reflns_shell.number_measured_all 
_reflns_shell.number_unique_obs 
_reflns_shell.Rmerge_I_obs 
_reflns_shell.meanI_over_sigI_obs 
_reflns_shell.pdbx_Rsym_value 
_reflns_shell.pdbx_chi_squared 
_reflns_shell.pdbx_redundancy 
_reflns_shell.percent_possible_obs 
_reflns_shell.number_unique_all 
_reflns_shell.percent_possible_all 
_reflns_shell.pdbx_ordinal 
_reflns_shell.pdbx_diffrn_id 
1.640 1.670  ? ? ? 0.864 ? ? 0.671 27.2 ? 1004 100.0 1  1 
1.670 1.700  ? ? ? 0.727 ? ? 0.693 27.1 ? 1020 100.0 2  1 
1.700 1.730  ? ? ? 0.616 ? ? 0.721 27.3 ? 1008 100.0 3  1 
1.730 1.770  ? ? ? 0.504 ? ? 0.735 27.4 ? 1009 100.0 4  1 
1.770 1.810  ? ? ? 0.413 ? ? 0.754 27.5 ? 996  100.0 5  1 
1.810 1.850  ? ? ? 0.349 ? ? 0.787 27.6 ? 1022 100.0 6  1 
1.850 1.890  ? ? ? 0.274 ? ? 0.843 27.7 ? 1004 100.0 7  1 
1.890 1.940  ? ? ? 0.212 ? ? 0.908 27.8 ? 1013 100.0 8  1 
1.940 2.000  ? ? ? 0.180 ? ? 0.952 27.9 ? 1000 100.0 9  1 
2.000 2.070  ? ? ? 0.151 ? ? 0.996 28.0 ? 1020 100.0 10 1 
2.070 2.140  ? ? ? 0.120 ? ? 1.053 28.0 ? 1024 100.0 11 1 
2.140 2.230  ? ? ? 0.108 ? ? 1.105 28.3 ? 1015 100.0 12 1 
2.230 2.330  ? ? ? 0.092 ? ? 1.165 28.3 ? 1024 100.0 13 1 
2.330 2.450  ? ? ? 0.081 ? ? 1.134 28.4 ? 1012 100.0 14 1 
2.450 2.600  ? ? ? 0.067 ? ? 1.209 28.5 ? 1014 100.0 15 1 
2.600 2.800  ? ? ? 0.057 ? ? 1.275 28.5 ? 1036 100.0 16 1 
2.800 3.090  ? ? ? 0.046 ? ? 1.479 28.5 ? 1020 100.0 17 1 
3.090 3.530  ? ? ? 0.038 ? ? 1.762 28.3 ? 1041 100.0 18 1 
3.530 4.450  ? ? ? 0.033 ? ? 1.758 28.2 ? 1048 100.0 19 1 
4.450 50.000 ? ? ? 0.029 ? ? 1.475 25.6 ? 1074 98.6  20 1 
# 
_refine.entry_id                                 4QT6 
_refine.ls_d_res_high                            1.640 
_refine.ls_d_res_low                             50.0 
_refine.pdbx_ls_sigma_F                          0.0 
_refine.pdbx_data_cutoff_high_absF               ? 
_refine.pdbx_data_cutoff_low_absF                ? 
_refine.ls_percent_reflns_obs                    99.06 
_refine.ls_number_reflns_obs                     20208 
_refine.ls_number_reflns_all                     ? 
_refine.pdbx_ls_cross_valid_method               THROUGHOUT 
_refine.pdbx_R_Free_selection_details            RANDOM 
_refine.details                                  'HYDROGENS HAVE BEEN ADDED IN THE RIDING POSITIONS' 
_refine.ls_R_factor_all                          ? 
_refine.ls_R_factor_obs                          0.1711 
_refine.ls_R_factor_R_work                       0.1698 
_refine.ls_wR_factor_R_work                      ? 
_refine.ls_R_factor_R_free                       0.2123 
_refine.ls_wR_factor_R_free                      ? 
_refine.ls_percent_reflns_R_free                 3.2 
_refine.ls_number_reflns_R_free                  637 
_refine.ls_R_factor_R_free_error                 ? 
_refine.B_iso_mean                               24.4670 
_refine.solvent_model_param_bsol                 ? 
_refine.solvent_model_param_ksol                 ? 
_refine.pdbx_isotropic_thermal_model             ? 
_refine.aniso_B[1][1]                            0.0000 
_refine.aniso_B[2][2]                            0.0000 
_refine.aniso_B[3][3]                            0.0000 
_refine.aniso_B[1][2]                            0.0000 
_refine.aniso_B[1][3]                            0.0000 
_refine.aniso_B[2][3]                            0.0000 
_refine.correlation_coeff_Fo_to_Fc               0.9710 
_refine.correlation_coeff_Fo_to_Fc_free          0.9480 
_refine.overall_SU_R_Cruickshank_DPI             ? 
_refine.overall_SU_R_free                        ? 
_refine.pdbx_overall_ESU_R                       0.0930 
_refine.pdbx_overall_ESU_R_Free                  0.0970 
_refine.overall_SU_ML                            0.0590 
_refine.overall_SU_B                             1.6930 
_refine.solvent_model_details                    MASK 
_refine.pdbx_solvent_vdw_probe_radii             1.2000 
_refine.pdbx_solvent_ion_probe_radii             0.8000 
_refine.pdbx_solvent_shrinkage_radii             0.8000 
_refine.ls_number_parameters                     ? 
_refine.ls_number_restraints                     ? 
_refine.pdbx_starting_model                      ? 
_refine.pdbx_method_to_determine_struct          SAD 
_refine.pdbx_stereochemistry_target_values       'MAXIMUM LIKELIHOOD' 
_refine.pdbx_stereochem_target_val_spec_case     ? 
_refine.overall_FOM_work_R_set                   ? 
_refine.B_iso_max                                59.930 
_refine.B_iso_min                                14.860 
_refine.pdbx_overall_phase_error                 ? 
_refine.occupancy_max                            ? 
_refine.occupancy_min                            ? 
_refine.pdbx_ls_sigma_I                          ? 
_refine.ls_redundancy_reflns_obs                 ? 
_refine.ls_R_factor_R_free_error_details         ? 
_refine.pdbx_data_cutoff_high_rms_absF           ? 
_refine.overall_FOM_free_R_set                   ? 
_refine.pdbx_diffrn_id                           1 
_refine.pdbx_refine_id                           'X-RAY DIFFRACTION' 
_refine.pdbx_TLS_residual_ADP_flag               ? 
_refine.pdbx_overall_SU_R_free_Cruickshank_DPI   ? 
_refine.pdbx_overall_SU_R_Blow_DPI               ? 
_refine.pdbx_overall_SU_R_free_Blow_DPI          ? 
# 
_refine_hist.pdbx_refine_id                   'X-RAY DIFFRACTION' 
_refine_hist.cycle_id                         LAST 
_refine_hist.pdbx_number_atoms_protein        1233 
_refine_hist.pdbx_number_atoms_nucleic_acid   0 
_refine_hist.pdbx_number_atoms_ligand         26 
_refine_hist.number_atoms_solvent             157 
_refine_hist.number_atoms_total               1416 
_refine_hist.d_res_high                       1.640 
_refine_hist.d_res_low                        50.0 
# 
loop_
_refine_ls_restr.type 
_refine_ls_restr.number 
_refine_ls_restr.dev_ideal 
_refine_ls_restr.dev_ideal_target 
_refine_ls_restr.weight 
_refine_ls_restr.pdbx_restraint_function 
_refine_ls_restr.pdbx_refine_id 
r_bond_refined_d       1360 0.009  0.019  ? ? 'X-RAY DIFFRACTION' 
r_bond_other_d         1222 0.001  0.020  ? ? 'X-RAY DIFFRACTION' 
r_angle_refined_deg    1843 1.433  1.959  ? ? 'X-RAY DIFFRACTION' 
r_angle_other_deg      2819 0.744  3.000  ? ? 'X-RAY DIFFRACTION' 
r_dihedral_angle_1_deg 179  6.794  5.000  ? ? 'X-RAY DIFFRACTION' 
r_dihedral_angle_2_deg 66   38.193 24.697 ? ? 'X-RAY DIFFRACTION' 
r_dihedral_angle_3_deg 202  10.580 15.000 ? ? 'X-RAY DIFFRACTION' 
r_dihedral_angle_4_deg 6    21.229 15.000 ? ? 'X-RAY DIFFRACTION' 
r_chiral_restr         190  0.088  0.200  ? ? 'X-RAY DIFFRACTION' 
r_gen_planes_refined   1636 0.006  0.020  ? ? 'X-RAY DIFFRACTION' 
r_gen_planes_other     374  0.001  0.020  ? ? 'X-RAY DIFFRACTION' 
r_mcbond_it            682  1.294  2.325  ? ? 'X-RAY DIFFRACTION' 
r_mcbond_other         682  1.294  2.325  ? ? 'X-RAY DIFFRACTION' 
r_mcangle_it           852  1.951  3.456  ? ? 'X-RAY DIFFRACTION' 
# 
_refine_ls_shell.d_res_high                       1.64 
_refine_ls_shell.d_res_low                        1.682 
_refine_ls_shell.pdbx_total_number_of_bins_used   20 
_refine_ls_shell.percent_reflns_obs               100.0 
_refine_ls_shell.number_reflns_R_work             1447 
_refine_ls_shell.R_factor_all                     ? 
_refine_ls_shell.R_factor_R_work                  0.2190 
_refine_ls_shell.R_factor_R_free                  0.2780 
_refine_ls_shell.percent_reflns_R_free            ? 
_refine_ls_shell.number_reflns_R_free             43 
_refine_ls_shell.R_factor_R_free_error            ? 
_refine_ls_shell.number_reflns_all                1490 
_refine_ls_shell.number_reflns_obs                ? 
_refine_ls_shell.redundancy_reflns_obs            ? 
_refine_ls_shell.pdbx_refine_id                   'X-RAY DIFFRACTION' 
# 
_struct.entry_id                  4QT6 
_struct.title                     'Crystal structure of the SPRY domain of human HERC1' 
_struct.pdbx_model_details        ? 
_struct.pdbx_CASP_flag            ? 
_struct.pdbx_model_type_details   ? 
# 
_struct_keywords.entry_id        4QT6 
_struct_keywords.text            
'SPRY, B30.2, HERC1, E3 ubiquitin ligase, structural genomics, Structural Genomics Consortium, SGC, TRANSPORT PROTEIN' 
_struct_keywords.pdbx_keywords   'TRANSPORT PROTEIN' 
# 
loop_
_struct_asym.id 
_struct_asym.pdbx_blank_PDB_chainid_flag 
_struct_asym.pdbx_modified 
_struct_asym.entity_id 
_struct_asym.details 
A N N 1 ? 
B N N 2 ? 
C N N 2 ? 
D N N 2 ? 
E N N 2 ? 
F N N 2 ? 
G N N 2 ? 
H N N 2 ? 
I N N 3 ? 
J N N 3 ? 
K N N 3 ? 
L N N 3 ? 
M N N 3 ? 
N N N 4 ? 
# 
_struct_ref.id                         1 
_struct_ref.db_name                    UNP 
_struct_ref.db_code                    HERC1_HUMAN 
_struct_ref.pdbx_db_accession          Q15751 
_struct_ref.entity_id                  1 
_struct_ref.pdbx_seq_one_letter_code   
;FDPEKAQCCLVENGQILTHGSGGKGYGLASTGVTSGCYQWKFYIVKENRGNEGTCVGVSRWPVHDFNHRTTSDMWLYRAY
SGNLYHNGEQTLTLSSFTQGDFITCVLDMEARTISFGKNGEEPKLAFEDVDAAELYPCVMFYSSNPGEKVKICDMQMR
;
_struct_ref.pdbx_align_begin           2035 
_struct_ref.pdbx_db_isoform            ? 
# 
_struct_ref_seq.align_id                      1 
_struct_ref_seq.ref_id                        1 
_struct_ref_seq.pdbx_PDB_id_code              4QT6 
_struct_ref_seq.pdbx_strand_id                A 
_struct_ref_seq.seq_align_beg                 2 
_struct_ref_seq.pdbx_seq_align_beg_ins_code   ? 
_struct_ref_seq.seq_align_end                 159 
_struct_ref_seq.pdbx_seq_align_end_ins_code   ? 
_struct_ref_seq.pdbx_db_accession             Q15751 
_struct_ref_seq.db_align_beg                  2035 
_struct_ref_seq.pdbx_db_align_beg_ins_code    ? 
_struct_ref_seq.db_align_end                  2192 
_struct_ref_seq.pdbx_db_align_end_ins_code    ? 
_struct_ref_seq.pdbx_auth_seq_align_beg       2035 
_struct_ref_seq.pdbx_auth_seq_align_end       2192 
# 
_struct_ref_seq_dif.align_id                     1 
_struct_ref_seq_dif.pdbx_pdb_id_code             4QT6 
_struct_ref_seq_dif.mon_id                       GLY 
_struct_ref_seq_dif.pdbx_pdb_strand_id           A 
_struct_ref_seq_dif.seq_num                      1 
_struct_ref_seq_dif.pdbx_pdb_ins_code            ? 
_struct_ref_seq_dif.pdbx_seq_db_name             UNP 
_struct_ref_seq_dif.pdbx_seq_db_accession_code   Q15751 
_struct_ref_seq_dif.db_mon_id                    ? 
_struct_ref_seq_dif.pdbx_seq_db_seq_num          ? 
_struct_ref_seq_dif.details                      'expression tag' 
_struct_ref_seq_dif.pdbx_auth_seq_num            2034 
_struct_ref_seq_dif.pdbx_ordinal                 1 
# 
_pdbx_struct_assembly.id                   1 
_pdbx_struct_assembly.details              software_defined_assembly 
_pdbx_struct_assembly.method_details       PISA 
_pdbx_struct_assembly.oligomeric_details   monomeric 
_pdbx_struct_assembly.oligomeric_count     1 
# 
_pdbx_struct_assembly_gen.assembly_id       1 
_pdbx_struct_assembly_gen.oper_expression   1 
_pdbx_struct_assembly_gen.asym_id_list      A,B,C,D,E,F,G,H,I,J,K,L,M,N 
# 
_pdbx_struct_oper_list.id                   1 
_pdbx_struct_oper_list.type                 'identity operation' 
_pdbx_struct_oper_list.name                 1_555 
_pdbx_struct_oper_list.symmetry_operation   x,y,z 
_pdbx_struct_oper_list.matrix[1][1]         1.0000000000 
_pdbx_struct_oper_list.matrix[1][2]         0.0000000000 
_pdbx_struct_oper_list.matrix[1][3]         0.0000000000 
_pdbx_struct_oper_list.vector[1]            0.0000000000 
_pdbx_struct_oper_list.matrix[2][1]         0.0000000000 
_pdbx_struct_oper_list.matrix[2][2]         1.0000000000 
_pdbx_struct_oper_list.matrix[2][3]         0.0000000000 
_pdbx_struct_oper_list.vector[2]            0.0000000000 
_pdbx_struct_oper_list.matrix[3][1]         0.0000000000 
_pdbx_struct_oper_list.matrix[3][2]         0.0000000000 
_pdbx_struct_oper_list.matrix[3][3]         1.0000000000 
_pdbx_struct_oper_list.vector[3]            0.0000000000 
# 
_struct_biol.id        1 
_struct_biol.details   ? 
# 
loop_
_struct_conn.id 
_struct_conn.conn_type_id 
_struct_conn.pdbx_leaving_atom_flag 
_struct_conn.pdbx_PDB_id 
_struct_conn.ptnr1_label_asym_id 
_struct_conn.ptnr1_label_comp_id 
_struct_conn.ptnr1_label_seq_id 
_struct_conn.ptnr1_label_atom_id 
_struct_conn.pdbx_ptnr1_label_alt_id 
_struct_conn.pdbx_ptnr1_PDB_ins_code 
_struct_conn.pdbx_ptnr1_standard_comp_id 
_struct_conn.ptnr1_symmetry 
_struct_conn.ptnr2_label_asym_id 
_struct_conn.ptnr2_label_comp_id 
_struct_conn.ptnr2_label_seq_id 
_struct_conn.ptnr2_label_atom_id 
_struct_conn.pdbx_ptnr2_label_alt_id 
_struct_conn.pdbx_ptnr2_PDB_ins_code 
_struct_conn.ptnr1_auth_asym_id 
_struct_conn.ptnr1_auth_comp_id 
_struct_conn.ptnr1_auth_seq_id 
_struct_conn.ptnr2_auth_asym_id 
_struct_conn.ptnr2_auth_comp_id 
_struct_conn.ptnr2_auth_seq_id 
_struct_conn.ptnr2_symmetry 
_struct_conn.pdbx_ptnr3_label_atom_id 
_struct_conn.pdbx_ptnr3_label_seq_id 
_struct_conn.pdbx_ptnr3_label_comp_id 
_struct_conn.pdbx_ptnr3_label_asym_id 
_struct_conn.pdbx_ptnr3_label_alt_id 
_struct_conn.pdbx_ptnr3_PDB_ins_code 
_struct_conn.details 
_struct_conn.pdbx_dist_value 
_struct_conn.pdbx_value_order 
_struct_conn.pdbx_role 
covale1  covale both ? A ASP 74  C ? ? ? 1_555 A MSE 75  N ? ? A ASP 2107 A MSE 2108 1_555 ? ? ? ? ? ? ? 1.325 ? ? 
covale2  covale both ? A MSE 75  C ? ? ? 1_555 A TRP 76  N ? ? A MSE 2108 A TRP 2109 1_555 ? ? ? ? ? ? ? 1.310 ? ? 
covale3  covale both ? A ASP 109 C ? ? ? 1_555 A MSE 110 N ? ? A ASP 2142 A MSE 2143 1_555 ? ? ? ? ? ? ? 1.326 ? ? 
covale4  covale both ? A MSE 110 C ? ? ? 1_555 A GLU 111 N ? ? A MSE 2143 A GLU 2144 1_555 ? ? ? ? ? ? ? 1.327 ? ? 
covale5  covale both ? A VAL 140 C ? ? ? 1_555 A MSE 141 N A ? A VAL 2173 A MSE 2174 1_555 ? ? ? ? ? ? ? 1.332 ? ? 
covale6  covale both ? A VAL 140 C ? ? ? 1_555 A MSE 141 N B ? A VAL 2173 A MSE 2174 1_555 ? ? ? ? ? ? ? 1.326 ? ? 
covale7  covale both ? A MSE 141 C ? ? ? 1_555 A PHE 142 N ? ? A MSE 2174 A PHE 2175 1_555 ? ? ? ? ? ? ? 1.331 ? ? 
covale8  covale both ? A ASP 155 C ? ? ? 1_555 A MSE 156 N A ? A ASP 2188 A MSE 2189 1_555 ? ? ? ? ? ? ? 1.326 ? ? 
covale9  covale both ? A ASP 155 C ? ? ? 1_555 A MSE 156 N B ? A ASP 2188 A MSE 2189 1_555 ? ? ? ? ? ? ? 1.332 ? ? 
covale10 covale both ? A MSE 156 C A ? ? 1_555 A GLN 157 N ? ? A MSE 2189 A GLN 2190 1_555 ? ? ? ? ? ? ? 1.332 ? ? 
covale11 covale both ? A MSE 156 C B ? ? 1_555 A GLN 157 N ? ? A MSE 2189 A GLN 2190 1_555 ? ? ? ? ? ? ? 1.318 ? ? 
covale12 covale both ? A GLN 157 C ? ? ? 1_555 A MSE 158 N A ? A GLN 2190 A MSE 2191 1_555 ? ? ? ? ? ? ? 1.327 ? ? 
covale13 covale both ? A GLN 157 C ? ? ? 1_555 A MSE 158 N B ? A GLN 2190 A MSE 2191 1_555 ? ? ? ? ? ? ? 1.324 ? ? 
covale14 covale both ? A MSE 158 C ? ? ? 1_555 A ARG 159 N ? ? A MSE 2191 A ARG 2192 1_555 ? ? ? ? ? ? ? 1.332 ? ? 
# 
_struct_conn_type.id          covale 
_struct_conn_type.criteria    ? 
_struct_conn_type.reference   ? 
# 
loop_
_pdbx_modification_feature.ordinal 
_pdbx_modification_feature.label_comp_id 
_pdbx_modification_feature.label_asym_id 
_pdbx_modification_feature.label_seq_id 
_pdbx_modification_feature.label_alt_id 
_pdbx_modification_feature.modified_residue_label_comp_id 
_pdbx_modification_feature.modified_residue_label_asym_id 
_pdbx_modification_feature.modified_residue_label_seq_id 
_pdbx_modification_feature.modified_residue_label_alt_id 
_pdbx_modification_feature.auth_comp_id 
_pdbx_modification_feature.auth_asym_id 
_pdbx_modification_feature.auth_seq_id 
_pdbx_modification_feature.PDB_ins_code 
_pdbx_modification_feature.symmetry 
_pdbx_modification_feature.modified_residue_auth_comp_id 
_pdbx_modification_feature.modified_residue_auth_asym_id 
_pdbx_modification_feature.modified_residue_auth_seq_id 
_pdbx_modification_feature.modified_residue_PDB_ins_code 
_pdbx_modification_feature.modified_residue_symmetry 
_pdbx_modification_feature.comp_id_linking_atom 
_pdbx_modification_feature.modified_residue_id_linking_atom 
_pdbx_modification_feature.modified_residue_id 
_pdbx_modification_feature.ref_pcm_id 
_pdbx_modification_feature.ref_comp_id 
_pdbx_modification_feature.type 
_pdbx_modification_feature.category 
1  MSE A 75  ? . . . . MSE A 2108 ? 1_555 . . . . . . . MET 1 MSE Selenomethionine 'Named protein modification' 
2  MSE A 110 ? . . . . MSE A 2143 ? 1_555 . . . . . . . MET 1 MSE Selenomethionine 'Named protein modification' 
3  MSE A 141 ? . . . . MSE A 2174 ? 1_555 . . . . . . . MET 1 MSE Selenomethionine 'Named protein modification' 
4  MSE A 141 A . . . . MSE A 2174 ? 1_555 . . . . . . . MET 1 MSE Selenomethionine 'Named protein modification' 
5  MSE A 141 B . . . . MSE A 2174 ? 1_555 . . . . . . . MET 1 MSE Selenomethionine 'Named protein modification' 
6  MSE A 156 A . . . . MSE A 2189 ? 1_555 . . . . . . . MET 1 MSE Selenomethionine 'Named protein modification' 
7  MSE A 156 B . . . . MSE A 2189 ? 1_555 . . . . . . . MET 1 MSE Selenomethionine 'Named protein modification' 
8  MSE A 158 ? . . . . MSE A 2191 ? 1_555 . . . . . . . MET 1 MSE Selenomethionine 'Named protein modification' 
9  MSE A 158 A . . . . MSE A 2191 ? 1_555 . . . . . . . MET 1 MSE Selenomethionine 'Named protein modification' 
10 MSE A 158 B . . . . MSE A 2191 ? 1_555 . . . . . . . MET 1 MSE Selenomethionine 'Named protein modification' 
# 
_struct_mon_prot_cis.pdbx_id                1 
_struct_mon_prot_cis.label_comp_id          TRP 
_struct_mon_prot_cis.label_seq_id           62 
_struct_mon_prot_cis.label_asym_id          A 
_struct_mon_prot_cis.label_alt_id           . 
_struct_mon_prot_cis.pdbx_PDB_ins_code      ? 
_struct_mon_prot_cis.auth_comp_id           TRP 
_struct_mon_prot_cis.auth_seq_id            2095 
_struct_mon_prot_cis.auth_asym_id           A 
_struct_mon_prot_cis.pdbx_label_comp_id_2   PRO 
_struct_mon_prot_cis.pdbx_label_seq_id_2    63 
_struct_mon_prot_cis.pdbx_label_asym_id_2   A 
_struct_mon_prot_cis.pdbx_PDB_ins_code_2    ? 
_struct_mon_prot_cis.pdbx_auth_comp_id_2    PRO 
_struct_mon_prot_cis.pdbx_auth_seq_id_2     2096 
_struct_mon_prot_cis.pdbx_auth_asym_id_2    A 
_struct_mon_prot_cis.pdbx_PDB_model_num     1 
_struct_mon_prot_cis.pdbx_omega_angle       1.92 
# 
loop_
_struct_sheet.id 
_struct_sheet.type 
_struct_sheet.number_strands 
_struct_sheet.details 
A ? 7 ? 
B ? 7 ? 
# 
loop_
_struct_sheet_order.sheet_id 
_struct_sheet_order.range_id_1 
_struct_sheet_order.range_id_2 
_struct_sheet_order.offset 
_struct_sheet_order.sense 
A 1 2 ? anti-parallel 
A 2 3 ? anti-parallel 
A 3 4 ? anti-parallel 
A 4 5 ? anti-parallel 
A 5 6 ? anti-parallel 
A 6 7 ? anti-parallel 
B 1 2 ? anti-parallel 
B 2 3 ? anti-parallel 
B 3 4 ? anti-parallel 
B 4 5 ? anti-parallel 
B 5 6 ? anti-parallel 
B 6 7 ? anti-parallel 
# 
loop_
_struct_sheet_range.sheet_id 
_struct_sheet_range.id 
_struct_sheet_range.beg_label_comp_id 
_struct_sheet_range.beg_label_asym_id 
_struct_sheet_range.beg_label_seq_id 
_struct_sheet_range.pdbx_beg_PDB_ins_code 
_struct_sheet_range.end_label_comp_id 
_struct_sheet_range.end_label_asym_id 
_struct_sheet_range.end_label_seq_id 
_struct_sheet_range.pdbx_end_PDB_ins_code 
_struct_sheet_range.beg_auth_comp_id 
_struct_sheet_range.beg_auth_asym_id 
_struct_sheet_range.beg_auth_seq_id 
_struct_sheet_range.end_auth_comp_id 
_struct_sheet_range.end_auth_asym_id 
_struct_sheet_range.end_auth_seq_id 
A 1 PHE A 2   ? GLN A 8   ? PHE A 2035 GLN A 2041 
A 2 GLY A 26  ? ALA A 30  ? GLY A 2059 ALA A 2063 
A 3 TYR A 137 ? PHE A 142 ? TYR A 2170 PHE A 2175 
A 4 THR A 55  ? SER A 60  ? THR A 2088 SER A 2093 
A 5 MSE A 75  ? ARG A 79  ? MSE A 2108 ARG A 2112 
A 6 ASN A 84  ? TYR A 86  ? ASN A 2117 TYR A 2119 
A 7 GLU A 90  ? THR A 94  ? GLU A 2123 THR A 2127 
B 1 CYS A 10  ? GLU A 13  ? CYS A 2043 GLU A 2046 
B 2 ILE A 17  ? HIS A 20  ? ILE A 2050 HIS A 2053 
B 3 LYS A 150 ? CYS A 154 ? LYS A 2183 CYS A 2187 
B 4 CYS A 38  ? LYS A 47  ? CYS A 2071 LYS A 2080 
B 5 PHE A 103 ? ASP A 109 ? PHE A 2136 ASP A 2142 
B 6 THR A 114 ? LYS A 119 ? THR A 2147 LYS A 2152 
B 7 LYS A 125 ? PHE A 128 ? LYS A 2158 PHE A 2161 
# 
loop_
_pdbx_struct_sheet_hbond.sheet_id 
_pdbx_struct_sheet_hbond.range_id_1 
_pdbx_struct_sheet_hbond.range_id_2 
_pdbx_struct_sheet_hbond.range_1_label_atom_id 
_pdbx_struct_sheet_hbond.range_1_label_comp_id 
_pdbx_struct_sheet_hbond.range_1_label_asym_id 
_pdbx_struct_sheet_hbond.range_1_label_seq_id 
_pdbx_struct_sheet_hbond.range_1_PDB_ins_code 
_pdbx_struct_sheet_hbond.range_1_auth_atom_id 
_pdbx_struct_sheet_hbond.range_1_auth_comp_id 
_pdbx_struct_sheet_hbond.range_1_auth_asym_id 
_pdbx_struct_sheet_hbond.range_1_auth_seq_id 
_pdbx_struct_sheet_hbond.range_2_label_atom_id 
_pdbx_struct_sheet_hbond.range_2_label_comp_id 
_pdbx_struct_sheet_hbond.range_2_label_asym_id 
_pdbx_struct_sheet_hbond.range_2_label_seq_id 
_pdbx_struct_sheet_hbond.range_2_PDB_ins_code 
_pdbx_struct_sheet_hbond.range_2_auth_atom_id 
_pdbx_struct_sheet_hbond.range_2_auth_comp_id 
_pdbx_struct_sheet_hbond.range_2_auth_asym_id 
_pdbx_struct_sheet_hbond.range_2_auth_seq_id 
A 1 2 N GLN A 8   ? N GLN A 2041 O TYR A 27  ? O TYR A 2060 
A 2 3 N GLY A 26  ? N GLY A 2059 O PHE A 142 ? O PHE A 2175 
A 3 4 O MSE A 141 ? O MSE A 2174 N CYS A 56  ? N CYS A 2089 
A 4 5 N VAL A 59  ? N VAL A 2092 O TRP A 76  ? O TRP A 2109 
A 5 6 N ARG A 79  ? N ARG A 2112 O ASN A 84  ? O ASN A 2117 
A 6 7 N LEU A 85  ? N LEU A 2118 O GLN A 91  ? O GLN A 2124 
B 1 2 N LEU A 11  ? N LEU A 2044 O THR A 19  ? O THR A 2052 
B 2 3 N LEU A 18  ? N LEU A 2051 O VAL A 151 ? O VAL A 2184 
B 3 4 O LYS A 152 ? O LYS A 2185 N TYR A 44  ? N TYR A 2077 
B 4 5 N TRP A 41  ? N TRP A 2074 O CYS A 106 ? O CYS A 2139 
B 5 6 N ASP A 109 ? N ASP A 2142 O THR A 114 ? O THR A 2147 
B 6 7 N ILE A 115 ? N ILE A 2148 O ALA A 127 ? O ALA A 2160 
# 
loop_
_struct_site.id 
_struct_site.pdbx_evidence_code 
_struct_site.pdbx_auth_asym_id 
_struct_site.pdbx_auth_comp_id 
_struct_site.pdbx_auth_seq_id 
_struct_site.pdbx_auth_ins_code 
_struct_site.pdbx_num_residues 
_struct_site.details 
AC1 Software A ARF 2201 ? 5 'BINDING SITE FOR RESIDUE ARF A 2201' 
AC2 Software A ARF 2202 ? 7 'BINDING SITE FOR RESIDUE ARF A 2202' 
AC3 Software A ARF 2203 ? 6 'BINDING SITE FOR RESIDUE ARF A 2203' 
AC4 Software A ARF 2204 ? 5 'BINDING SITE FOR RESIDUE ARF A 2204' 
AC5 Software A ARF 2205 ? 5 'BINDING SITE FOR RESIDUE ARF A 2205' 
AC6 Software A ARF 2206 ? 4 'BINDING SITE FOR RESIDUE ARF A 2206' 
AC7 Software A ARF 2207 ? 6 'BINDING SITE FOR RESIDUE ARF A 2207' 
# 
loop_
_struct_site_gen.id 
_struct_site_gen.site_id 
_struct_site_gen.pdbx_num_res 
_struct_site_gen.label_comp_id 
_struct_site_gen.label_asym_id 
_struct_site_gen.label_seq_id 
_struct_site_gen.pdbx_auth_ins_code 
_struct_site_gen.auth_comp_id 
_struct_site_gen.auth_asym_id 
_struct_site_gen.auth_seq_id 
_struct_site_gen.label_atom_id 
_struct_site_gen.label_alt_id 
_struct_site_gen.symmetry 
_struct_site_gen.details 
1  AC1 5 ASN A 52  ? ASN A 2085 . ? 1_555  ? 
2  AC1 5 GLU A 53  ? GLU A 2086 . ? 1_555  ? 
3  AC1 5 ARG A 79  ? ARG A 2112 . ? 1_555  ? 
4  AC1 5 TYR A 81  ? TYR A 2114 . ? 1_555  ? 
5  AC1 5 TYR A 143 ? TYR A 2176 . ? 1_555  ? 
6  AC2 7 TYR A 78  ? TYR A 2111 . ? 1_555  ? 
7  AC2 7 LEU A 95  ? LEU A 2128 . ? 1_555  ? 
8  AC2 7 SER A 96  ? SER A 2129 . ? 1_555  ? 
9  AC2 7 PHE A 117 ? PHE A 2150 . ? 1_555  ? 
10 AC2 7 LYS A 119 ? LYS A 2152 . ? 1_555  ? 
11 AC2 7 LYS A 125 ? LYS A 2158 . ? 1_555  ? 
12 AC2 7 HOH N .   ? HOH A 2443 . ? 1_555  ? 
13 AC3 6 THR A 32  ? THR A 2065 . ? 1_555  ? 
14 AC3 6 TYR A 39  ? TYR A 2072 . ? 1_555  ? 
15 AC3 6 ARF H .   ? ARF A 2207 . ? 24_554 ? 
16 AC3 6 HOH N .   ? HOH A 2385 . ? 1_555  ? 
17 AC3 6 HOH N .   ? HOH A 2389 . ? 1_555  ? 
18 AC3 6 HOH N .   ? HOH A 2438 . ? 1_555  ? 
19 AC4 5 PHE A 103 ? PHE A 2136 . ? 1_555  ? 
20 AC4 5 ALA A 133 ? ALA A 2166 . ? 19_554 ? 
21 AC4 5 ALA A 134 ? ALA A 2167 . ? 19_554 ? 
22 AC4 5 GLU A 135 ? GLU A 2168 . ? 19_554 ? 
23 AC4 5 ARG A 159 ? ARG A 2192 . ? 1_555  ? 
24 AC5 5 GLY A 1   ? GLY A 2034 . ? 1_555  ? 
25 AC5 5 TYR A 39  ? TYR A 2072 . ? 1_555  ? 
26 AC5 5 ILE A 153 ? ILE A 2186 . ? 1_555  ? 
27 AC5 5 HOH N .   ? HOH A 2334 . ? 1_555  ? 
28 AC5 5 HOH N .   ? HOH A 2385 . ? 1_555  ? 
29 AC6 4 ASN A 52  ? ASN A 2085 . ? 1_555  ? 
30 AC6 4 GLU A 53  ? GLU A 2086 . ? 1_555  ? 
31 AC6 4 SER A 144 ? SER A 2177 . ? 1_555  ? 
32 AC6 4 HOH N .   ? HOH A 2309 . ? 1_555  ? 
33 AC7 6 CYS A 9   ? CYS A 2042 . ? 1_555  ? 
34 AC7 6 LEU A 11  ? LEU A 2044 . ? 1_555  ? 
35 AC7 6 GLY A 21  ? GLY A 2054 . ? 1_555  ? 
36 AC7 6 SER A 22  ? SER A 2055 . ? 1_555  ? 
37 AC7 6 ARF D .   ? ARF A 2203 . ? 18_555 ? 
38 AC7 6 HOH N .   ? HOH A 2438 . ? 18_555 ? 
# 
_pdbx_entry_details.entry_id                   4QT6 
_pdbx_entry_details.compound_details           ? 
_pdbx_entry_details.source_details             ? 
_pdbx_entry_details.nonpolymer_details         ? 
_pdbx_entry_details.sequence_details           ? 
_pdbx_entry_details.has_ligand_of_interest     ? 
_pdbx_entry_details.has_protein_modification   Y 
# 
loop_
_pdbx_validate_torsion.id 
_pdbx_validate_torsion.PDB_model_num 
_pdbx_validate_torsion.auth_comp_id 
_pdbx_validate_torsion.auth_asym_id 
_pdbx_validate_torsion.auth_seq_id 
_pdbx_validate_torsion.PDB_ins_code 
_pdbx_validate_torsion.label_alt_id 
_pdbx_validate_torsion.phi 
_pdbx_validate_torsion.psi 
1 1 ASN A 2085 ? ? -152.21 52.75  
2 1 HIS A 2120 ? ? -161.28 118.44 
# 
_pdbx_SG_project.id                    1 
_pdbx_SG_project.project_name          ? 
_pdbx_SG_project.full_name_of_center   'Structural Genomics Consortium' 
_pdbx_SG_project.initial_of_center     SGC 
# 
loop_
_pdbx_struct_mod_residue.id 
_pdbx_struct_mod_residue.label_asym_id 
_pdbx_struct_mod_residue.label_comp_id 
_pdbx_struct_mod_residue.label_seq_id 
_pdbx_struct_mod_residue.auth_asym_id 
_pdbx_struct_mod_residue.auth_comp_id 
_pdbx_struct_mod_residue.auth_seq_id 
_pdbx_struct_mod_residue.PDB_ins_code 
_pdbx_struct_mod_residue.parent_comp_id 
_pdbx_struct_mod_residue.details 
1 A MSE 75  A MSE 2108 ? MET SELENOMETHIONINE 
2 A MSE 110 A MSE 2143 ? MET SELENOMETHIONINE 
3 A MSE 141 A MSE 2174 ? MET SELENOMETHIONINE 
4 A MSE 156 A MSE 2189 ? MET SELENOMETHIONINE 
5 A MSE 158 A MSE 2191 ? MET SELENOMETHIONINE 
# 
_pdbx_struct_special_symmetry.id              1 
_pdbx_struct_special_symmetry.PDB_model_num   1 
_pdbx_struct_special_symmetry.auth_asym_id    A 
_pdbx_struct_special_symmetry.auth_comp_id    HOH 
_pdbx_struct_special_symmetry.auth_seq_id     2359 
_pdbx_struct_special_symmetry.PDB_ins_code    ? 
_pdbx_struct_special_symmetry.label_asym_id   N 
_pdbx_struct_special_symmetry.label_comp_id   HOH 
_pdbx_struct_special_symmetry.label_seq_id    . 
# 
_diffrn_reflns.diffrn_id                   1 
_diffrn_reflns.pdbx_d_res_high             1.640 
_diffrn_reflns.pdbx_d_res_low              50.000 
_diffrn_reflns.pdbx_number_obs             20328 
_diffrn_reflns.pdbx_Rmerge_I_obs           0.047 
_diffrn_reflns.pdbx_Rsym_value             ? 
_diffrn_reflns.pdbx_chi_squared            1.05 
_diffrn_reflns.pdbx_redundancy             16.10 
_diffrn_reflns.pdbx_rejects                ? 
_diffrn_reflns.pdbx_percent_possible_obs   99.90 
_diffrn_reflns.pdbx_observed_criterion     ? 
_diffrn_reflns.number                      327384 
_diffrn_reflns.limit_h_max                 ? 
_diffrn_reflns.limit_h_min                 ? 
_diffrn_reflns.limit_k_max                 ? 
_diffrn_reflns.limit_k_min                 ? 
_diffrn_reflns.limit_l_max                 ? 
_diffrn_reflns.limit_l_min                 ? 
# 
loop_
_pdbx_diffrn_reflns_shell.diffrn_id 
_pdbx_diffrn_reflns_shell.d_res_high 
_pdbx_diffrn_reflns_shell.d_res_low 
_pdbx_diffrn_reflns_shell.number_obs 
_pdbx_diffrn_reflns_shell.rejects 
_pdbx_diffrn_reflns_shell.Rmerge_I_obs 
_pdbx_diffrn_reflns_shell.Rsym_value 
_pdbx_diffrn_reflns_shell.chi_squared 
_pdbx_diffrn_reflns_shell.redundancy 
_pdbx_diffrn_reflns_shell.percent_possible_obs 
1 4.45 50.00 ? ? 0.025 ? 1.155 14.80 ? 
1 3.53 4.45  ? ? 0.028 ? 1.476 16.30 ? 
1 3.09 3.53  ? ? 0.030 ? 1.509 16.40 ? 
1 2.80 3.09  ? ? 0.037 ? 1.335 16.50 ? 
1 2.60 2.80  ? ? 0.047 ? 1.197 16.50 ? 
1 2.45 2.60  ? ? 0.055 ? 1.120 16.50 ? 
1 2.33 2.45  ? ? 0.067 ? 1.077 16.40 ? 
1 2.23 2.33  ? ? 0.078 ? 1.152 16.40 ? 
1 2.14 2.23  ? ? 0.092 ? 1.076 16.40 ? 
1 2.07 2.14  ? ? 0.102 ? 1.067 16.30 ? 
1 2.00 2.07  ? ? 0.132 ? 1.044 16.20 ? 
1 1.94 2.00  ? ? 0.158 ? 1.011 16.10 ? 
1 1.89 1.94  ? ? 0.181 ? 0.970 16.10 ? 
1 1.85 1.89  ? ? 0.240 ? 0.912 16.10 ? 
1 1.81 1.85  ? ? 0.307 ? 0.849 16.00 ? 
1 1.77 1.81  ? ? 0.358 ? 0.808 16.00 ? 
1 1.73 1.77  ? ? 0.440 ? 0.819 15.90 ? 
1 1.70 1.73  ? ? 0.553 ? 0.812 15.80 ? 
1 1.67 1.70  ? ? 0.643 ? 0.786 15.70 ? 
1 1.64 1.67  ? ? 0.775 ? 0.774 15.80 ? 
# 
loop_
_chem_comp_atom.comp_id 
_chem_comp_atom.atom_id 
_chem_comp_atom.type_symbol 
_chem_comp_atom.pdbx_aromatic_flag 
_chem_comp_atom.pdbx_stereo_config 
_chem_comp_atom.pdbx_ordinal 
ALA N    N  N N 1   
ALA CA   C  N S 2   
ALA C    C  N N 3   
ALA O    O  N N 4   
ALA CB   C  N N 5   
ALA OXT  O  N N 6   
ALA H    H  N N 7   
ALA H2   H  N N 8   
ALA HA   H  N N 9   
ALA HB1  H  N N 10  
ALA HB2  H  N N 11  
ALA HB3  H  N N 12  
ALA HXT  H  N N 13  
ARF N    N  N N 14  
ARF C    C  N N 15  
ARF O    O  N N 16  
ARF HN1  H  N N 17  
ARF HN2  H  N N 18  
ARF H    H  N N 19  
ARG N    N  N N 20  
ARG CA   C  N S 21  
ARG C    C  N N 22  
ARG O    O  N N 23  
ARG CB   C  N N 24  
ARG CG   C  N N 25  
ARG CD   C  N N 26  
ARG NE   N  N N 27  
ARG CZ   C  N N 28  
ARG NH1  N  N N 29  
ARG NH2  N  N N 30  
ARG OXT  O  N N 31  
ARG H    H  N N 32  
ARG H2   H  N N 33  
ARG HA   H  N N 34  
ARG HB2  H  N N 35  
ARG HB3  H  N N 36  
ARG HG2  H  N N 37  
ARG HG3  H  N N 38  
ARG HD2  H  N N 39  
ARG HD3  H  N N 40  
ARG HE   H  N N 41  
ARG HH11 H  N N 42  
ARG HH12 H  N N 43  
ARG HH21 H  N N 44  
ARG HH22 H  N N 45  
ARG HXT  H  N N 46  
ASN N    N  N N 47  
ASN CA   C  N S 48  
ASN C    C  N N 49  
ASN O    O  N N 50  
ASN CB   C  N N 51  
ASN CG   C  N N 52  
ASN OD1  O  N N 53  
ASN ND2  N  N N 54  
ASN OXT  O  N N 55  
ASN H    H  N N 56  
ASN H2   H  N N 57  
ASN HA   H  N N 58  
ASN HB2  H  N N 59  
ASN HB3  H  N N 60  
ASN HD21 H  N N 61  
ASN HD22 H  N N 62  
ASN HXT  H  N N 63  
ASP N    N  N N 64  
ASP CA   C  N S 65  
ASP C    C  N N 66  
ASP O    O  N N 67  
ASP CB   C  N N 68  
ASP CG   C  N N 69  
ASP OD1  O  N N 70  
ASP OD2  O  N N 71  
ASP OXT  O  N N 72  
ASP H    H  N N 73  
ASP H2   H  N N 74  
ASP HA   H  N N 75  
ASP HB2  H  N N 76  
ASP HB3  H  N N 77  
ASP HD2  H  N N 78  
ASP HXT  H  N N 79  
CYS N    N  N N 80  
CYS CA   C  N R 81  
CYS C    C  N N 82  
CYS O    O  N N 83  
CYS CB   C  N N 84  
CYS SG   S  N N 85  
CYS OXT  O  N N 86  
CYS H    H  N N 87  
CYS H2   H  N N 88  
CYS HA   H  N N 89  
CYS HB2  H  N N 90  
CYS HB3  H  N N 91  
CYS HG   H  N N 92  
CYS HXT  H  N N 93  
GLN N    N  N N 94  
GLN CA   C  N S 95  
GLN C    C  N N 96  
GLN O    O  N N 97  
GLN CB   C  N N 98  
GLN CG   C  N N 99  
GLN CD   C  N N 100 
GLN OE1  O  N N 101 
GLN NE2  N  N N 102 
GLN OXT  O  N N 103 
GLN H    H  N N 104 
GLN H2   H  N N 105 
GLN HA   H  N N 106 
GLN HB2  H  N N 107 
GLN HB3  H  N N 108 
GLN HG2  H  N N 109 
GLN HG3  H  N N 110 
GLN HE21 H  N N 111 
GLN HE22 H  N N 112 
GLN HXT  H  N N 113 
GLU N    N  N N 114 
GLU CA   C  N S 115 
GLU C    C  N N 116 
GLU O    O  N N 117 
GLU CB   C  N N 118 
GLU CG   C  N N 119 
GLU CD   C  N N 120 
GLU OE1  O  N N 121 
GLU OE2  O  N N 122 
GLU OXT  O  N N 123 
GLU H    H  N N 124 
GLU H2   H  N N 125 
GLU HA   H  N N 126 
GLU HB2  H  N N 127 
GLU HB3  H  N N 128 
GLU HG2  H  N N 129 
GLU HG3  H  N N 130 
GLU HE2  H  N N 131 
GLU HXT  H  N N 132 
GLY N    N  N N 133 
GLY CA   C  N N 134 
GLY C    C  N N 135 
GLY O    O  N N 136 
GLY OXT  O  N N 137 
GLY H    H  N N 138 
GLY H2   H  N N 139 
GLY HA2  H  N N 140 
GLY HA3  H  N N 141 
GLY HXT  H  N N 142 
HIS N    N  N N 143 
HIS CA   C  N S 144 
HIS C    C  N N 145 
HIS O    O  N N 146 
HIS CB   C  N N 147 
HIS CG   C  Y N 148 
HIS ND1  N  Y N 149 
HIS CD2  C  Y N 150 
HIS CE1  C  Y N 151 
HIS NE2  N  Y N 152 
HIS OXT  O  N N 153 
HIS H    H  N N 154 
HIS H2   H  N N 155 
HIS HA   H  N N 156 
HIS HB2  H  N N 157 
HIS HB3  H  N N 158 
HIS HD1  H  N N 159 
HIS HD2  H  N N 160 
HIS HE1  H  N N 161 
HIS HE2  H  N N 162 
HIS HXT  H  N N 163 
HOH O    O  N N 164 
HOH H1   H  N N 165 
HOH H2   H  N N 166 
ILE N    N  N N 167 
ILE CA   C  N S 168 
ILE C    C  N N 169 
ILE O    O  N N 170 
ILE CB   C  N S 171 
ILE CG1  C  N N 172 
ILE CG2  C  N N 173 
ILE CD1  C  N N 174 
ILE OXT  O  N N 175 
ILE H    H  N N 176 
ILE H2   H  N N 177 
ILE HA   H  N N 178 
ILE HB   H  N N 179 
ILE HG12 H  N N 180 
ILE HG13 H  N N 181 
ILE HG21 H  N N 182 
ILE HG22 H  N N 183 
ILE HG23 H  N N 184 
ILE HD11 H  N N 185 
ILE HD12 H  N N 186 
ILE HD13 H  N N 187 
ILE HXT  H  N N 188 
LEU N    N  N N 189 
LEU CA   C  N S 190 
LEU C    C  N N 191 
LEU O    O  N N 192 
LEU CB   C  N N 193 
LEU CG   C  N N 194 
LEU CD1  C  N N 195 
LEU CD2  C  N N 196 
LEU OXT  O  N N 197 
LEU H    H  N N 198 
LEU H2   H  N N 199 
LEU HA   H  N N 200 
LEU HB2  H  N N 201 
LEU HB3  H  N N 202 
LEU HG   H  N N 203 
LEU HD11 H  N N 204 
LEU HD12 H  N N 205 
LEU HD13 H  N N 206 
LEU HD21 H  N N 207 
LEU HD22 H  N N 208 
LEU HD23 H  N N 209 
LEU HXT  H  N N 210 
LYS N    N  N N 211 
LYS CA   C  N S 212 
LYS C    C  N N 213 
LYS O    O  N N 214 
LYS CB   C  N N 215 
LYS CG   C  N N 216 
LYS CD   C  N N 217 
LYS CE   C  N N 218 
LYS NZ   N  N N 219 
LYS OXT  O  N N 220 
LYS H    H  N N 221 
LYS H2   H  N N 222 
LYS HA   H  N N 223 
LYS HB2  H  N N 224 
LYS HB3  H  N N 225 
LYS HG2  H  N N 226 
LYS HG3  H  N N 227 
LYS HD2  H  N N 228 
LYS HD3  H  N N 229 
LYS HE2  H  N N 230 
LYS HE3  H  N N 231 
LYS HZ1  H  N N 232 
LYS HZ2  H  N N 233 
LYS HZ3  H  N N 234 
LYS HXT  H  N N 235 
MSE N    N  N N 236 
MSE CA   C  N S 237 
MSE C    C  N N 238 
MSE O    O  N N 239 
MSE OXT  O  N N 240 
MSE CB   C  N N 241 
MSE CG   C  N N 242 
MSE SE   SE N N 243 
MSE CE   C  N N 244 
MSE H    H  N N 245 
MSE H2   H  N N 246 
MSE HA   H  N N 247 
MSE HXT  H  N N 248 
MSE HB2  H  N N 249 
MSE HB3  H  N N 250 
MSE HG2  H  N N 251 
MSE HG3  H  N N 252 
MSE HE1  H  N N 253 
MSE HE2  H  N N 254 
MSE HE3  H  N N 255 
PHE N    N  N N 256 
PHE CA   C  N S 257 
PHE C    C  N N 258 
PHE O    O  N N 259 
PHE CB   C  N N 260 
PHE CG   C  Y N 261 
PHE CD1  C  Y N 262 
PHE CD2  C  Y N 263 
PHE CE1  C  Y N 264 
PHE CE2  C  Y N 265 
PHE CZ   C  Y N 266 
PHE OXT  O  N N 267 
PHE H    H  N N 268 
PHE H2   H  N N 269 
PHE HA   H  N N 270 
PHE HB2  H  N N 271 
PHE HB3  H  N N 272 
PHE HD1  H  N N 273 
PHE HD2  H  N N 274 
PHE HE1  H  N N 275 
PHE HE2  H  N N 276 
PHE HZ   H  N N 277 
PHE HXT  H  N N 278 
PRO N    N  N N 279 
PRO CA   C  N S 280 
PRO C    C  N N 281 
PRO O    O  N N 282 
PRO CB   C  N N 283 
PRO CG   C  N N 284 
PRO CD   C  N N 285 
PRO OXT  O  N N 286 
PRO H    H  N N 287 
PRO HA   H  N N 288 
PRO HB2  H  N N 289 
PRO HB3  H  N N 290 
PRO HG2  H  N N 291 
PRO HG3  H  N N 292 
PRO HD2  H  N N 293 
PRO HD3  H  N N 294 
PRO HXT  H  N N 295 
SER N    N  N N 296 
SER CA   C  N S 297 
SER C    C  N N 298 
SER O    O  N N 299 
SER CB   C  N N 300 
SER OG   O  N N 301 
SER OXT  O  N N 302 
SER H    H  N N 303 
SER H2   H  N N 304 
SER HA   H  N N 305 
SER HB2  H  N N 306 
SER HB3  H  N N 307 
SER HG   H  N N 308 
SER HXT  H  N N 309 
THR N    N  N N 310 
THR CA   C  N S 311 
THR C    C  N N 312 
THR O    O  N N 313 
THR CB   C  N R 314 
THR OG1  O  N N 315 
THR CG2  C  N N 316 
THR OXT  O  N N 317 
THR H    H  N N 318 
THR H2   H  N N 319 
THR HA   H  N N 320 
THR HB   H  N N 321 
THR HG1  H  N N 322 
THR HG21 H  N N 323 
THR HG22 H  N N 324 
THR HG23 H  N N 325 
THR HXT  H  N N 326 
TRP N    N  N N 327 
TRP CA   C  N S 328 
TRP C    C  N N 329 
TRP O    O  N N 330 
TRP CB   C  N N 331 
TRP CG   C  Y N 332 
TRP CD1  C  Y N 333 
TRP CD2  C  Y N 334 
TRP NE1  N  Y N 335 
TRP CE2  C  Y N 336 
TRP CE3  C  Y N 337 
TRP CZ2  C  Y N 338 
TRP CZ3  C  Y N 339 
TRP CH2  C  Y N 340 
TRP OXT  O  N N 341 
TRP H    H  N N 342 
TRP H2   H  N N 343 
TRP HA   H  N N 344 
TRP HB2  H  N N 345 
TRP HB3  H  N N 346 
TRP HD1  H  N N 347 
TRP HE1  H  N N 348 
TRP HE3  H  N N 349 
TRP HZ2  H  N N 350 
TRP HZ3  H  N N 351 
TRP HH2  H  N N 352 
TRP HXT  H  N N 353 
TYR N    N  N N 354 
TYR CA   C  N S 355 
TYR C    C  N N 356 
TYR O    O  N N 357 
TYR CB   C  N N 358 
TYR CG   C  Y N 359 
TYR CD1  C  Y N 360 
TYR CD2  C  Y N 361 
TYR CE1  C  Y N 362 
TYR CE2  C  Y N 363 
TYR CZ   C  Y N 364 
TYR OH   O  N N 365 
TYR OXT  O  N N 366 
TYR H    H  N N 367 
TYR H2   H  N N 368 
TYR HA   H  N N 369 
TYR HB2  H  N N 370 
TYR HB3  H  N N 371 
TYR HD1  H  N N 372 
TYR HD2  H  N N 373 
TYR HE1  H  N N 374 
TYR HE2  H  N N 375 
TYR HH   H  N N 376 
TYR HXT  H  N N 377 
VAL N    N  N N 378 
VAL CA   C  N S 379 
VAL C    C  N N 380 
VAL O    O  N N 381 
VAL CB   C  N N 382 
VAL CG1  C  N N 383 
VAL CG2  C  N N 384 
VAL OXT  O  N N 385 
VAL H    H  N N 386 
VAL H2   H  N N 387 
VAL HA   H  N N 388 
VAL HB   H  N N 389 
VAL HG11 H  N N 390 
VAL HG12 H  N N 391 
VAL HG13 H  N N 392 
VAL HG21 H  N N 393 
VAL HG22 H  N N 394 
VAL HG23 H  N N 395 
VAL HXT  H  N N 396 
# 
loop_
_chem_comp_bond.comp_id 
_chem_comp_bond.atom_id_1 
_chem_comp_bond.atom_id_2 
_chem_comp_bond.value_order 
_chem_comp_bond.pdbx_aromatic_flag 
_chem_comp_bond.pdbx_stereo_config 
_chem_comp_bond.pdbx_ordinal 
ALA N   CA   sing N N 1   
ALA N   H    sing N N 2   
ALA N   H2   sing N N 3   
ALA CA  C    sing N N 4   
ALA CA  CB   sing N N 5   
ALA CA  HA   sing N N 6   
ALA C   O    doub N N 7   
ALA C   OXT  sing N N 8   
ALA CB  HB1  sing N N 9   
ALA CB  HB2  sing N N 10  
ALA CB  HB3  sing N N 11  
ALA OXT HXT  sing N N 12  
ARF N   C    sing N N 13  
ARF N   HN1  sing N N 14  
ARF N   HN2  sing N N 15  
ARF C   O    doub N N 16  
ARF C   H    sing N N 17  
ARG N   CA   sing N N 18  
ARG N   H    sing N N 19  
ARG N   H2   sing N N 20  
ARG CA  C    sing N N 21  
ARG CA  CB   sing N N 22  
ARG CA  HA   sing N N 23  
ARG C   O    doub N N 24  
ARG C   OXT  sing N N 25  
ARG CB  CG   sing N N 26  
ARG CB  HB2  sing N N 27  
ARG CB  HB3  sing N N 28  
ARG CG  CD   sing N N 29  
ARG CG  HG2  sing N N 30  
ARG CG  HG3  sing N N 31  
ARG CD  NE   sing N N 32  
ARG CD  HD2  sing N N 33  
ARG CD  HD3  sing N N 34  
ARG NE  CZ   sing N N 35  
ARG NE  HE   sing N N 36  
ARG CZ  NH1  sing N N 37  
ARG CZ  NH2  doub N N 38  
ARG NH1 HH11 sing N N 39  
ARG NH1 HH12 sing N N 40  
ARG NH2 HH21 sing N N 41  
ARG NH2 HH22 sing N N 42  
ARG OXT HXT  sing N N 43  
ASN N   CA   sing N N 44  
ASN N   H    sing N N 45  
ASN N   H2   sing N N 46  
ASN CA  C    sing N N 47  
ASN CA  CB   sing N N 48  
ASN CA  HA   sing N N 49  
ASN C   O    doub N N 50  
ASN C   OXT  sing N N 51  
ASN CB  CG   sing N N 52  
ASN CB  HB2  sing N N 53  
ASN CB  HB3  sing N N 54  
ASN CG  OD1  doub N N 55  
ASN CG  ND2  sing N N 56  
ASN ND2 HD21 sing N N 57  
ASN ND2 HD22 sing N N 58  
ASN OXT HXT  sing N N 59  
ASP N   CA   sing N N 60  
ASP N   H    sing N N 61  
ASP N   H2   sing N N 62  
ASP CA  C    sing N N 63  
ASP CA  CB   sing N N 64  
ASP CA  HA   sing N N 65  
ASP C   O    doub N N 66  
ASP C   OXT  sing N N 67  
ASP CB  CG   sing N N 68  
ASP CB  HB2  sing N N 69  
ASP CB  HB3  sing N N 70  
ASP CG  OD1  doub N N 71  
ASP CG  OD2  sing N N 72  
ASP OD2 HD2  sing N N 73  
ASP OXT HXT  sing N N 74  
CYS N   CA   sing N N 75  
CYS N   H    sing N N 76  
CYS N   H2   sing N N 77  
CYS CA  C    sing N N 78  
CYS CA  CB   sing N N 79  
CYS CA  HA   sing N N 80  
CYS C   O    doub N N 81  
CYS C   OXT  sing N N 82  
CYS CB  SG   sing N N 83  
CYS CB  HB2  sing N N 84  
CYS CB  HB3  sing N N 85  
CYS SG  HG   sing N N 86  
CYS OXT HXT  sing N N 87  
GLN N   CA   sing N N 88  
GLN N   H    sing N N 89  
GLN N   H2   sing N N 90  
GLN CA  C    sing N N 91  
GLN CA  CB   sing N N 92  
GLN CA  HA   sing N N 93  
GLN C   O    doub N N 94  
GLN C   OXT  sing N N 95  
GLN CB  CG   sing N N 96  
GLN CB  HB2  sing N N 97  
GLN CB  HB3  sing N N 98  
GLN CG  CD   sing N N 99  
GLN CG  HG2  sing N N 100 
GLN CG  HG3  sing N N 101 
GLN CD  OE1  doub N N 102 
GLN CD  NE2  sing N N 103 
GLN NE2 HE21 sing N N 104 
GLN NE2 HE22 sing N N 105 
GLN OXT HXT  sing N N 106 
GLU N   CA   sing N N 107 
GLU N   H    sing N N 108 
GLU N   H2   sing N N 109 
GLU CA  C    sing N N 110 
GLU CA  CB   sing N N 111 
GLU CA  HA   sing N N 112 
GLU C   O    doub N N 113 
GLU C   OXT  sing N N 114 
GLU CB  CG   sing N N 115 
GLU CB  HB2  sing N N 116 
GLU CB  HB3  sing N N 117 
GLU CG  CD   sing N N 118 
GLU CG  HG2  sing N N 119 
GLU CG  HG3  sing N N 120 
GLU CD  OE1  doub N N 121 
GLU CD  OE2  sing N N 122 
GLU OE2 HE2  sing N N 123 
GLU OXT HXT  sing N N 124 
GLY N   CA   sing N N 125 
GLY N   H    sing N N 126 
GLY N   H2   sing N N 127 
GLY CA  C    sing N N 128 
GLY CA  HA2  sing N N 129 
GLY CA  HA3  sing N N 130 
GLY C   O    doub N N 131 
GLY C   OXT  sing N N 132 
GLY OXT HXT  sing N N 133 
HIS N   CA   sing N N 134 
HIS N   H    sing N N 135 
HIS N   H2   sing N N 136 
HIS CA  C    sing N N 137 
HIS CA  CB   sing N N 138 
HIS CA  HA   sing N N 139 
HIS C   O    doub N N 140 
HIS C   OXT  sing N N 141 
HIS CB  CG   sing N N 142 
HIS CB  HB2  sing N N 143 
HIS CB  HB3  sing N N 144 
HIS CG  ND1  sing Y N 145 
HIS CG  CD2  doub Y N 146 
HIS ND1 CE1  doub Y N 147 
HIS ND1 HD1  sing N N 148 
HIS CD2 NE2  sing Y N 149 
HIS CD2 HD2  sing N N 150 
HIS CE1 NE2  sing Y N 151 
HIS CE1 HE1  sing N N 152 
HIS NE2 HE2  sing N N 153 
HIS OXT HXT  sing N N 154 
HOH O   H1   sing N N 155 
HOH O   H2   sing N N 156 
ILE N   CA   sing N N 157 
ILE N   H    sing N N 158 
ILE N   H2   sing N N 159 
ILE CA  C    sing N N 160 
ILE CA  CB   sing N N 161 
ILE CA  HA   sing N N 162 
ILE C   O    doub N N 163 
ILE C   OXT  sing N N 164 
ILE CB  CG1  sing N N 165 
ILE CB  CG2  sing N N 166 
ILE CB  HB   sing N N 167 
ILE CG1 CD1  sing N N 168 
ILE CG1 HG12 sing N N 169 
ILE CG1 HG13 sing N N 170 
ILE CG2 HG21 sing N N 171 
ILE CG2 HG22 sing N N 172 
ILE CG2 HG23 sing N N 173 
ILE CD1 HD11 sing N N 174 
ILE CD1 HD12 sing N N 175 
ILE CD1 HD13 sing N N 176 
ILE OXT HXT  sing N N 177 
LEU N   CA   sing N N 178 
LEU N   H    sing N N 179 
LEU N   H2   sing N N 180 
LEU CA  C    sing N N 181 
LEU CA  CB   sing N N 182 
LEU CA  HA   sing N N 183 
LEU C   O    doub N N 184 
LEU C   OXT  sing N N 185 
LEU CB  CG   sing N N 186 
LEU CB  HB2  sing N N 187 
LEU CB  HB3  sing N N 188 
LEU CG  CD1  sing N N 189 
LEU CG  CD2  sing N N 190 
LEU CG  HG   sing N N 191 
LEU CD1 HD11 sing N N 192 
LEU CD1 HD12 sing N N 193 
LEU CD1 HD13 sing N N 194 
LEU CD2 HD21 sing N N 195 
LEU CD2 HD22 sing N N 196 
LEU CD2 HD23 sing N N 197 
LEU OXT HXT  sing N N 198 
LYS N   CA   sing N N 199 
LYS N   H    sing N N 200 
LYS N   H2   sing N N 201 
LYS CA  C    sing N N 202 
LYS CA  CB   sing N N 203 
LYS CA  HA   sing N N 204 
LYS C   O    doub N N 205 
LYS C   OXT  sing N N 206 
LYS CB  CG   sing N N 207 
LYS CB  HB2  sing N N 208 
LYS CB  HB3  sing N N 209 
LYS CG  CD   sing N N 210 
LYS CG  HG2  sing N N 211 
LYS CG  HG3  sing N N 212 
LYS CD  CE   sing N N 213 
LYS CD  HD2  sing N N 214 
LYS CD  HD3  sing N N 215 
LYS CE  NZ   sing N N 216 
LYS CE  HE2  sing N N 217 
LYS CE  HE3  sing N N 218 
LYS NZ  HZ1  sing N N 219 
LYS NZ  HZ2  sing N N 220 
LYS NZ  HZ3  sing N N 221 
LYS OXT HXT  sing N N 222 
MSE N   CA   sing N N 223 
MSE N   H    sing N N 224 
MSE N   H2   sing N N 225 
MSE CA  C    sing N N 226 
MSE CA  CB   sing N N 227 
MSE CA  HA   sing N N 228 
MSE C   O    doub N N 229 
MSE C   OXT  sing N N 230 
MSE OXT HXT  sing N N 231 
MSE CB  CG   sing N N 232 
MSE CB  HB2  sing N N 233 
MSE CB  HB3  sing N N 234 
MSE CG  SE   sing N N 235 
MSE CG  HG2  sing N N 236 
MSE CG  HG3  sing N N 237 
MSE SE  CE   sing N N 238 
MSE CE  HE1  sing N N 239 
MSE CE  HE2  sing N N 240 
MSE CE  HE3  sing N N 241 
PHE N   CA   sing N N 242 
PHE N   H    sing N N 243 
PHE N   H2   sing N N 244 
PHE CA  C    sing N N 245 
PHE CA  CB   sing N N 246 
PHE CA  HA   sing N N 247 
PHE C   O    doub N N 248 
PHE C   OXT  sing N N 249 
PHE CB  CG   sing N N 250 
PHE CB  HB2  sing N N 251 
PHE CB  HB3  sing N N 252 
PHE CG  CD1  doub Y N 253 
PHE CG  CD2  sing Y N 254 
PHE CD1 CE1  sing Y N 255 
PHE CD1 HD1  sing N N 256 
PHE CD2 CE2  doub Y N 257 
PHE CD2 HD2  sing N N 258 
PHE CE1 CZ   doub Y N 259 
PHE CE1 HE1  sing N N 260 
PHE CE2 CZ   sing Y N 261 
PHE CE2 HE2  sing N N 262 
PHE CZ  HZ   sing N N 263 
PHE OXT HXT  sing N N 264 
PRO N   CA   sing N N 265 
PRO N   CD   sing N N 266 
PRO N   H    sing N N 267 
PRO CA  C    sing N N 268 
PRO CA  CB   sing N N 269 
PRO CA  HA   sing N N 270 
PRO C   O    doub N N 271 
PRO C   OXT  sing N N 272 
PRO CB  CG   sing N N 273 
PRO CB  HB2  sing N N 274 
PRO CB  HB3  sing N N 275 
PRO CG  CD   sing N N 276 
PRO CG  HG2  sing N N 277 
PRO CG  HG3  sing N N 278 
PRO CD  HD2  sing N N 279 
PRO CD  HD3  sing N N 280 
PRO OXT HXT  sing N N 281 
SER N   CA   sing N N 282 
SER N   H    sing N N 283 
SER N   H2   sing N N 284 
SER CA  C    sing N N 285 
SER CA  CB   sing N N 286 
SER CA  HA   sing N N 287 
SER C   O    doub N N 288 
SER C   OXT  sing N N 289 
SER CB  OG   sing N N 290 
SER CB  HB2  sing N N 291 
SER CB  HB3  sing N N 292 
SER OG  HG   sing N N 293 
SER OXT HXT  sing N N 294 
THR N   CA   sing N N 295 
THR N   H    sing N N 296 
THR N   H2   sing N N 297 
THR CA  C    sing N N 298 
THR CA  CB   sing N N 299 
THR CA  HA   sing N N 300 
THR C   O    doub N N 301 
THR C   OXT  sing N N 302 
THR CB  OG1  sing N N 303 
THR CB  CG2  sing N N 304 
THR CB  HB   sing N N 305 
THR OG1 HG1  sing N N 306 
THR CG2 HG21 sing N N 307 
THR CG2 HG22 sing N N 308 
THR CG2 HG23 sing N N 309 
THR OXT HXT  sing N N 310 
TRP N   CA   sing N N 311 
TRP N   H    sing N N 312 
TRP N   H2   sing N N 313 
TRP CA  C    sing N N 314 
TRP CA  CB   sing N N 315 
TRP CA  HA   sing N N 316 
TRP C   O    doub N N 317 
TRP C   OXT  sing N N 318 
TRP CB  CG   sing N N 319 
TRP CB  HB2  sing N N 320 
TRP CB  HB3  sing N N 321 
TRP CG  CD1  doub Y N 322 
TRP CG  CD2  sing Y N 323 
TRP CD1 NE1  sing Y N 324 
TRP CD1 HD1  sing N N 325 
TRP CD2 CE2  doub Y N 326 
TRP CD2 CE3  sing Y N 327 
TRP NE1 CE2  sing Y N 328 
TRP NE1 HE1  sing N N 329 
TRP CE2 CZ2  sing Y N 330 
TRP CE3 CZ3  doub Y N 331 
TRP CE3 HE3  sing N N 332 
TRP CZ2 CH2  doub Y N 333 
TRP CZ2 HZ2  sing N N 334 
TRP CZ3 CH2  sing Y N 335 
TRP CZ3 HZ3  sing N N 336 
TRP CH2 HH2  sing N N 337 
TRP OXT HXT  sing N N 338 
TYR N   CA   sing N N 339 
TYR N   H    sing N N 340 
TYR N   H2   sing N N 341 
TYR CA  C    sing N N 342 
TYR CA  CB   sing N N 343 
TYR CA  HA   sing N N 344 
TYR C   O    doub N N 345 
TYR C   OXT  sing N N 346 
TYR CB  CG   sing N N 347 
TYR CB  HB2  sing N N 348 
TYR CB  HB3  sing N N 349 
TYR CG  CD1  doub Y N 350 
TYR CG  CD2  sing Y N 351 
TYR CD1 CE1  sing Y N 352 
TYR CD1 HD1  sing N N 353 
TYR CD2 CE2  doub Y N 354 
TYR CD2 HD2  sing N N 355 
TYR CE1 CZ   doub Y N 356 
TYR CE1 HE1  sing N N 357 
TYR CE2 CZ   sing Y N 358 
TYR CE2 HE2  sing N N 359 
TYR CZ  OH   sing N N 360 
TYR OH  HH   sing N N 361 
TYR OXT HXT  sing N N 362 
VAL N   CA   sing N N 363 
VAL N   H    sing N N 364 
VAL N   H2   sing N N 365 
VAL CA  C    sing N N 366 
VAL CA  CB   sing N N 367 
VAL CA  HA   sing N N 368 
VAL C   O    doub N N 369 
VAL C   OXT  sing N N 370 
VAL CB  CG1  sing N N 371 
VAL CB  CG2  sing N N 372 
VAL CB  HB   sing N N 373 
VAL CG1 HG11 sing N N 374 
VAL CG1 HG12 sing N N 375 
VAL CG1 HG13 sing N N 376 
VAL CG2 HG21 sing N N 377 
VAL CG2 HG22 sing N N 378 
VAL CG2 HG23 sing N N 379 
VAL OXT HXT  sing N N 380 
# 
_atom_sites.entry_id                    4QT6 
_atom_sites.fract_transf_matrix[1][1]   -0.00411068 
_atom_sites.fract_transf_matrix[1][2]   -0.00122370 
_atom_sites.fract_transf_matrix[1][3]   0.00906342 
_atom_sites.fract_transf_matrix[2][1]   -0.00899041 
_atom_sites.fract_transf_matrix[2][2]   0.00236381 
_atom_sites.fract_transf_matrix[2][3]   -0.00375841 
_atom_sites.fract_transf_matrix[3][1]   -0.00167797 
_atom_sites.fract_transf_matrix[3][2]   -0.00966725 
_atom_sites.fract_transf_matrix[3][3]   -0.00206627 
_atom_sites.fract_transf_vector[1]      0.315361 
_atom_sites.fract_transf_vector[2]      0.225531 
_atom_sites.fract_transf_vector[3]      0.015758 
# 
loop_
_atom_type.symbol 
C  
N  
O  
S  
SE 
X  
# 
loop_
_atom_site.group_PDB 
_atom_site.id 
_atom_site.type_symbol 
_atom_site.label_atom_id 
_atom_site.label_alt_id 
_atom_site.label_comp_id 
_atom_site.label_asym_id 
_atom_site.label_entity_id 
_atom_site.label_seq_id 
_atom_site.pdbx_PDB_ins_code 
_atom_site.Cartn_x 
_atom_site.Cartn_y 
_atom_site.Cartn_z 
_atom_site.occupancy 
_atom_site.B_iso_or_equiv 
_atom_site.pdbx_formal_charge 
_atom_site.auth_seq_id 
_atom_site.auth_comp_id 
_atom_site.auth_asym_id 
_atom_site.auth_atom_id 
_atom_site.pdbx_PDB_model_num 
ATOM   1    N  N   . GLY A 1 1   ? -10.736 4.058   6.828   1.00 21.44 ? 2034 GLY A N   1 
ATOM   2    C  CA  . GLY A 1 1   ? -9.760  3.383   7.728   1.00 19.59 ? 2034 GLY A CA  1 
ATOM   3    C  C   . GLY A 1 1   ? -9.520  1.970   7.288   1.00 18.99 ? 2034 GLY A C   1 
ATOM   4    O  O   . GLY A 1 1   ? -9.895  1.602   6.168   1.00 19.22 ? 2034 GLY A O   1 
ATOM   5    N  N   . PHE A 1 2   ? -8.901  1.190   8.168   1.00 17.70 ? 2035 PHE A N   1 
ATOM   6    C  CA  . PHE A 1 2   ? -8.581  -0.196  7.880   1.00 17.14 ? 2035 PHE A CA  1 
ATOM   7    C  C   . PHE A 1 2   ? -9.691  -1.076  8.401   1.00 17.69 ? 2035 PHE A C   1 
ATOM   8    O  O   . PHE A 1 2   ? -10.311 -0.782  9.424   1.00 18.67 ? 2035 PHE A O   1 
ATOM   9    C  CB  . PHE A 1 2   ? -7.252  -0.602  8.505   1.00 16.91 ? 2035 PHE A CB  1 
ATOM   10   C  CG  . PHE A 1 2   ? -6.055  0.015   7.821   1.00 17.03 ? 2035 PHE A CG  1 
ATOM   11   C  CD1 . PHE A 1 2   ? -5.545  -0.572  6.661   1.00 18.25 ? 2035 PHE A CD1 1 
ATOM   12   C  CD2 . PHE A 1 2   ? -5.468  1.182   8.287   1.00 18.28 ? 2035 PHE A CD2 1 
ATOM   13   C  CE1 . PHE A 1 2   ? -4.451  -0.019  6.004   1.00 18.58 ? 2035 PHE A CE1 1 
ATOM   14   C  CE2 . PHE A 1 2   ? -4.345  1.726   7.648   1.00 18.29 ? 2035 PHE A CE2 1 
ATOM   15   C  CZ  . PHE A 1 2   ? -3.846  1.134   6.490   1.00 18.18 ? 2035 PHE A CZ  1 
ATOM   16   N  N   . ASP A 1 3   ? -9.942  -2.161  7.688   1.00 17.86 ? 2036 ASP A N   1 
ATOM   17   C  CA  . ASP A 1 3   ? -11.011 -3.090  8.038   1.00 18.87 ? 2036 ASP A CA  1 
ATOM   18   C  C   . ASP A 1 3   ? -10.439 -4.262  8.824   1.00 18.70 ? 2036 ASP A C   1 
ATOM   19   O  O   . ASP A 1 3   ? -9.680  -5.043  8.283   1.00 17.46 ? 2036 ASP A O   1 
ATOM   20   C  CB  . ASP A 1 3   ? -11.643 -3.588  6.738   1.00 18.11 ? 2036 ASP A CB  1 
ATOM   21   C  CG  . ASP A 1 3   ? -12.866 -4.445  6.966   1.00 18.98 ? 2036 ASP A CG  1 
ATOM   22   O  OD1 . ASP A 1 3   ? -13.123 -4.891  8.109   1.00 20.33 ? 2036 ASP A OD1 1 
ATOM   23   O  OD2 . ASP A 1 3   ? -13.588 -4.663  5.956   1.00 21.03 ? 2036 ASP A OD2 1 
ATOM   24   N  N   . PRO A 1 4   ? -10.833 -4.432  10.099  1.00 19.38 ? 2037 PRO A N   1 
ATOM   25   C  CA  . PRO A 1 4   ? -10.277 -5.587  10.823  1.00 21.07 ? 2037 PRO A CA  1 
ATOM   26   C  C   . PRO A 1 4   ? -10.642 -6.952  10.244  1.00 21.26 ? 2037 PRO A C   1 
ATOM   27   O  O   . PRO A 1 4   ? -9.947  -7.934  10.517  1.00 21.63 ? 2037 PRO A O   1 
ATOM   28   C  CB  . PRO A 1 4   ? -10.792 -5.404  12.257  1.00 22.13 ? 2037 PRO A CB  1 
ATOM   29   C  CG  . PRO A 1 4   ? -11.943 -4.488  12.158  1.00 22.67 ? 2037 PRO A CG  1 
ATOM   30   C  CD  . PRO A 1 4   ? -11.805 -3.665  10.906  1.00 21.20 ? 2037 PRO A CD  1 
ATOM   31   N  N   . GLU A 1 5   ? -11.682 -7.020  9.431   1.00 20.63 ? 2038 GLU A N   1 
ATOM   32   C  CA  . GLU A 1 5   ? -12.023 -8.270  8.762   1.00 22.85 ? 2038 GLU A CA  1 
ATOM   33   C  C   . GLU A 1 5   ? -11.197 -8.567  7.515   1.00 21.17 ? 2038 GLU A C   1 
ATOM   34   O  O   . GLU A 1 5   ? -11.224 -9.692  7.015   1.00 22.82 ? 2038 GLU A O   1 
ATOM   35   C  CB  . GLU A 1 5   ? -13.495 -8.307  8.455   1.00 26.02 ? 2038 GLU A CB  1 
ATOM   36   C  CG  . GLU A 1 5   ? -14.254 -8.670  9.724   1.00 30.70 ? 2038 GLU A CG  1 
ATOM   37   C  CD  . GLU A 1 5   ? -15.743 -8.764  9.521   1.00 32.22 ? 2038 GLU A CD  1 
ATOM   38   O  OE1 . GLU A 1 5   ? -16.260 -9.893  9.471   1.00 32.99 ? 2038 GLU A OE1 1 
ATOM   39   O  OE2 . GLU A 1 5   ? -16.392 -7.696  9.424   1.00 35.81 ? 2038 GLU A OE2 1 
ATOM   40   N  N   . LYS A 1 6   ? -10.441 -7.580  7.045   1.00 20.05 ? 2039 LYS A N   1 
ATOM   41   C  CA  . LYS A 1 6   ? -9.563  -7.754  5.888   1.00 20.51 ? 2039 LYS A CA  1 
ATOM   42   C  C   . LYS A 1 6   ? -8.080  -7.579  6.306   1.00 20.39 ? 2039 LYS A C   1 
ATOM   43   O  O   . LYS A 1 6   ? -7.260  -7.018  5.556   1.00 19.86 ? 2039 LYS A O   1 
ATOM   44   C  CB  . LYS A 1 6   ? -9.991  -6.802  4.766   1.00 20.58 ? 2039 LYS A CB  1 
ATOM   45   C  CG  . LYS A 1 6   ? -11.447 -6.946  4.333   1.00 21.48 ? 2039 LYS A CG  1 
ATOM   46   C  CD  . LYS A 1 6   ? -11.768 -6.499  2.908   1.00 23.79 ? 2039 LYS A CD  1 
ATOM   47   C  CE  . LYS A 1 6   ? -11.708 -5.004  2.693   1.00 23.40 ? 2039 LYS A CE  1 
ATOM   48   N  NZ  . LYS A 1 6   ? -12.871 -4.235  3.233   1.00 22.85 ? 2039 LYS A NZ  1 
ATOM   49   N  N   . ALA A 1 7   ? -7.760  -7.998  7.527   1.00 19.97 ? 2040 ALA A N   1 
ATOM   50   C  CA  . ALA A 1 7   ? -6.403  -7.907  8.077   1.00 21.05 ? 2040 ALA A CA  1 
ATOM   51   C  C   . ALA A 1 7   ? -5.954  -9.291  8.526   1.00 21.05 ? 2040 ALA A C   1 
ATOM   52   O  O   . ALA A 1 7   ? -6.728  -10.033 9.132   1.00 21.53 ? 2040 ALA A O   1 
ATOM   53   C  CB  . ALA A 1 7   ? -6.365  -6.952  9.243   1.00 21.91 ? 2040 ALA A CB  1 
ATOM   54   N  N   . GLN A 1 8   ? -4.701  -9.617  8.229   1.00 18.12 ? 2041 GLN A N   1 
ATOM   55   C  CA  . GLN A 1 8   ? -4.087  -10.891 8.595   1.00 19.22 ? 2041 GLN A CA  1 
ATOM   56   C  C   . GLN A 1 8   ? -2.757  -10.586 9.280   1.00 19.80 ? 2041 GLN A C   1 
ATOM   57   O  O   . GLN A 1 8   ? -1.887  -9.925  8.699   1.00 19.31 ? 2041 GLN A O   1 
ATOM   58   C  CB  . GLN A 1 8   ? -3.902  -11.716 7.321   1.00 19.81 ? 2041 GLN A CB  1 
ATOM   59   C  CG  . GLN A 1 8   ? -3.045  -12.953 7.454   1.00 20.35 ? 2041 GLN A CG  1 
ATOM   60   C  CD  . GLN A 1 8   ? -3.734  -14.106 8.162   1.00 21.79 ? 2041 GLN A CD  1 
ATOM   61   O  OE1 . GLN A 1 8   ? -4.893  -14.025 8.591   1.00 20.74 ? 2041 GLN A OE1 1 
ATOM   62   N  NE2 . GLN A 1 8   ? -3.006  -15.204 8.283   1.00 21.21 ? 2041 GLN A NE2 1 
ATOM   63   N  N   . CYS A 1 9   ? -2.578  -11.080 10.512  1.00 20.01 ? 2042 CYS A N   1 
ATOM   64   C  CA  . CYS A 1 9   ? -1.371  -10.825 11.326  1.00 21.26 ? 2042 CYS A CA  1 
ATOM   65   C  C   . CYS A 1 9   ? -1.067  -9.345  11.526  1.00 19.90 ? 2042 CYS A C   1 
ATOM   66   O  O   . CYS A 1 9   ? 0.099   -8.933  11.702  1.00 20.62 ? 2042 CYS A O   1 
ATOM   67   C  CB  . CYS A 1 9   ? -0.147  -11.566 10.768  1.00 22.41 ? 2042 CYS A CB  1 
ATOM   68   S  SG  . CYS A 1 9   ? -0.482  -13.326 10.521  1.00 25.26 ? 2042 CYS A SG  1 
ATOM   69   N  N   . CYS A 1 10  ? -2.142  -8.551  11.509  1.00 19.72 ? 2043 CYS A N   1 
ATOM   70   C  CA  . CYS A 1 10  ? -2.081  -7.123  11.747  1.00 19.48 ? 2043 CYS A CA  1 
ATOM   71   C  C   . CYS A 1 10  ? -3.277  -6.773  12.605  1.00 21.47 ? 2043 CYS A C   1 
ATOM   72   O  O   . CYS A 1 10  ? -4.280  -7.500  12.607  1.00 23.14 ? 2043 CYS A O   1 
ATOM   73   C  CB  . CYS A 1 10  ? -2.183  -6.328  10.439  1.00 19.01 ? 2043 CYS A CB  1 
ATOM   74   S  SG  . CYS A 1 10  ? -0.791  -6.590  9.327   1.00 19.74 ? 2043 CYS A SG  1 
ATOM   75   N  N   . LEU A 1 11  ? -3.156  -5.661  13.320  1.00 21.17 ? 2044 LEU A N   1 
ATOM   76   C  CA  . LEU A 1 11  ? -4.227  -5.118  14.155  1.00 21.54 ? 2044 LEU A CA  1 
ATOM   77   C  C   . LEU A 1 11  ? -4.600  -3.734  13.638  1.00 20.25 ? 2044 LEU A C   1 
ATOM   78   O  O   . LEU A 1 11  ? -3.713  -2.992  13.191  1.00 20.14 ? 2044 LEU A O   1 
ATOM   79   C  CB  . LEU A 1 11  ? -3.702  -4.955  15.582  1.00 22.71 ? 2044 LEU A CB  1 
ATOM   80   C  CG  . LEU A 1 11  ? -3.206  -6.238  16.257  1.00 25.08 ? 2044 LEU A CG  1 
ATOM   81   C  CD1 . LEU A 1 11  ? -2.386  -5.911  17.499  1.00 26.29 ? 2044 LEU A CD1 1 
ATOM   82   C  CD2 . LEU A 1 11  ? -4.348  -7.185  16.546  1.00 25.01 ? 2044 LEU A CD2 1 
ATOM   83   N  N   . VAL A 1 12  ? -5.884  -3.384  13.705  1.00 19.17 ? 2045 VAL A N   1 
ATOM   84   C  CA  . VAL A 1 12  ? -6.332  -2.044  13.356  1.00 19.40 ? 2045 VAL A CA  1 
ATOM   85   C  C   . VAL A 1 12  ? -6.392  -1.206  14.637  1.00 20.25 ? 2045 VAL A C   1 
ATOM   86   O  O   . VAL A 1 12  ? -7.135  -1.548  15.557  1.00 21.40 ? 2045 VAL A O   1 
ATOM   87   C  CB  . VAL A 1 12  ? -7.697  -2.043  12.676  1.00 18.85 ? 2045 VAL A CB  1 
ATOM   88   C  CG1 . VAL A 1 12  ? -8.097  -0.629  12.301  1.00 19.32 ? 2045 VAL A CG1 1 
ATOM   89   C  CG2 . VAL A 1 12  ? -7.655  -2.881  11.396  1.00 18.09 ? 2045 VAL A CG2 1 
ATOM   90   N  N   . GLU A 1 13  ? -5.610  -0.135  14.654  1.00 19.41 ? 2046 GLU A N   1 
ATOM   91   C  CA  . GLU A 1 13  ? -5.411  0.755   15.797  1.00 19.69 ? 2046 GLU A CA  1 
ATOM   92   C  C   . GLU A 1 13  ? -6.202  2.040   15.579  1.00 17.50 ? 2046 GLU A C   1 
ATOM   93   O  O   . GLU A 1 13  ? -5.911  2.828   14.662  1.00 17.03 ? 2046 GLU A O   1 
ATOM   94   C  CB  . GLU A 1 13  ? -3.912  1.032   15.917  1.00 21.50 ? 2046 GLU A CB  1 
ATOM   95   C  CG  . GLU A 1 13  ? -3.474  2.118   16.896  1.00 23.11 ? 2046 GLU A CG  1 
ATOM   96   C  CD  . GLU A 1 13  ? -1.959  2.174   17.046  1.00 24.04 ? 2046 GLU A CD  1 
ATOM   97   O  OE1 . GLU A 1 13  ? -1.331  1.077   17.122  1.00 25.79 ? 2046 GLU A OE1 1 
ATOM   98   O  OE2 . GLU A 1 13  ? -1.395  3.311   17.060  1.00 26.66 ? 2046 GLU A OE2 1 
ATOM   99   N  N   . ASN A 1 14  ? -7.265  2.232   16.380  1.00 17.06 ? 2047 ASN A N   1 
ATOM   100  C  CA  . ASN A 1 14  ? -8.120  3.413   16.286  1.00 17.52 ? 2047 ASN A CA  1 
ATOM   101  C  C   . ASN A 1 14  ? -8.603  3.680   14.879  1.00 18.19 ? 2047 ASN A C   1 
ATOM   102  O  O   . ASN A 1 14  ? -8.724  4.839   14.429  1.00 18.62 ? 2047 ASN A O   1 
ATOM   103  C  CB  . ASN A 1 14  ? -7.411  4.663   16.814  1.00 17.51 ? 2047 ASN A CB  1 
ATOM   104  C  CG  . ASN A 1 14  ? -7.077  4.588   18.281  1.00 19.03 ? 2047 ASN A CG  1 
ATOM   105  O  OD1 . ASN A 1 14  ? -7.731  3.885   19.058  1.00 19.36 ? 2047 ASN A OD1 1 
ATOM   106  N  ND2 . ASN A 1 14  ? -6.085  5.366   18.689  1.00 19.98 ? 2047 ASN A ND2 1 
ATOM   107  N  N   . GLY A 1 15  ? -8.857  2.598   14.149  1.00 17.55 ? 2048 GLY A N   1 
ATOM   108  C  CA  . GLY A 1 15  ? -9.387  2.703   12.802  1.00 19.11 ? 2048 GLY A CA  1 
ATOM   109  C  C   . GLY A 1 15  ? -8.422  3.101   11.698  1.00 19.84 ? 2048 GLY A C   1 
ATOM   110  O  O   . GLY A 1 15  ? -8.470  2.520   10.610  1.00 21.50 ? 2048 GLY A O   1 
ATOM   111  N  N   . GLN A 1 16  ? -7.581  4.096   11.964  1.00 19.24 ? 2049 GLN A N   1 
ATOM   112  C  CA  . GLN A 1 16  ? -6.769  4.796   10.952  1.00 20.09 ? 2049 GLN A CA  1 
ATOM   113  C  C   . GLN A 1 16  ? -5.415  4.144   10.734  1.00 19.48 ? 2049 GLN A C   1 
ATOM   114  O  O   . GLN A 1 16  ? -4.731  4.454   9.758   1.00 18.93 ? 2049 GLN A O   1 
ATOM   115  C  CB  . GLN A 1 16  ? -6.486  6.241   11.425  1.00 23.42 ? 2049 GLN A CB  1 
ATOM   116  C  CG  . GLN A 1 16  ? -7.689  7.091   11.823  1.00 26.31 ? 2049 GLN A CG  1 
ATOM   117  C  CD  A GLN A 1 16  ? -7.282  8.484   12.341  0.50 25.18 ? 2049 GLN A CD  1 
ATOM   118  C  CD  B GLN A 1 16  ? -7.340  8.529   12.130  0.50 27.34 ? 2049 GLN A CD  1 
ATOM   119  O  OE1 A GLN A 1 16  ? -6.128  8.723   12.729  0.50 23.96 ? 2049 GLN A OE1 1 
ATOM   120  O  OE1 B GLN A 1 16  ? -6.970  9.270   11.231  0.50 28.99 ? 2049 GLN A OE1 1 
ATOM   121  N  NE2 A GLN A 1 16  ? -8.236  9.396   12.383  0.50 24.45 ? 2049 GLN A NE2 1 
ATOM   122  N  NE2 B GLN A 1 16  ? -7.487  8.941   13.386  0.50 28.37 ? 2049 GLN A NE2 1 
ATOM   123  N  N   . ILE A 1 17  ? -4.981  3.313   11.672  1.00 17.46 ? 2050 ILE A N   1 
ATOM   124  C  CA  . ILE A 1 17  ? -3.633  2.763   11.626  1.00 18.59 ? 2050 ILE A CA  1 
ATOM   125  C  C   . ILE A 1 17  ? -3.666  1.253   11.530  1.00 18.58 ? 2050 ILE A C   1 
ATOM   126  O  O   . ILE A 1 17  ? -4.483  0.588   12.176  1.00 18.94 ? 2050 ILE A O   1 
ATOM   127  C  CB  . ILE A 1 17  ? -2.804  3.241   12.841  1.00 19.94 ? 2050 ILE A CB  1 
ATOM   128  C  CG1 . ILE A 1 17  ? -2.488  4.737   12.653  1.00 22.84 ? 2050 ILE A CG1 1 
ATOM   129  C  CG2 . ILE A 1 17  ? -1.506  2.461   13.048  1.00 20.64 ? 2050 ILE A CG2 1 
ATOM   130  C  CD1 . ILE A 1 17  ? -2.014  5.403   13.918  1.00 25.63 ? 2050 ILE A CD1 1 
ATOM   131  N  N   . LEU A 1 18  ? -2.765  0.710   10.710  1.00 17.50 ? 2051 LEU A N   1 
ATOM   132  C  CA  . LEU A 1 18  ? -2.570  -0.721  10.644  1.00 17.57 ? 2051 LEU A CA  1 
ATOM   133  C  C   . LEU A 1 18  ? -1.226  -1.025  11.281  1.00 18.58 ? 2051 LEU A C   1 
ATOM   134  O  O   . LEU A 1 18  ? -0.186  -0.461  10.883  1.00 17.98 ? 2051 LEU A O   1 
ATOM   135  C  CB  . LEU A 1 18  ? -2.595  -1.231  9.195   1.00 16.72 ? 2051 LEU A CB  1 
ATOM   136  C  CG  . LEU A 1 18  ? -2.554  -2.753  9.054   1.00 17.46 ? 2051 LEU A CG  1 
ATOM   137  C  CD1 . LEU A 1 18  ? -3.900  -3.346  9.398   1.00 18.47 ? 2051 LEU A CD1 1 
ATOM   138  C  CD2 . LEU A 1 18  ? -2.134  -3.147  7.632   1.00 18.32 ? 2051 LEU A CD2 1 
ATOM   139  N  N   . THR A 1 19  ? -1.256  -1.914  12.271  1.00 19.38 ? 2052 THR A N   1 
ATOM   140  C  CA  . THR A 1 19  ? -0.066  -2.298  13.004  1.00 20.11 ? 2052 THR A CA  1 
ATOM   141  C  C   . THR A 1 19  ? 0.268   -3.752  12.748  1.00 19.04 ? 2052 THR A C   1 
ATOM   142  O  O   . THR A 1 19  ? -0.603  -4.614  12.848  1.00 20.64 ? 2052 THR A O   1 
ATOM   143  C  CB  . THR A 1 19  ? -0.284  -2.052  14.518  1.00 20.12 ? 2052 THR A CB  1 
ATOM   144  O  OG1 . THR A 1 19  ? -0.500  -0.655  14.731  1.00 22.42 ? 2052 THR A OG1 1 
ATOM   145  C  CG2 . THR A 1 19  ? 0.914   -2.554  15.343  1.00 21.52 ? 2052 THR A CG2 1 
ATOM   146  N  N   . HIS A 1 20  ? 1.536   -4.028  12.433  1.00 20.14 ? 2053 HIS A N   1 
ATOM   147  C  CA  . HIS A 1 20  ? 1.962   -5.379  12.147  1.00 20.50 ? 2053 HIS A CA  1 
ATOM   148  C  C   . HIS A 1 20  ? 1.993   -6.124  13.479  1.00 21.70 ? 2053 HIS A C   1 
ATOM   149  O  O   . HIS A 1 20  ? 2.627   -5.663  14.426  1.00 23.67 ? 2053 HIS A O   1 
ATOM   150  C  CB  . HIS A 1 20  ? 3.339   -5.383  11.504  1.00 20.06 ? 2053 HIS A CB  1 
ATOM   151  C  CG  . HIS A 1 20  ? 3.801   -6.731  11.085  1.00 19.27 ? 2053 HIS A CG  1 
ATOM   152  N  ND1 . HIS A 1 20  ? 5.125   -7.009  10.806  1.00 20.56 ? 2053 HIS A ND1 1 
ATOM   153  C  CD2 . HIS A 1 20  ? 3.123   -7.886  10.885  1.00 19.74 ? 2053 HIS A CD2 1 
ATOM   154  C  CE1 . HIS A 1 20  ? 5.232   -8.270  10.435  1.00 19.97 ? 2053 HIS A CE1 1 
ATOM   155  N  NE2 . HIS A 1 20  ? 4.042   -8.832  10.502  1.00 20.94 ? 2053 HIS A NE2 1 
ATOM   156  N  N   . GLY A 1 21  ? 1.241   -7.213  13.557  1.00 21.33 ? 2054 GLY A N   1 
ATOM   157  C  CA  . GLY A 1 21  ? 1.072   -7.950  14.807  1.00 24.99 ? 2054 GLY A CA  1 
ATOM   158  C  C   . GLY A 1 21  ? 1.804   -9.269  14.795  1.00 26.46 ? 2054 GLY A C   1 
ATOM   159  O  O   . GLY A 1 21  ? 2.814   -9.436  14.103  1.00 26.36 ? 2054 GLY A O   1 
ATOM   160  N  N   . SER A 1 22  ? 1.289   -10.204 15.590  1.00 30.28 ? 2055 SER A N   1 
ATOM   161  C  CA  . SER A 1 22  ? 1.870   -11.537 15.690  1.00 32.05 ? 2055 SER A CA  1 
ATOM   162  C  C   . SER A 1 22  ? 1.440   -12.422 14.528  1.00 31.76 ? 2055 SER A C   1 
ATOM   163  O  O   . SER A 1 22  ? 0.418   -12.184 13.887  1.00 32.19 ? 2055 SER A O   1 
ATOM   164  C  CB  . SER A 1 22  ? 1.433   -12.197 17.006  1.00 32.02 ? 2055 SER A CB  1 
ATOM   165  O  OG  . SER A 1 22  ? 0.051   -12.555 16.967  1.00 33.35 ? 2055 SER A OG  1 
ATOM   166  N  N   . GLY A 1 23  ? 2.226   -13.470 14.282  1.00 30.44 ? 2056 GLY A N   1 
ATOM   167  C  CA  . GLY A 1 23  ? 1.859   -14.485 13.313  1.00 30.56 ? 2056 GLY A CA  1 
ATOM   168  C  C   . GLY A 1 23  ? 2.701   -14.491 12.055  1.00 30.56 ? 2056 GLY A C   1 
ATOM   169  O  O   . GLY A 1 23  ? 2.470   -15.325 11.175  1.00 30.27 ? 2056 GLY A O   1 
ATOM   170  N  N   . GLY A 1 24  ? 3.677   -13.580 11.976  1.00 29.28 ? 2057 GLY A N   1 
ATOM   171  C  CA  . GLY A 1 24  ? 4.601   -13.490 10.836  1.00 28.59 ? 2057 GLY A CA  1 
ATOM   172  C  C   . GLY A 1 24  ? 4.148   -12.446 9.827   1.00 28.80 ? 2057 GLY A C   1 
ATOM   173  O  O   . GLY A 1 24  ? 3.575   -11.425 10.191  1.00 26.56 ? 2057 GLY A O   1 
ATOM   174  N  N   . LYS A 1 25  ? 4.401   -12.711 8.554   1.00 25.34 ? 2058 LYS A N   1 
ATOM   175  C  CA  . LYS A 1 25  ? 4.061   -11.749 7.498   1.00 24.38 ? 2058 LYS A CA  1 
ATOM   176  C  C   . LYS A 1 25  ? 2.551   -11.519 7.453   1.00 23.24 ? 2058 LYS A C   1 
ATOM   177  O  O   . LYS A 1 25  ? 1.748   -12.393 7.802   1.00 23.01 ? 2058 LYS A O   1 
ATOM   178  C  CB  . LYS A 1 25  ? 4.568   -12.239 6.150   1.00 24.47 ? 2058 LYS A CB  1 
ATOM   179  C  CG  . LYS A 1 25  ? 6.079   -12.431 6.095   1.00 27.52 ? 2058 LYS A CG  1 
ATOM   180  C  CD  . LYS A 1 25  ? 6.500   -12.768 4.684   1.00 31.42 ? 2058 LYS A CD  1 
ATOM   181  C  CE  . LYS A 1 25  ? 7.935   -13.240 4.590   1.00 33.56 ? 2058 LYS A CE  1 
ATOM   182  N  NZ  . LYS A 1 25  ? 8.250   -13.481 3.157   1.00 36.07 ? 2058 LYS A NZ  1 
ATOM   183  N  N   . GLY A 1 26  ? 2.136   -10.327 7.010   1.00 21.36 ? 2059 GLY A N   1 
ATOM   184  C  CA  . GLY A 1 26  ? 0.715   -10.008 7.084   1.00 20.47 ? 2059 GLY A CA  1 
ATOM   185  C  C   . GLY A 1 26  ? 0.299   -8.873  6.173   1.00 19.85 ? 2059 GLY A C   1 
ATOM   186  O  O   . GLY A 1 26  ? 1.137   -8.297  5.482   1.00 19.28 ? 2059 GLY A O   1 
ATOM   187  N  N   . TYR A 1 27  ? -0.995  -8.550  6.207   1.00 17.53 ? 2060 TYR A N   1 
ATOM   188  C  CA  . TYR A 1 27  ? -1.545  -7.461  5.392   1.00 17.22 ? 2060 TYR A CA  1 
ATOM   189  C  C   . TYR A 1 27  ? -2.794  -6.896  6.038   1.00 17.86 ? 2060 TYR A C   1 
ATOM   190  O  O   . TYR A 1 27  ? -3.409  -7.507  6.913   1.00 17.28 ? 2060 TYR A O   1 
ATOM   191  C  CB  . TYR A 1 27  ? -1.887  -7.942  3.973   1.00 18.11 ? 2060 TYR A CB  1 
ATOM   192  C  CG  . TYR A 1 27  ? -2.980  -8.978  3.942   1.00 17.86 ? 2060 TYR A CG  1 
ATOM   193  C  CD1 . TYR A 1 27  ? -4.312  -8.612  4.022   1.00 19.09 ? 2060 TYR A CD1 1 
ATOM   194  C  CD2 . TYR A 1 27  ? -2.680  -10.322 3.900   1.00 19.18 ? 2060 TYR A CD2 1 
ATOM   195  C  CE1 . TYR A 1 27  ? -5.313  -9.558  4.063   1.00 21.31 ? 2060 TYR A CE1 1 
ATOM   196  C  CE2 . TYR A 1 27  ? -3.669  -11.269 3.898   1.00 19.81 ? 2060 TYR A CE2 1 
ATOM   197  C  CZ  . TYR A 1 27  ? -4.979  -10.892 3.999   1.00 22.10 ? 2060 TYR A CZ  1 
ATOM   198  O  OH  . TYR A 1 27  ? -5.982  -11.836 4.001   1.00 24.33 ? 2060 TYR A OH  1 
ATOM   199  N  N   . GLY A 1 28  ? -3.174  -5.729  5.554   1.00 17.00 ? 2061 GLY A N   1 
ATOM   200  C  CA  . GLY A 1 28  ? -4.479  -5.181  5.852   1.00 16.86 ? 2061 GLY A CA  1 
ATOM   201  C  C   . GLY A 1 28  ? -4.971  -4.277  4.734   1.00 16.81 ? 2061 GLY A C   1 
ATOM   202  O  O   . GLY A 1 28  ? -4.207  -3.500  4.171   1.00 16.01 ? 2061 GLY A O   1 
ATOM   203  N  N   . LEU A 1 29  ? -6.254  -4.415  4.443   1.00 16.29 ? 2062 LEU A N   1 
ATOM   204  C  CA  . LEU A 1 29  ? -6.966  -3.595  3.468   1.00 16.58 ? 2062 LEU A CA  1 
ATOM   205  C  C   . LEU A 1 29  ? -7.871  -2.569  4.122   1.00 16.29 ? 2062 LEU A C   1 
ATOM   206  O  O   . LEU A 1 29  ? -8.397  -2.780  5.224   1.00 15.90 ? 2062 LEU A O   1 
ATOM   207  C  CB  . LEU A 1 29  ? -7.829  -4.461  2.543   1.00 16.59 ? 2062 LEU A CB  1 
ATOM   208  C  CG  . LEU A 1 29  ? -7.114  -5.162  1.374   1.00 16.88 ? 2062 LEU A CG  1 
ATOM   209  C  CD1 . LEU A 1 29  ? -5.978  -6.087  1.804   1.00 17.52 ? 2062 LEU A CD1 1 
ATOM   210  C  CD2 . LEU A 1 29  ? -8.166  -5.925  0.584   1.00 16.14 ? 2062 LEU A CD2 1 
ATOM   211  N  N   . ALA A 1 30  ? -8.104  -1.491  3.383   1.00 15.62 ? 2063 ALA A N   1 
ATOM   212  C  CA  . ALA A 1 30  ? -9.044  -0.469  3.794   1.00 16.57 ? 2063 ALA A CA  1 
ATOM   213  C  C   . ALA A 1 30  ? -10.471 -0.994  3.759   1.00 17.33 ? 2063 ALA A C   1 
ATOM   214  O  O   . ALA A 1 30  ? -10.792 -1.977  3.073   1.00 17.49 ? 2063 ALA A O   1 
ATOM   215  C  CB  . ALA A 1 30  ? -8.912  0.753   2.922   1.00 16.94 ? 2063 ALA A CB  1 
ATOM   216  N  N   . SER A 1 31  ? -11.359 -0.280  4.439   1.00 17.70 ? 2064 SER A N   1 
ATOM   217  C  CA  . SER A 1 31  ? -12.752 -0.663  4.473   1.00 19.65 ? 2064 SER A CA  1 
ATOM   218  C  C   . SER A 1 31  ? -13.465 -0.590  3.132   1.00 20.45 ? 2064 SER A C   1 
ATOM   219  O  O   . SER A 1 31  ? -14.226 -1.523  2.745   1.00 22.77 ? 2064 SER A O   1 
ATOM   220  C  CB  . SER A 1 31  ? -13.478 0.226   5.495   1.00 21.55 ? 2064 SER A CB  1 
ATOM   221  O  OG  . SER A 1 31  ? -12.958 0.034   6.791   1.00 22.13 ? 2064 SER A OG  1 
ATOM   222  N  N   A THR A 1 32  ? -13.214 0.488   2.400   0.50 20.49 ? 2065 THR A N   1 
ATOM   223  N  N   B THR A 1 32  ? -13.216 0.496   2.407   0.50 20.76 ? 2065 THR A N   1 
ATOM   224  C  CA  . THR A 1 32  ? -13.978 0.801   1.192   1.00 21.47 ? 2065 THR A CA  1 
ATOM   225  C  C   . THR A 1 32  ? -13.169 0.577   -0.082  1.00 20.96 ? 2065 THR A C   1 
ATOM   226  O  O   . THR A 1 32  ? -12.015 0.972   -0.173  1.00 21.97 ? 2065 THR A O   1 
ATOM   227  C  CB  A THR A 1 32  ? -14.375 2.300   1.173   0.50 20.86 ? 2065 THR A CB  1 
ATOM   228  C  CB  B THR A 1 32  ? -14.633 2.173   1.282   0.50 23.21 ? 2065 THR A CB  1 
ATOM   229  O  OG1 A THR A 1 32  ? -14.913 2.683   2.447   0.50 21.64 ? 2065 THR A OG1 1 
ATOM   230  O  OG1 B THR A 1 32  ? -13.643 3.159   1.524   0.50 26.30 ? 2065 THR A OG1 1 
ATOM   231  C  CG2 A THR A 1 32  ? -15.410 2.583   0.077   0.50 20.89 ? 2065 THR A CG2 1 
ATOM   232  C  CG2 B THR A 1 32  ? -15.633 2.150   2.450   0.50 23.03 ? 2065 THR A CG2 1 
ATOM   233  N  N   . GLY A 1 33  ? -13.811 -0.071  -1.045  1.00 21.23 ? 2066 GLY A N   1 
ATOM   234  C  CA  . GLY A 1 33  ? -13.177 -0.371  -2.315  1.00 20.26 ? 2066 GLY A CA  1 
ATOM   235  C  C   . GLY A 1 33  ? -13.489 0.687   -3.345  1.00 21.04 ? 2066 GLY A C   1 
ATOM   236  O  O   . GLY A 1 33  ? -14.471 1.443   -3.211  1.00 22.55 ? 2066 GLY A O   1 
ATOM   237  N  N   . VAL A 1 34  ? -12.647 0.737   -4.376  1.00 18.62 ? 2067 VAL A N   1 
ATOM   238  C  CA  . VAL A 1 34  ? -12.799 1.655   -5.497  1.00 18.44 ? 2067 VAL A CA  1 
ATOM   239  C  C   . VAL A 1 34  ? -13.173 0.848   -6.742  1.00 19.57 ? 2067 VAL A C   1 
ATOM   240  O  O   . VAL A 1 34  ? -12.485 -0.126  -7.068  1.00 17.99 ? 2067 VAL A O   1 
ATOM   241  C  CB  . VAL A 1 34  ? -11.490 2.431   -5.739  1.00 19.72 ? 2067 VAL A CB  1 
ATOM   242  C  CG1 . VAL A 1 34  ? -11.647 3.460   -6.859  1.00 20.51 ? 2067 VAL A CG1 1 
ATOM   243  C  CG2 . VAL A 1 34  ? -11.051 3.133   -4.465  1.00 20.80 ? 2067 VAL A CG2 1 
ATOM   244  N  N   . THR A 1 35  ? -14.240 1.257   -7.437  1.00 18.23 ? 2068 THR A N   1 
ATOM   245  C  CA  . THR A 1 35  ? -14.738 0.478   -8.581  1.00 18.65 ? 2068 THR A CA  1 
ATOM   246  C  C   . THR A 1 35  ? -14.827 1.221   -9.902  1.00 19.24 ? 2068 THR A C   1 
ATOM   247  O  O   . THR A 1 35  ? -15.096 0.610   -10.954 1.00 18.68 ? 2068 THR A O   1 
ATOM   248  C  CB  . THR A 1 35  ? -16.105 -0.147  -8.268  1.00 18.67 ? 2068 THR A CB  1 
ATOM   249  O  OG1 . THR A 1 35  ? -16.982 0.870   -7.784  1.00 20.23 ? 2068 THR A OG1 1 
ATOM   250  C  CG2 . THR A 1 35  ? -15.968 -1.202  -7.218  1.00 20.10 ? 2068 THR A CG2 1 
ATOM   251  N  N   . SER A 1 36  ? -14.639 2.534   -9.887  1.00 18.23 ? 2069 SER A N   1 
ATOM   252  C  CA  . SER A 1 36  ? -14.578 3.306   -11.131 1.00 19.67 ? 2069 SER A CA  1 
ATOM   253  C  C   . SER A 1 36  ? -13.859 4.631   -10.875 1.00 20.04 ? 2069 SER A C   1 
ATOM   254  O  O   . SER A 1 36  ? -13.457 4.942   -9.735  1.00 19.95 ? 2069 SER A O   1 
ATOM   255  C  CB  . SER A 1 36  ? -15.985 3.555   -11.679 1.00 19.93 ? 2069 SER A CB  1 
ATOM   256  O  OG  . SER A 1 36  ? -16.748 4.405   -10.851 1.00 20.67 ? 2069 SER A OG  1 
ATOM   257  N  N   . GLY A 1 37  ? -13.724 5.442   -11.914 1.00 19.02 ? 2070 GLY A N   1 
ATOM   258  C  CA  . GLY A 1 37  ? -13.198 6.779   -11.728 1.00 19.93 ? 2070 GLY A CA  1 
ATOM   259  C  C   . GLY A 1 37  ? -11.766 6.778   -11.231 1.00 20.82 ? 2070 GLY A C   1 
ATOM   260  O  O   . GLY A 1 37  ? -10.949 5.957   -11.664 1.00 21.15 ? 2070 GLY A O   1 
ATOM   261  N  N   A CYS A 1 38  ? -11.466 7.706   -10.325 0.65 20.59 ? 2071 CYS A N   1 
ATOM   262  N  N   B CYS A 1 38  ? -11.475 7.726   -10.337 0.35 20.85 ? 2071 CYS A N   1 
ATOM   263  C  CA  A CYS A 1 38  ? -10.124 7.902   -9.802  0.65 20.80 ? 2071 CYS A CA  1 
ATOM   264  C  CA  B CYS A 1 38  ? -10.143 7.944   -9.775  0.35 21.01 ? 2071 CYS A CA  1 
ATOM   265  C  C   . CYS A 1 38  ? -10.250 8.274   -8.315  1.00 20.73 ? 2071 CYS A C   1 
ATOM   266  O  O   . CYS A 1 38  ? -11.137 9.016   -7.925  1.00 21.30 ? 2071 CYS A O   1 
ATOM   267  C  CB  A CYS A 1 38  ? -9.365  8.979   -10.631 0.65 21.44 ? 2071 CYS A CB  1 
ATOM   268  C  CB  B CYS A 1 38  ? -9.468  9.137   -10.430 0.35 21.68 ? 2071 CYS A CB  1 
ATOM   269  S  SG  A CYS A 1 38  ? -7.606  9.269   -10.253 0.65 21.77 ? 2071 CYS A SG  1 
ATOM   270  S  SG  B CYS A 1 38  ? -9.012  8.830   -12.119 0.35 21.65 ? 2071 CYS A SG  1 
ATOM   271  N  N   . TYR A 1 39  ? -9.358  7.708   -7.501  1.00 20.62 ? 2072 TYR A N   1 
ATOM   272  C  CA  . TYR A 1 39  ? -9.321  8.013   -6.071  1.00 19.20 ? 2072 TYR A CA  1 
ATOM   273  C  C   . TYR A 1 39  ? -7.883  8.200   -5.665  1.00 19.27 ? 2072 TYR A C   1 
ATOM   274  O  O   . TYR A 1 39  ? -7.015  7.404   -6.019  1.00 18.50 ? 2072 TYR A O   1 
ATOM   275  C  CB  . TYR A 1 39  ? -9.925  6.892   -5.253  1.00 19.39 ? 2072 TYR A CB  1 
ATOM   276  C  CG  . TYR A 1 39  ? -9.879  7.104   -3.753  1.00 20.18 ? 2072 TYR A CG  1 
ATOM   277  C  CD1 . TYR A 1 39  ? -10.504 8.197   -3.163  1.00 21.22 ? 2072 TYR A CD1 1 
ATOM   278  C  CD2 . TYR A 1 39  ? -9.228  6.193   -2.937  1.00 20.93 ? 2072 TYR A CD2 1 
ATOM   279  C  CE1 . TYR A 1 39  ? -10.487 8.382   -1.800  1.00 22.02 ? 2072 TYR A CE1 1 
ATOM   280  C  CE2 . TYR A 1 39  ? -9.196  6.368   -1.563  1.00 21.20 ? 2072 TYR A CE2 1 
ATOM   281  C  CZ  . TYR A 1 39  ? -9.824  7.469   -1.000  1.00 22.11 ? 2072 TYR A CZ  1 
ATOM   282  O  OH  . TYR A 1 39  ? -9.821  7.656   0.367   1.00 24.77 ? 2072 TYR A OH  1 
ATOM   283  N  N   . GLN A 1 40  ? -7.647  9.270   -4.914  1.00 18.93 ? 2073 GLN A N   1 
ATOM   284  C  CA  A GLN A 1 40  ? -6.324  9.614   -4.409  0.70 19.67 ? 2073 GLN A CA  1 
ATOM   285  C  CA  B GLN A 1 40  ? -6.315  9.575   -4.387  0.30 18.51 ? 2073 GLN A CA  1 
ATOM   286  C  C   . GLN A 1 40  ? -6.351  9.610   -2.861  1.00 17.88 ? 2073 GLN A C   1 
ATOM   287  O  O   . GLN A 1 40  ? -7.327  10.059  -2.252  1.00 18.19 ? 2073 GLN A O   1 
ATOM   288  C  CB  A GLN A 1 40  ? -5.971  10.990  -4.952  0.70 21.93 ? 2073 GLN A CB  1 
ATOM   289  C  CB  B GLN A 1 40  ? -5.800  10.910  -4.919  0.30 18.75 ? 2073 GLN A CB  1 
ATOM   290  C  CG  A GLN A 1 40  ? -4.533  11.397  -4.807  0.70 23.76 ? 2073 GLN A CG  1 
ATOM   291  C  CG  B GLN A 1 40  ? -5.693  10.967  -6.433  0.30 18.91 ? 2073 GLN A CG  1 
ATOM   292  C  CD  A GLN A 1 40  ? -4.238  12.729  -5.479  0.70 24.41 ? 2073 GLN A CD  1 
ATOM   293  O  OE1 A GLN A 1 40  ? -4.863  13.091  -6.477  0.70 24.43 ? 2073 GLN A OE1 1 
ATOM   294  N  NE2 A GLN A 1 40  ? -3.317  13.474  -4.910  0.70 25.21 ? 2073 GLN A NE2 1 
ATOM   295  N  N   . TRP A 1 41  ? -5.290  9.101   -2.245  1.00 16.89 ? 2074 TRP A N   1 
ATOM   296  C  CA  . TRP A 1 41  ? -5.159  9.111   -0.790  1.00 16.34 ? 2074 TRP A CA  1 
ATOM   297  C  C   . TRP A 1 41  ? -3.669  9.053   -0.436  1.00 16.33 ? 2074 TRP A C   1 
ATOM   298  O  O   . TRP A 1 41  ? -2.810  8.981   -1.328  1.00 16.24 ? 2074 TRP A O   1 
ATOM   299  C  CB  . TRP A 1 41  ? -5.932  7.951   -0.142  1.00 16.29 ? 2074 TRP A CB  1 
ATOM   300  C  CG  . TRP A 1 41  ? -5.260  6.649   -0.347  1.00 16.51 ? 2074 TRP A CG  1 
ATOM   301  C  CD1 . TRP A 1 41  ? -4.493  5.983   0.557   1.00 15.75 ? 2074 TRP A CD1 1 
ATOM   302  C  CD2 . TRP A 1 41  ? -5.287  5.829   -1.529  1.00 16.29 ? 2074 TRP A CD2 1 
ATOM   303  N  NE1 . TRP A 1 41  ? -4.031  4.831   0.020   1.00 15.88 ? 2074 TRP A NE1 1 
ATOM   304  C  CE2 . TRP A 1 41  ? -4.515  4.692   -1.251  1.00 16.98 ? 2074 TRP A CE2 1 
ATOM   305  C  CE3 . TRP A 1 41  ? -5.912  5.942   -2.781  1.00 18.22 ? 2074 TRP A CE3 1 
ATOM   306  C  CZ2 . TRP A 1 41  ? -4.305  3.670   -2.177  1.00 17.59 ? 2074 TRP A CZ2 1 
ATOM   307  C  CZ3 . TRP A 1 41  ? -5.698  4.938   -3.720  1.00 18.07 ? 2074 TRP A CZ3 1 
ATOM   308  C  CH2 . TRP A 1 41  ? -4.899  3.806   -3.407  1.00 18.35 ? 2074 TRP A CH2 1 
ATOM   309  N  N   . LYS A 1 42  ? -3.358  9.079   0.860   1.00 16.75 ? 2075 LYS A N   1 
ATOM   310  C  CA  . LYS A 1 42  ? -1.984  8.959   1.303   1.00 17.85 ? 2075 LYS A CA  1 
ATOM   311  C  C   . LYS A 1 42  ? -1.812  7.889   2.363   1.00 16.55 ? 2075 LYS A C   1 
ATOM   312  O  O   . LYS A 1 42  ? -2.718  7.597   3.116   1.00 16.70 ? 2075 LYS A O   1 
ATOM   313  C  CB  . LYS A 1 42  ? -1.459  10.295  1.855   1.00 18.87 ? 2075 LYS A CB  1 
ATOM   314  C  CG  . LYS A 1 42  ? -1.430  11.406  0.837   1.00 20.58 ? 2075 LYS A CG  1 
ATOM   315  C  CD  . LYS A 1 42  ? -0.879  12.677  1.421   1.00 24.07 ? 2075 LYS A CD  1 
ATOM   316  C  CE  . LYS A 1 42  ? -0.757  13.748  0.360   1.00 28.15 ? 2075 LYS A CE  1 
ATOM   317  N  NZ  . LYS A 1 42  ? -0.502  15.074  0.980   1.00 31.80 ? 2075 LYS A NZ  1 
ATOM   318  N  N   . PHE A 1 43  ? -0.641  7.258   2.349   1.00 16.54 ? 2076 PHE A N   1 
ATOM   319  C  CA  . PHE A 1 43  ? -0.175  6.486   3.490   1.00 17.90 ? 2076 PHE A CA  1 
ATOM   320  C  C   . PHE A 1 43  ? 0.901   7.273   4.192   1.00 18.62 ? 2076 PHE A C   1 
ATOM   321  O  O   . PHE A 1 43  ? 1.725   7.911   3.535   1.00 19.77 ? 2076 PHE A O   1 
ATOM   322  C  CB  . PHE A 1 43  ? 0.389   5.147   3.050   1.00 18.67 ? 2076 PHE A CB  1 
ATOM   323  C  CG  . PHE A 1 43  ? -0.657  4.159   2.601   1.00 18.69 ? 2076 PHE A CG  1 
ATOM   324  C  CD1 . PHE A 1 43  ? -1.591  3.678   3.502   1.00 19.75 ? 2076 PHE A CD1 1 
ATOM   325  C  CD2 . PHE A 1 43  ? -0.656  3.661   1.325   1.00 20.45 ? 2076 PHE A CD2 1 
ATOM   326  C  CE1 . PHE A 1 43  ? -2.539  2.752   3.114   1.00 20.59 ? 2076 PHE A CE1 1 
ATOM   327  C  CE2 . PHE A 1 43  ? -1.597  2.712   0.934   1.00 19.26 ? 2076 PHE A CE2 1 
ATOM   328  C  CZ  . PHE A 1 43  ? -2.508  2.248   1.834   1.00 20.32 ? 2076 PHE A CZ  1 
ATOM   329  N  N   . TYR A 1 44  ? 0.887   7.233   5.529   1.00 17.64 ? 2077 TYR A N   1 
ATOM   330  C  CA  . TYR A 1 44  ? 1.906   7.886   6.335   1.00 18.71 ? 2077 TYR A CA  1 
ATOM   331  C  C   . TYR A 1 44  ? 2.575   6.799   7.169   1.00 18.31 ? 2077 TYR A C   1 
ATOM   332  O  O   . TYR A 1 44  ? 1.895   5.996   7.838   1.00 17.29 ? 2077 TYR A O   1 
ATOM   333  C  CB  . TYR A 1 44  ? 1.283   8.953   7.219   1.00 18.53 ? 2077 TYR A CB  1 
ATOM   334  C  CG  . TYR A 1 44  ? 2.261   9.547   8.182   1.00 19.67 ? 2077 TYR A CG  1 
ATOM   335  C  CD1 . TYR A 1 44  ? 3.259   10.401  7.735   1.00 20.74 ? 2077 TYR A CD1 1 
ATOM   336  C  CD2 . TYR A 1 44  ? 2.206   9.233   9.532   1.00 19.40 ? 2077 TYR A CD2 1 
ATOM   337  C  CE1 . TYR A 1 44  ? 4.175   10.953  8.623   1.00 20.66 ? 2077 TYR A CE1 1 
ATOM   338  C  CE2 . TYR A 1 44  ? 3.126   9.768   10.422  1.00 21.32 ? 2077 TYR A CE2 1 
ATOM   339  C  CZ  . TYR A 1 44  ? 4.103   10.626  9.952   1.00 20.74 ? 2077 TYR A CZ  1 
ATOM   340  O  OH  . TYR A 1 44  ? 5.015   11.194  10.827  1.00 24.87 ? 2077 TYR A OH  1 
ATOM   341  N  N   . ILE A 1 45  ? 3.900   6.737   7.097   1.00 18.39 ? 2078 ILE A N   1 
ATOM   342  C  CA  . ILE A 1 45  ? 4.642   5.679   7.782   1.00 19.25 ? 2078 ILE A CA  1 
ATOM   343  C  C   . ILE A 1 45  ? 4.904   6.083   9.244   1.00 20.75 ? 2078 ILE A C   1 
ATOM   344  O  O   . ILE A 1 45  ? 5.786   6.901   9.561   1.00 22.49 ? 2078 ILE A O   1 
ATOM   345  C  CB  . ILE A 1 45  ? 5.954   5.280   7.062   1.00 19.64 ? 2078 ILE A CB  1 
ATOM   346  C  CG1 . ILE A 1 45  ? 5.734   5.086   5.546   1.00 20.33 ? 2078 ILE A CG1 1 
ATOM   347  C  CG2 . ILE A 1 45  ? 6.539   4.036   7.695   1.00 19.57 ? 2078 ILE A CG2 1 
ATOM   348  C  CD1 . ILE A 1 45  ? 4.722   4.048   5.153   1.00 20.55 ? 2078 ILE A CD1 1 
ATOM   349  N  N   . VAL A 1 46  ? 4.096   5.521   10.137  1.00 20.46 ? 2079 VAL A N   1 
ATOM   350  C  CA  . VAL A 1 46  ? 4.135   5.916   11.552  1.00 21.13 ? 2079 VAL A CA  1 
ATOM   351  C  C   . VAL A 1 46  ? 5.378   5.358   12.251  1.00 21.08 ? 2079 VAL A C   1 
ATOM   352  O  O   . VAL A 1 46  ? 6.039   6.059   13.044  1.00 21.07 ? 2079 VAL A O   1 
ATOM   353  C  CB  . VAL A 1 46  ? 2.853   5.476   12.290  1.00 20.73 ? 2079 VAL A CB  1 
ATOM   354  C  CG1 . VAL A 1 46  ? 2.991   5.683   13.783  1.00 20.73 ? 2079 VAL A CG1 1 
ATOM   355  C  CG2 . VAL A 1 46  ? 1.635   6.258   11.797  1.00 20.08 ? 2079 VAL A CG2 1 
ATOM   356  N  N   . LYS A 1 47  ? 5.642   4.083   12.024  1.00 21.49 ? 2080 LYS A N   1 
ATOM   357  C  CA  . LYS A 1 47  ? 6.710   3.365   12.703  1.00 22.41 ? 2080 LYS A CA  1 
ATOM   358  C  C   . LYS A 1 47  ? 7.329   2.367   11.731  1.00 23.15 ? 2080 LYS A C   1 
ATOM   359  O  O   . LYS A 1 47  ? 6.632   1.544   11.122  1.00 22.38 ? 2080 LYS A O   1 
ATOM   360  C  CB  . LYS A 1 47  ? 6.166   2.657   13.949  1.00 23.72 ? 2080 LYS A CB  1 
ATOM   361  C  CG  . LYS A 1 47  ? 7.195   1.873   14.760  1.00 26.98 ? 2080 LYS A CG  1 
ATOM   362  C  CD  . LYS A 1 47  ? 8.287   2.770   15.308  1.00 31.80 ? 2080 LYS A CD  1 
ATOM   363  C  CE  . LYS A 1 47  ? 9.403   1.974   15.994  1.00 34.51 ? 2080 LYS A CE  1 
ATOM   364  N  NZ  . LYS A 1 47  ? 10.242  1.164   15.054  1.00 36.34 ? 2080 LYS A NZ  1 
ATOM   365  N  N   . GLU A 1 48  ? 8.652   2.455   11.590  1.00 22.10 ? 2081 GLU A N   1 
ATOM   366  C  CA  . GLU A 1 48  ? 9.423   1.502   10.821  1.00 22.06 ? 2081 GLU A CA  1 
ATOM   367  C  C   . GLU A 1 48  ? 10.831  1.377   11.417  1.00 24.27 ? 2081 GLU A C   1 
ATOM   368  O  O   . GLU A 1 48  ? 11.185  2.123   12.329  1.00 26.22 ? 2081 GLU A O   1 
ATOM   369  C  CB  . GLU A 1 48  ? 9.494   1.927   9.340   1.00 21.82 ? 2081 GLU A CB  1 
ATOM   370  C  CG  . GLU A 1 48  ? 8.637   1.061   8.406   1.00 22.06 ? 2081 GLU A CG  1 
ATOM   371  C  CD  . GLU A 1 48  ? 9.216   -0.328  8.188   1.00 23.16 ? 2081 GLU A CD  1 
ATOM   372  O  OE1 . GLU A 1 48  ? 8.675   -1.095  7.352   1.00 21.10 ? 2081 GLU A OE1 1 
ATOM   373  O  OE2 . GLU A 1 48  ? 10.231  -0.676  8.854   1.00 22.60 ? 2081 GLU A OE2 1 
ATOM   374  N  N   . ASN A 1 49  ? 11.585  0.414   10.900  1.00 26.26 ? 2082 ASN A N   1 
ATOM   375  C  CA  . ASN A 1 49  ? 13.033  0.278   11.170  1.00 28.59 ? 2082 ASN A CA  1 
ATOM   376  C  C   . ASN A 1 49  ? 13.792  0.925   10.035  1.00 28.11 ? 2082 ASN A C   1 
ATOM   377  O  O   . ASN A 1 49  ? 13.891  0.361   8.949   1.00 27.36 ? 2082 ASN A O   1 
ATOM   378  C  CB  . ASN A 1 49  ? 13.399  -1.192  11.305  1.00 29.80 ? 2082 ASN A CB  1 
ATOM   379  C  CG  . ASN A 1 49  ? 12.632  -1.870  12.407  1.00 31.29 ? 2082 ASN A CG  1 
ATOM   380  O  OD1 . ASN A 1 49  ? 11.781  -2.734  12.165  1.00 35.36 ? 2082 ASN A OD1 1 
ATOM   381  N  ND2 . ASN A 1 49  ? 12.894  -1.452  13.633  1.00 32.70 ? 2082 ASN A ND2 1 
ATOM   382  N  N   . ARG A 1 50  ? 14.280  2.138   10.273  1.00 29.56 ? 2083 ARG A N   1 
ATOM   383  C  CA  . ARG A 1 50  ? 14.958  2.906   9.241   1.00 31.25 ? 2083 ARG A CA  1 
ATOM   384  C  C   . ARG A 1 50  ? 16.147  2.118   8.703   1.00 32.87 ? 2083 ARG A C   1 
ATOM   385  O  O   . ARG A 1 50  ? 16.939  1.559   9.477   1.00 33.94 ? 2083 ARG A O   1 
ATOM   386  C  CB  . ARG A 1 50  ? 15.429  4.252   9.780   1.00 33.33 ? 2083 ARG A CB  1 
ATOM   387  C  CG  A ARG A 1 50  ? 14.306  5.233   10.083  0.60 33.87 ? 2083 ARG A CG  1 
ATOM   388  C  CG  B ARG A 1 50  ? 14.305  5.247   10.023  0.40 34.16 ? 2083 ARG A CG  1 
ATOM   389  C  CD  A ARG A 1 50  ? 14.787  6.326   11.027  0.60 34.33 ? 2083 ARG A CD  1 
ATOM   390  C  CD  B ARG A 1 50  ? 14.843  6.654   10.238  0.40 34.99 ? 2083 ARG A CD  1 
ATOM   391  N  NE  A ARG A 1 50  ? 13.694  7.056   11.667  0.60 34.02 ? 2083 ARG A NE  1 
ATOM   392  N  NE  B ARG A 1 50  ? 13.828  7.673   9.992   0.40 35.72 ? 2083 ARG A NE  1 
ATOM   393  C  CZ  A ARG A 1 50  ? 12.965  8.016   11.094  0.60 34.34 ? 2083 ARG A CZ  1 
ATOM   394  C  CZ  B ARG A 1 50  ? 13.027  8.174   10.927  0.40 36.16 ? 2083 ARG A CZ  1 
ATOM   395  N  NH1 A ARG A 1 50  ? 13.169  8.380   9.824   0.60 34.68 ? 2083 ARG A NH1 1 
ATOM   396  N  NH1 B ARG A 1 50  ? 12.140  9.106   10.604  0.40 36.48 ? 2083 ARG A NH1 1 
ATOM   397  N  NH2 A ARG A 1 50  ? 12.013  8.618   11.798  0.60 34.62 ? 2083 ARG A NH2 1 
ATOM   398  N  NH2 B ARG A 1 50  ? 13.115  7.748   12.184  0.40 36.44 ? 2083 ARG A NH2 1 
ATOM   399  N  N   . GLY A 1 51  ? 16.245  2.047   7.382   1.00 33.60 ? 2084 GLY A N   1 
ATOM   400  C  CA  . GLY A 1 51  ? 17.309  1.279   6.725   1.00 33.64 ? 2084 GLY A CA  1 
ATOM   401  C  C   . GLY A 1 51  ? 17.130  -0.228  6.686   1.00 32.66 ? 2084 GLY A C   1 
ATOM   402  O  O   . GLY A 1 51  ? 17.994  -0.935  6.183   1.00 34.59 ? 2084 GLY A O   1 
ATOM   403  N  N   . ASN A 1 52  ? 16.032  -0.749  7.226   1.00 30.26 ? 2085 ASN A N   1 
ATOM   404  C  CA  . ASN A 1 52  ? 15.761  -2.179  7.158   1.00 29.76 ? 2085 ASN A CA  1 
ATOM   405  C  C   . ASN A 1 52  ? 14.255  -2.385  7.198   1.00 27.68 ? 2085 ASN A C   1 
ATOM   406  O  O   . ASN A 1 52  ? 13.732  -3.155  8.001   1.00 27.10 ? 2085 ASN A O   1 
ATOM   407  C  CB  . ASN A 1 52  ? 16.441  -2.910  8.315   1.00 33.07 ? 2085 ASN A CB  1 
ATOM   408  C  CG  . ASN A 1 52  ? 16.378  -4.418  8.182   1.00 34.09 ? 2085 ASN A CG  1 
ATOM   409  O  OD1 . ASN A 1 52  ? 16.405  -4.980  7.077   1.00 36.23 ? 2085 ASN A OD1 1 
ATOM   410  N  ND2 . ASN A 1 52  ? 16.295  -5.088  9.314   1.00 36.48 ? 2085 ASN A ND2 1 
ATOM   411  N  N   . GLU A 1 53  ? 13.577  -1.684  6.296   1.00 26.46 ? 2086 GLU A N   1 
ATOM   412  C  CA  . GLU A 1 53  ? 12.108  -1.602  6.325   1.00 25.57 ? 2086 GLU A CA  1 
ATOM   413  C  C   . GLU A 1 53  ? 11.500  -2.918  5.883   1.00 25.41 ? 2086 GLU A C   1 
ATOM   414  O  O   . GLU A 1 53  ? 12.148  -3.712  5.180   1.00 24.86 ? 2086 GLU A O   1 
ATOM   415  C  CB  . GLU A 1 53  ? 11.610  -0.459  5.437   1.00 25.25 ? 2086 GLU A CB  1 
ATOM   416  C  CG  . GLU A 1 53  ? 11.906  0.933   5.961   1.00 26.09 ? 2086 GLU A CG  1 
ATOM   417  C  CD  . GLU A 1 53  ? 13.322  1.419   5.670   1.00 27.48 ? 2086 GLU A CD  1 
ATOM   418  O  OE1 . GLU A 1 53  ? 14.088  0.701   5.009   1.00 26.24 ? 2086 GLU A OE1 1 
ATOM   419  O  OE2 . GLU A 1 53  ? 13.669  2.519   6.125   1.00 27.11 ? 2086 GLU A OE2 1 
ATOM   420  N  N   . GLY A 1 54  ? 10.247  -3.141  6.294   1.00 22.35 ? 2087 GLY A N   1 
ATOM   421  C  CA  . GLY A 1 54  ? 9.536   -4.383  6.043   1.00 22.35 ? 2087 GLY A CA  1 
ATOM   422  C  C   . GLY A 1 54  ? 8.131   -4.174  5.494   1.00 21.26 ? 2087 GLY A C   1 
ATOM   423  O  O   . GLY A 1 54  ? 7.325   -5.070  5.528   1.00 21.29 ? 2087 GLY A O   1 
ATOM   424  N  N   . THR A 1 55  ? 7.864   -2.970  5.000   1.00 20.55 ? 2088 THR A N   1 
ATOM   425  C  CA  . THR A 1 55  ? 6.535   -2.552  4.524   1.00 19.75 ? 2088 THR A CA  1 
ATOM   426  C  C   . THR A 1 55  ? 6.471   -2.398  3.015   1.00 19.57 ? 2088 THR A C   1 
ATOM   427  O  O   . THR A 1 55  ? 7.414   -1.867  2.396   1.00 19.44 ? 2088 THR A O   1 
ATOM   428  C  CB  . THR A 1 55  ? 6.212   -1.182  5.122   1.00 20.36 ? 2088 THR A CB  1 
ATOM   429  O  OG1 . THR A 1 55  ? 6.190   -1.294  6.547   1.00 20.10 ? 2088 THR A OG1 1 
ATOM   430  C  CG2 . THR A 1 55  ? 4.866   -0.627  4.625   1.00 20.62 ? 2088 THR A CG2 1 
ATOM   431  N  N   . CYS A 1 56  ? 5.325   -2.771  2.448   1.00 18.64 ? 2089 CYS A N   1 
ATOM   432  C  CA  . CYS A 1 56  ? 4.927   -2.328  1.107   1.00 18.16 ? 2089 CYS A CA  1 
ATOM   433  C  C   . CYS A 1 56  ? 3.556   -1.686  1.217   1.00 17.79 ? 2089 CYS A C   1 
ATOM   434  O  O   . CYS A 1 56  ? 2.774   -2.082  2.074   1.00 17.32 ? 2089 CYS A O   1 
ATOM   435  C  CB  . CYS A 1 56  ? 4.792   -3.473  0.129   1.00 19.36 ? 2089 CYS A CB  1 
ATOM   436  S  SG  . CYS A 1 56  ? 6.319   -4.398  -0.197  1.00 21.12 ? 2089 CYS A SG  1 
ATOM   437  N  N   . VAL A 1 57  ? 3.266   -0.717  0.351   1.00 17.99 ? 2090 VAL A N   1 
ATOM   438  C  CA  . VAL A 1 57  ? 1.926   -0.111  0.286   1.00 17.72 ? 2090 VAL A CA  1 
ATOM   439  C  C   . VAL A 1 57  ? 1.387   -0.227  -1.110  1.00 17.42 ? 2090 VAL A C   1 
ATOM   440  O  O   . VAL A 1 57  ? 2.142   -0.396  -2.048  1.00 17.70 ? 2090 VAL A O   1 
ATOM   441  C  CB  . VAL A 1 57  ? 1.941   1.361   0.729   1.00 16.81 ? 2090 VAL A CB  1 
ATOM   442  C  CG1 . VAL A 1 57  ? 2.570   1.470   2.112   1.00 18.72 ? 2090 VAL A CG1 1 
ATOM   443  C  CG2 . VAL A 1 57  ? 2.671   2.282   -0.268  1.00 17.31 ? 2090 VAL A CG2 1 
ATOM   444  N  N   . GLY A 1 58  ? 0.077   -0.163  -1.264  1.00 16.62 ? 2091 GLY A N   1 
ATOM   445  C  CA  . GLY A 1 58  ? -0.475  -0.192  -2.604  1.00 16.39 ? 2091 GLY A CA  1 
ATOM   446  C  C   . GLY A 1 58  ? -1.954  -0.460  -2.587  1.00 15.32 ? 2091 GLY A C   1 
ATOM   447  O  O   . GLY A 1 58  ? -2.683  0.131   -1.782  1.00 14.96 ? 2091 GLY A O   1 
ATOM   448  N  N   . VAL A 1 59  ? -2.402  -1.311  -3.507  1.00 16.21 ? 2092 VAL A N   1 
ATOM   449  C  CA  . VAL A 1 59  ? -3.803  -1.721  -3.584  1.00 16.47 ? 2092 VAL A CA  1 
ATOM   450  C  C   . VAL A 1 59  ? -3.909  -3.238  -3.754  1.00 17.06 ? 2092 VAL A C   1 
ATOM   451  O  O   . VAL A 1 59  ? -2.954  -3.883  -4.210  1.00 18.17 ? 2092 VAL A O   1 
ATOM   452  C  CB  . VAL A 1 59  ? -4.550  -1.004  -4.734  1.00 16.48 ? 2092 VAL A CB  1 
ATOM   453  C  CG1 . VAL A 1 59  ? -4.688  0.478   -4.425  1.00 16.50 ? 2092 VAL A CG1 1 
ATOM   454  C  CG2 . VAL A 1 59  ? -3.850  -1.228  -6.069  1.00 17.58 ? 2092 VAL A CG2 1 
ATOM   455  N  N   . SER A 1 60  ? -5.052  -3.777  -3.360  1.00 16.83 ? 2093 SER A N   1 
ATOM   456  C  CA  . SER A 1 60  ? -5.308  -5.216  -3.370  1.00 16.52 ? 2093 SER A CA  1 
ATOM   457  C  C   . SER A 1 60  ? -6.727  -5.541  -3.792  1.00 17.62 ? 2093 SER A C   1 
ATOM   458  O  O   . SER A 1 60  ? -7.688  -4.815  -3.477  1.00 17.27 ? 2093 SER A O   1 
ATOM   459  C  CB  . SER A 1 60  ? -5.090  -5.804  -1.983  1.00 16.96 ? 2093 SER A CB  1 
ATOM   460  O  OG  . SER A 1 60  ? -5.194  -7.221  -2.001  1.00 17.24 ? 2093 SER A OG  1 
ATOM   461  N  N   . ARG A 1 61  ? -6.846  -6.695  -4.445  1.00 17.82 ? 2094 ARG A N   1 
ATOM   462  C  CA  . ARG A 1 61  ? -8.112  -7.394  -4.574  1.00 19.50 ? 2094 ARG A CA  1 
ATOM   463  C  C   . ARG A 1 61  ? -8.543  -7.981  -3.252  1.00 18.92 ? 2094 ARG A C   1 
ATOM   464  O  O   . ARG A 1 61  ? -7.720  -8.191  -2.346  1.00 19.24 ? 2094 ARG A O   1 
ATOM   465  C  CB  . ARG A 1 61  ? -7.953  -8.561  -5.550  1.00 22.06 ? 2094 ARG A CB  1 
ATOM   466  C  CG  . ARG A 1 61  ? -7.708  -8.135  -6.964  1.00 23.46 ? 2094 ARG A CG  1 
ATOM   467  C  CD  . ARG A 1 61  ? -7.551  -9.374  -7.830  1.00 24.49 ? 2094 ARG A CD  1 
ATOM   468  N  NE  . ARG A 1 61  ? -7.699  -9.025  -9.240  1.00 25.23 ? 2094 ARG A NE  1 
ATOM   469  C  CZ  . ARG A 1 61  ? -6.711  -8.863  -10.112 1.00 25.94 ? 2094 ARG A CZ  1 
ATOM   470  N  NH1 . ARG A 1 61  ? -5.425  -9.035  -9.801  1.00 24.00 ? 2094 ARG A NH1 1 
ATOM   471  N  NH2 . ARG A 1 61  ? -7.034  -8.556  -11.351 1.00 25.53 ? 2094 ARG A NH2 1 
ATOM   472  N  N   . TRP A 1 62  ? -9.831  -8.303  -3.152  1.00 20.74 ? 2095 TRP A N   1 
ATOM   473  C  CA  . TRP A 1 62  ? -10.351 -9.072  -2.033  1.00 23.21 ? 2095 TRP A CA  1 
ATOM   474  C  C   . TRP A 1 62  ? -11.273 -10.159 -2.589  1.00 23.62 ? 2095 TRP A C   1 
ATOM   475  O  O   . TRP A 1 62  ? -12.130 -9.838  -3.412  1.00 24.32 ? 2095 TRP A O   1 
ATOM   476  C  CB  . TRP A 1 62  ? -11.123 -8.169  -1.092  1.00 24.02 ? 2095 TRP A CB  1 
ATOM   477  C  CG  . TRP A 1 62  ? -11.615 -8.899  0.113   1.00 26.67 ? 2095 TRP A CG  1 
ATOM   478  C  CD1 . TRP A 1 62  ? -12.903 -9.226  0.403   1.00 29.47 ? 2095 TRP A CD1 1 
ATOM   479  C  CD2 . TRP A 1 62  ? -10.817 -9.389  1.194   1.00 26.22 ? 2095 TRP A CD2 1 
ATOM   480  N  NE1 . TRP A 1 62  ? -12.955 -9.907  1.598   1.00 32.56 ? 2095 TRP A NE1 1 
ATOM   481  C  CE2 . TRP A 1 62  ? -11.689 -10.014 2.103   1.00 28.79 ? 2095 TRP A CE2 1 
ATOM   482  C  CE3 . TRP A 1 62  ? -9.456  -9.358  1.478   1.00 25.66 ? 2095 TRP A CE3 1 
ATOM   483  C  CZ2 . TRP A 1 62  ? -11.238 -10.604 3.274   1.00 29.66 ? 2095 TRP A CZ2 1 
ATOM   484  C  CZ3 . TRP A 1 62  ? -9.010  -9.941  2.638   1.00 28.16 ? 2095 TRP A CZ3 1 
ATOM   485  C  CH2 . TRP A 1 62  ? -9.899  -10.543 3.527   1.00 29.04 ? 2095 TRP A CH2 1 
ATOM   486  N  N   . PRO A 1 63  ? -11.130 -11.425 -2.168  1.00 26.85 ? 2096 PRO A N   1 
ATOM   487  C  CA  . PRO A 1 63  ? -10.185 -11.920 -1.168  1.00 26.47 ? 2096 PRO A CA  1 
ATOM   488  C  C   . PRO A 1 63  ? -8.729  -11.978 -1.625  1.00 25.66 ? 2096 PRO A C   1 
ATOM   489  O  O   . PRO A 1 63  ? -8.437  -11.881 -2.808  1.00 26.98 ? 2096 PRO A O   1 
ATOM   490  C  CB  . PRO A 1 63  ? -10.690 -13.354 -0.907  1.00 29.40 ? 2096 PRO A CB  1 
ATOM   491  C  CG  . PRO A 1 63  ? -11.333 -13.742 -2.183  1.00 29.43 ? 2096 PRO A CG  1 
ATOM   492  C  CD  . PRO A 1 63  ? -12.019 -12.494 -2.660  1.00 29.34 ? 2096 PRO A CD  1 
ATOM   493  N  N   . VAL A 1 64  ? -7.832  -12.077 -0.655  1.00 26.13 ? 2097 VAL A N   1 
ATOM   494  C  CA  . VAL A 1 64  ? -6.406  -12.218 -0.883  1.00 24.14 ? 2097 VAL A CA  1 
ATOM   495  C  C   . VAL A 1 64  ? -6.072  -13.709 -0.839  1.00 25.56 ? 2097 VAL A C   1 
ATOM   496  O  O   . VAL A 1 64  ? -6.392  -14.401 0.143   1.00 26.93 ? 2097 VAL A O   1 
ATOM   497  C  CB  . VAL A 1 64  ? -5.613  -11.470 0.209   1.00 23.83 ? 2097 VAL A CB  1 
ATOM   498  C  CG1 . VAL A 1 64  ? -4.127  -11.810 0.177   1.00 23.88 ? 2097 VAL A CG1 1 
ATOM   499  C  CG2 . VAL A 1 64  ? -5.819  -9.968  0.035   1.00 24.15 ? 2097 VAL A CG2 1 
ATOM   500  N  N   . HIS A 1 65  ? -5.452  -14.206 -1.905  1.00 27.85 ? 2098 HIS A N   1 
ATOM   501  C  CA  . HIS A 1 65  ? -4.934  -15.584 -1.926  1.00 28.70 ? 2098 HIS A CA  1 
ATOM   502  C  C   . HIS A 1 65  ? -3.416  -15.659 -1.839  1.00 31.01 ? 2098 HIS A C   1 
ATOM   503  O  O   . HIS A 1 65  ? -2.873  -16.646 -1.339  1.00 33.86 ? 2098 HIS A O   1 
ATOM   504  C  CB  . HIS A 1 65  ? -5.405  -16.284 -3.196  1.00 31.06 ? 2098 HIS A CB  1 
ATOM   505  C  CG  . HIS A 1 65  ? -6.891  -16.425 -3.273  1.00 33.21 ? 2098 HIS A CG  1 
ATOM   506  N  ND1 . HIS A 1 65  ? -7.650  -15.798 -4.234  1.00 35.58 ? 2098 HIS A ND1 1 
ATOM   507  C  CD2 . HIS A 1 65  ? -7.764  -17.092 -2.484  1.00 35.14 ? 2098 HIS A CD2 1 
ATOM   508  C  CE1 . HIS A 1 65  ? -8.925  -16.080 -4.043  1.00 35.53 ? 2098 HIS A CE1 1 
ATOM   509  N  NE2 . HIS A 1 65  ? -9.020  -16.866 -2.989  1.00 36.12 ? 2098 HIS A NE2 1 
ATOM   510  N  N   . ASP A 1 66  ? -2.732  -14.641 -2.349  1.00 26.55 ? 2099 ASP A N   1 
ATOM   511  C  CA  . ASP A 1 66  ? -1.292  -14.561 -2.332  1.00 26.16 ? 2099 ASP A CA  1 
ATOM   512  C  C   . ASP A 1 66  ? -0.942  -13.154 -1.892  1.00 24.80 ? 2099 ASP A C   1 
ATOM   513  O  O   . ASP A 1 66  ? -1.378  -12.194 -2.534  1.00 23.33 ? 2099 ASP A O   1 
ATOM   514  C  CB  . ASP A 1 66  ? -0.750  -14.834 -3.744  1.00 26.94 ? 2099 ASP A CB  1 
ATOM   515  C  CG  . ASP A 1 66  ? 0.766   -14.819 -3.817  1.00 25.31 ? 2099 ASP A CG  1 
ATOM   516  O  OD1 . ASP A 1 66  ? 1.441   -14.483 -2.822  1.00 25.39 ? 2099 ASP A OD1 1 
ATOM   517  O  OD2 . ASP A 1 66  ? 1.308   -15.106 -4.909  1.00 24.48 ? 2099 ASP A OD2 1 
ATOM   518  N  N   . PHE A 1 67  ? -0.245  -13.022 -0.760  1.00 23.82 ? 2100 PHE A N   1 
ATOM   519  C  CA  . PHE A 1 67  ? 0.272   -11.726 -0.324  1.00 23.09 ? 2100 PHE A CA  1 
ATOM   520  C  C   . PHE A 1 67  ? 1.785   -11.657 -0.228  1.00 23.41 ? 2100 PHE A C   1 
ATOM   521  O  O   . PHE A 1 67  ? 2.312   -10.747 0.364   1.00 24.32 ? 2100 PHE A O   1 
ATOM   522  C  CB  . PHE A 1 67  ? -0.408  -11.246 0.987   1.00 23.33 ? 2100 PHE A CB  1 
ATOM   523  C  CG  . PHE A 1 67  ? -0.109  -12.080 2.219   1.00 24.15 ? 2100 PHE A CG  1 
ATOM   524  C  CD1 . PHE A 1 67  ? -0.899  -13.158 2.549   1.00 25.42 ? 2100 PHE A CD1 1 
ATOM   525  C  CD2 . PHE A 1 67  ? 0.869   -11.680 3.110   1.00 25.79 ? 2100 PHE A CD2 1 
ATOM   526  C  CE1 . PHE A 1 67  ? -0.657  -13.888 3.717   1.00 26.78 ? 2100 PHE A CE1 1 
ATOM   527  C  CE2 . PHE A 1 67  ? 1.124   -12.399 4.270   1.00 26.15 ? 2100 PHE A CE2 1 
ATOM   528  C  CZ  . PHE A 1 67  ? 0.357   -13.500 4.573   1.00 27.12 ? 2100 PHE A CZ  1 
ATOM   529  N  N   . ASN A 1 68  ? 2.486   -12.614 -0.855  1.00 23.45 ? 2101 ASN A N   1 
ATOM   530  C  CA  . ASN A 1 68  ? 3.937   -12.558 -1.002  1.00 23.86 ? 2101 ASN A CA  1 
ATOM   531  C  C   . ASN A 1 68  ? 4.236   -11.514 -2.058  1.00 23.52 ? 2101 ASN A C   1 
ATOM   532  O  O   . ASN A 1 68  ? 3.832   -11.670 -3.218  1.00 22.10 ? 2101 ASN A O   1 
ATOM   533  C  CB  . ASN A 1 68  ? 4.443   -13.930 -1.468  1.00 24.86 ? 2101 ASN A CB  1 
ATOM   534  C  CG  . ASN A 1 68  ? 5.943   -13.999 -1.673  1.00 28.34 ? 2101 ASN A CG  1 
ATOM   535  O  OD1 . ASN A 1 68  ? 6.677   -13.020 -1.553  1.00 27.70 ? 2101 ASN A OD1 1 
ATOM   536  N  ND2 . ASN A 1 68  ? 6.413   -15.205 -1.994  1.00 29.82 ? 2101 ASN A ND2 1 
ATOM   537  N  N   . HIS A 1 69  ? 4.907   -10.442 -1.662  1.00 26.18 ? 2102 HIS A N   1 
ATOM   538  C  CA  . HIS A 1 69  ? 5.197   -9.363  -2.603  1.00 26.62 ? 2102 HIS A CA  1 
ATOM   539  C  C   . HIS A 1 69  ? 5.969   -9.834  -3.837  1.00 26.98 ? 2102 HIS A C   1 
ATOM   540  O  O   . HIS A 1 69  ? 5.795   -9.260  -4.904  1.00 27.38 ? 2102 HIS A O   1 
ATOM   541  C  CB  . HIS A 1 69  ? 5.877   -8.156  -1.933  1.00 27.64 ? 2102 HIS A CB  1 
ATOM   542  C  CG  . HIS A 1 69  ? 7.253   -8.429  -1.427  1.00 26.76 ? 2102 HIS A CG  1 
ATOM   543  N  ND1 . HIS A 1 69  ? 7.501   -9.242  -0.343  1.00 27.82 ? 2102 HIS A ND1 1 
ATOM   544  C  CD2 . HIS A 1 69  ? 8.456   -7.962  -1.829  1.00 28.68 ? 2102 HIS A CD2 1 
ATOM   545  C  CE1 . HIS A 1 69  ? 8.799   -9.284  -0.114  1.00 27.97 ? 2102 HIS A CE1 1 
ATOM   546  N  NE2 . HIS A 1 69  ? 9.402   -8.521  -1.006  1.00 29.94 ? 2102 HIS A NE2 1 
ATOM   547  N  N   . ARG A 1 70  ? 6.792   -10.881 -3.704  1.00 26.69 ? 2103 ARG A N   1 
ATOM   548  C  CA  . ARG A 1 70  ? 7.598   -11.377 -4.822  1.00 29.10 ? 2103 ARG A CA  1 
ATOM   549  C  C   . ARG A 1 70  ? 6.785   -12.085 -5.908  1.00 27.08 ? 2103 ARG A C   1 
ATOM   550  O  O   . ARG A 1 70  ? 7.229   -12.156 -7.060  1.00 28.68 ? 2103 ARG A O   1 
ATOM   551  C  CB  . ARG A 1 70  ? 8.692   -12.316 -4.291  1.00 31.83 ? 2103 ARG A CB  1 
ATOM   552  C  CG  . ARG A 1 70  ? 9.691   -11.632 -3.382  1.00 35.47 ? 2103 ARG A CG  1 
ATOM   553  C  CD  . ARG A 1 70  ? 11.024  -11.431 -4.062  1.00 39.00 ? 2103 ARG A CD  1 
ATOM   554  N  NE  . ARG A 1 70  ? 11.926  -10.646 -3.223  1.00 41.89 ? 2103 ARG A NE  1 
ATOM   555  C  CZ  . ARG A 1 70  ? 12.653  -9.608  -3.634  1.00 42.44 ? 2103 ARG A CZ  1 
ATOM   556  N  NH1 . ARG A 1 70  ? 12.623  -9.197  -4.900  1.00 45.31 ? 2103 ARG A NH1 1 
ATOM   557  N  NH2 . ARG A 1 70  ? 13.438  -8.976  -2.765  1.00 46.29 ? 2103 ARG A NH2 1 
ATOM   558  N  N   . THR A 1 71  ? 5.603   -12.605 -5.555  1.00 24.39 ? 2104 THR A N   1 
ATOM   559  C  CA  . THR A 1 71  ? 4.775   -13.381 -6.477  1.00 23.79 ? 2104 THR A CA  1 
ATOM   560  C  C   . THR A 1 71  ? 3.358   -12.865 -6.714  1.00 24.46 ? 2104 THR A C   1 
ATOM   561  O  O   . THR A 1 71  ? 2.760   -13.176 -7.736  1.00 23.50 ? 2104 THR A O   1 
ATOM   562  C  CB  . THR A 1 71  ? 4.648   -14.844 -6.034  1.00 24.36 ? 2104 THR A CB  1 
ATOM   563  O  OG1 . THR A 1 71  ? 4.002   -14.933 -4.753  1.00 24.35 ? 2104 THR A OG1 1 
ATOM   564  C  CG2 . THR A 1 71  ? 6.018   -15.470 -5.944  1.00 24.75 ? 2104 THR A CG2 1 
ATOM   565  N  N   . THR A 1 72  ? 2.813   -12.085 -5.775  1.00 23.20 ? 2105 THR A N   1 
ATOM   566  C  CA  . THR A 1 72  ? 1.393   -11.796 -5.822  1.00 21.63 ? 2105 THR A CA  1 
ATOM   567  C  C   . THR A 1 72  ? 0.917   -11.049 -7.078  1.00 20.46 ? 2105 THR A C   1 
ATOM   568  O  O   . THR A 1 72  ? 1.558   -10.122 -7.529  1.00 21.82 ? 2105 THR A O   1 
ATOM   569  C  CB  . THR A 1 72  ? 0.928   -10.980 -4.574  1.00 21.97 ? 2105 THR A CB  1 
ATOM   570  O  OG1 . THR A 1 72  ? -0.492  -10.837 -4.611  1.00 23.08 ? 2105 THR A OG1 1 
ATOM   571  C  CG2 . THR A 1 72  ? 1.588   -9.653  -4.509  1.00 24.16 ? 2105 THR A CG2 1 
ATOM   572  N  N   . SER A 1 73  ? -0.204  -11.516 -7.607  1.00 20.44 ? 2106 SER A N   1 
ATOM   573  C  CA  . SER A 1 73  ? -1.007  -10.792 -8.599  1.00 21.15 ? 2106 SER A CA  1 
ATOM   574  C  C   . SER A 1 73  ? -2.314  -10.278 -7.991  1.00 21.47 ? 2106 SER A C   1 
ATOM   575  O  O   . SER A 1 73  ? -3.119  -9.661  -8.692  1.00 22.54 ? 2106 SER A O   1 
ATOM   576  C  CB  . SER A 1 73  ? -1.292  -11.714 -9.797  1.00 22.12 ? 2106 SER A CB  1 
ATOM   577  O  OG  . SER A 1 73  ? -0.076  -11.958 -10.508 1.00 24.41 ? 2106 SER A OG  1 
ATOM   578  N  N   . ASP A 1 74  ? -2.516  -10.511 -6.689  1.00 20.49 ? 2107 ASP A N   1 
ATOM   579  C  CA  . ASP A 1 74  ? -3.686  -9.953  -5.998  1.00 20.78 ? 2107 ASP A CA  1 
ATOM   580  C  C   . ASP A 1 74  ? -3.451  -8.503  -5.608  1.00 19.06 ? 2107 ASP A C   1 
ATOM   581  O  O   . ASP A 1 74  ? -4.427  -7.748  -5.453  1.00 19.31 ? 2107 ASP A O   1 
ATOM   582  C  CB  . ASP A 1 74  ? -4.034  -10.766 -4.754  1.00 21.71 ? 2107 ASP A CB  1 
ATOM   583  C  CG  . ASP A 1 74  ? -4.677  -12.089 -5.083  1.00 24.80 ? 2107 ASP A CG  1 
ATOM   584  O  OD1 . ASP A 1 74  ? -5.321  -12.204 -6.159  1.00 27.36 ? 2107 ASP A OD1 1 
ATOM   585  O  OD2 . ASP A 1 74  ? -4.550  -13.000 -4.244  1.00 28.77 ? 2107 ASP A OD2 1 
HETATM 586  N  N   . MSE A 1 75  ? -2.187  -8.134  -5.466  1.00 18.11 ? 2108 MSE A N   1 
HETATM 587  C  CA  . MSE A 1 75  ? -1.777  -6.804  -4.993  1.00 17.90 ? 2108 MSE A CA  1 
HETATM 588  C  C   . MSE A 1 75  ? -0.857  -6.131  -5.978  1.00 18.18 ? 2108 MSE A C   1 
HETATM 589  O  O   . MSE A 1 75  ? -0.175  -6.776  -6.794  1.00 17.92 ? 2108 MSE A O   1 
HETATM 590  C  CB  . MSE A 1 75  ? -1.087  -6.886  -3.628  1.00 18.82 ? 2108 MSE A CB  1 
HETATM 591  C  CG  . MSE A 1 75  ? -1.893  -7.738  -2.653  1.00 19.06 ? 2108 MSE A CG  1 
HETATM 592  SE SE  . MSE A 1 75  ? -1.001  -7.695  -0.884  1.00 22.99 ? 2108 MSE A SE  1 
HETATM 593  C  CE  . MSE A 1 75  ? -2.607  -8.076  0.164   1.00 22.07 ? 2108 MSE A CE  1 
ATOM   594  N  N   . TRP A 1 76  ? -0.831  -4.824  -5.905  1.00 17.34 ? 2109 TRP A N   1 
ATOM   595  C  CA  . TRP A 1 76  ? 0.101   -3.977  -6.630  1.00 18.11 ? 2109 TRP A CA  1 
ATOM   596  C  C   . TRP A 1 76  ? 0.836   -3.194  -5.554  1.00 18.70 ? 2109 TRP A C   1 
ATOM   597  O  O   . TRP A 1 76  ? 0.221   -2.398  -4.819  1.00 17.98 ? 2109 TRP A O   1 
ATOM   598  C  CB  . TRP A 1 76  ? -0.648  -3.003  -7.546  1.00 17.64 ? 2109 TRP A CB  1 
ATOM   599  C  CG  . TRP A 1 76  ? -1.198  -3.558  -8.836  1.00 18.22 ? 2109 TRP A CG  1 
ATOM   600  C  CD1 . TRP A 1 76  ? -0.659  -3.376  -10.082 1.00 19.34 ? 2109 TRP A CD1 1 
ATOM   601  C  CD2 . TRP A 1 76  ? -2.397  -4.314  -9.029  1.00 18.64 ? 2109 TRP A CD2 1 
ATOM   602  N  NE1 . TRP A 1 76  ? -1.421  -3.998  -11.016 1.00 19.62 ? 2109 TRP A NE1 1 
ATOM   603  C  CE2 . TRP A 1 76  ? -2.509  -4.566  -10.420 1.00 19.04 ? 2109 TRP A CE2 1 
ATOM   604  C  CE3 . TRP A 1 76  ? -3.370  -4.838  -8.175  1.00 18.99 ? 2109 TRP A CE3 1 
ATOM   605  C  CZ2 . TRP A 1 76  ? -3.557  -5.300  -10.955 1.00 19.57 ? 2109 TRP A CZ2 1 
ATOM   606  C  CZ3 . TRP A 1 76  ? -4.421  -5.561  -8.721  1.00 19.58 ? 2109 TRP A CZ3 1 
ATOM   607  C  CH2 . TRP A 1 76  ? -4.512  -5.771  -10.103 1.00 19.55 ? 2109 TRP A CH2 1 
ATOM   608  N  N   . LEU A 1 77  ? 2.135   -3.424  -5.412  1.00 18.13 ? 2110 LEU A N   1 
ATOM   609  C  CA  . LEU A 1 77  ? 2.839   -3.007  -4.209  1.00 18.01 ? 2110 LEU A CA  1 
ATOM   610  C  C   . LEU A 1 77  ? 4.078   -2.190  -4.487  1.00 18.67 ? 2110 LEU A C   1 
ATOM   611  O  O   . LEU A 1 77  ? 4.766   -2.376  -5.499  1.00 19.80 ? 2110 LEU A O   1 
ATOM   612  C  CB  . LEU A 1 77  ? 3.220   -4.219  -3.372  1.00 18.83 ? 2110 LEU A CB  1 
ATOM   613  C  CG  . LEU A 1 77  ? 2.072   -5.042  -2.829  1.00 18.61 ? 2110 LEU A CG  1 
ATOM   614  C  CD1 . LEU A 1 77  ? 2.583   -6.340  -2.213  1.00 19.12 ? 2110 LEU A CD1 1 
ATOM   615  C  CD2 . LEU A 1 77  ? 1.259   -4.241  -1.816  1.00 18.84 ? 2110 LEU A CD2 1 
ATOM   616  N  N   . TYR A 1 78  ? 4.392   -1.326  -3.532  1.00 18.11 ? 2111 TYR A N   1 
ATOM   617  C  CA  . TYR A 1 78  ? 5.506   -0.388  -3.576  1.00 19.13 ? 2111 TYR A CA  1 
ATOM   618  C  C   . TYR A 1 78  ? 6.256   -0.550  -2.247  1.00 20.61 ? 2111 TYR A C   1 
ATOM   619  O  O   . TYR A 1 78  ? 5.703   -0.379  -1.147  1.00 20.48 ? 2111 TYR A O   1 
ATOM   620  C  CB  . TYR A 1 78  ? 4.947   1.033   -3.828  1.00 18.20 ? 2111 TYR A CB  1 
ATOM   621  C  CG  . TYR A 1 78  ? 5.858   2.228   -3.772  1.00 18.97 ? 2111 TYR A CG  1 
ATOM   622  C  CD1 . TYR A 1 78  ? 7.188   2.142   -4.162  1.00 19.36 ? 2111 TYR A CD1 1 
ATOM   623  C  CD2 . TYR A 1 78  ? 5.352   3.492   -3.437  1.00 19.30 ? 2111 TYR A CD2 1 
ATOM   624  C  CE1 . TYR A 1 78  ? 8.010   3.263   -4.114  1.00 20.89 ? 2111 TYR A CE1 1 
ATOM   625  C  CE2 . TYR A 1 78  ? 6.165   4.615   -3.404  1.00 21.12 ? 2111 TYR A CE2 1 
ATOM   626  C  CZ  . TYR A 1 78  ? 7.493   4.495   -3.762  1.00 21.08 ? 2111 TYR A CZ  1 
ATOM   627  O  OH  . TYR A 1 78  ? 8.294   5.628   -3.711  1.00 21.98 ? 2111 TYR A OH  1 
ATOM   628  N  N   . ARG A 1 79  ? 7.524   -0.934  -2.365  1.00 21.54 ? 2112 ARG A N   1 
ATOM   629  C  CA  . ARG A 1 79  ? 8.334   -1.387  -1.226  1.00 21.55 ? 2112 ARG A CA  1 
ATOM   630  C  C   . ARG A 1 79  ? 9.184   -0.269  -0.608  1.00 21.88 ? 2112 ARG A C   1 
ATOM   631  O  O   . ARG A 1 79  ? 9.979   0.394   -1.311  1.00 21.93 ? 2112 ARG A O   1 
ATOM   632  C  CB  . ARG A 1 79  ? 9.219   -2.543  -1.712  1.00 22.32 ? 2112 ARG A CB  1 
ATOM   633  C  CG  . ARG A 1 79  ? 10.134  -3.168  -0.686  1.00 22.33 ? 2112 ARG A CG  1 
ATOM   634  C  CD  . ARG A 1 79  ? 10.853  -4.352  -1.317  1.00 23.98 ? 2112 ARG A CD  1 
ATOM   635  N  NE  . ARG A 1 79  ? 11.940  -4.870  -0.493  1.00 24.95 ? 2112 ARG A NE  1 
ATOM   636  C  CZ  . ARG A 1 79  ? 12.991  -5.546  -0.964  1.00 27.05 ? 2112 ARG A CZ  1 
ATOM   637  N  NH1 . ARG A 1 79  ? 13.118  -5.788  -2.275  1.00 27.59 ? 2112 ARG A NH1 1 
ATOM   638  N  NH2 . ARG A 1 79  ? 13.923  -5.971  -0.117  1.00 27.39 ? 2112 ARG A NH2 1 
ATOM   639  N  N   . ALA A 1 80  ? 9.036   -0.073  0.712   1.00 20.05 ? 2113 ALA A N   1 
ATOM   640  C  CA  . ALA A 1 80  ? 9.685   1.012   1.415   1.00 21.62 ? 2113 ALA A CA  1 
ATOM   641  C  C   . ALA A 1 80  ? 11.206  0.930   1.295   1.00 21.96 ? 2113 ALA A C   1 
ATOM   642  O  O   . ALA A 1 80  ? 11.866  1.920   0.981   1.00 22.74 ? 2113 ALA A O   1 
ATOM   643  C  CB  . ALA A 1 80  ? 9.276   0.998   2.874   1.00 21.14 ? 2113 ALA A CB  1 
ATOM   644  N  N   . TYR A 1 81  ? 11.735  -0.260  1.535   1.00 23.63 ? 2114 TYR A N   1 
ATOM   645  C  CA  . TYR A 1 81  ? 13.182  -0.440  1.709   1.00 25.15 ? 2114 TYR A CA  1 
ATOM   646  C  C   . TYR A 1 81  ? 13.991  -0.024  0.483   1.00 26.57 ? 2114 TYR A C   1 
ATOM   647  O  O   . TYR A 1 81  ? 15.040  0.587   0.628   1.00 26.64 ? 2114 TYR A O   1 
ATOM   648  C  CB  . TYR A 1 81  ? 13.482  -1.896  2.049   1.00 25.57 ? 2114 TYR A CB  1 
ATOM   649  C  CG  . TYR A 1 81  ? 14.960  -2.214  2.052   1.00 27.88 ? 2114 TYR A CG  1 
ATOM   650  C  CD1 . TYR A 1 81  ? 15.766  -1.762  3.073   1.00 29.51 ? 2114 TYR A CD1 1 
ATOM   651  C  CD2 . TYR A 1 81  ? 15.543  -2.916  1.011   1.00 29.26 ? 2114 TYR A CD2 1 
ATOM   652  C  CE1 . TYR A 1 81  ? 17.125  -2.024  3.077   1.00 31.86 ? 2114 TYR A CE1 1 
ATOM   653  C  CE2 . TYR A 1 81  ? 16.908  -3.191  1.006   1.00 31.19 ? 2114 TYR A CE2 1 
ATOM   654  C  CZ  . TYR A 1 81  ? 17.685  -2.745  2.055   1.00 32.31 ? 2114 TYR A CZ  1 
ATOM   655  O  OH  . TYR A 1 81  ? 19.052  -3.000  2.083   1.00 35.21 ? 2114 TYR A OH  1 
ATOM   656  N  N   . SER A 1 82  ? 13.491  -0.374  -0.695  1.00 25.33 ? 2115 SER A N   1 
ATOM   657  C  CA  . SER A 1 82  ? 14.201  -0.219  -1.963  1.00 27.22 ? 2115 SER A CA  1 
ATOM   658  C  C   . SER A 1 82  ? 13.523  0.664   -3.008  1.00 26.54 ? 2115 SER A C   1 
ATOM   659  O  O   . SER A 1 82  ? 14.122  0.986   -4.046  1.00 28.22 ? 2115 SER A O   1 
ATOM   660  C  CB  . SER A 1 82  ? 14.361  -1.607  -2.566  1.00 27.22 ? 2115 SER A CB  1 
ATOM   661  O  OG  . SER A 1 82  ? 13.089  -2.224  -2.764  1.00 26.28 ? 2115 SER A OG  1 
ATOM   662  N  N   . GLY A 1 83  ? 12.251  1.007   -2.804  1.00 24.39 ? 2116 GLY A N   1 
ATOM   663  C  CA  . GLY A 1 83  ? 11.497  1.672   -3.853  1.00 24.79 ? 2116 GLY A CA  1 
ATOM   664  C  C   . GLY A 1 83  ? 11.017  0.772   -4.992  1.00 22.41 ? 2116 GLY A C   1 
ATOM   665  O  O   . GLY A 1 83  ? 10.398  1.273   -5.935  1.00 24.39 ? 2116 GLY A O   1 
ATOM   666  N  N   . ASN A 1 84  ? 11.245  -0.544  -4.898  1.00 23.42 ? 2117 ASN A N   1 
ATOM   667  C  CA  . ASN A 1 84  ? 10.815  -1.492  -5.928  1.00 24.18 ? 2117 ASN A CA  1 
ATOM   668  C  C   . ASN A 1 84  ? 9.300   -1.601  -5.968  1.00 24.27 ? 2117 ASN A C   1 
ATOM   669  O  O   . ASN A 1 84  ? 8.622   -1.297  -4.984  1.00 24.63 ? 2117 ASN A O   1 
ATOM   670  C  CB  . ASN A 1 84  ? 11.399  -2.907  -5.722  1.00 25.53 ? 2117 ASN A CB  1 
ATOM   671  C  CG  . ASN A 1 84  ? 12.894  -2.991  -6.023  1.00 27.75 ? 2117 ASN A CG  1 
ATOM   672  O  OD1 . ASN A 1 84  ? 13.698  -3.241  -5.129  1.00 26.79 ? 2117 ASN A OD1 1 
ATOM   673  N  ND2 . ASN A 1 84  ? 13.265  -2.758  -7.269  1.00 30.75 ? 2117 ASN A ND2 1 
ATOM   674  N  N   . LEU A 1 85  ? 8.808   -2.048  -7.117  1.00 22.07 ? 2118 LEU A N   1 
ATOM   675  C  CA  . LEU A 1 85  ? 7.390   -2.221  -7.436  1.00 22.04 ? 2118 LEU A CA  1 
ATOM   676  C  C   . LEU A 1 85  ? 7.129   -3.684  -7.784  1.00 22.42 ? 2118 LEU A C   1 
ATOM   677  O  O   . LEU A 1 85  ? 7.967   -4.342  -8.438  1.00 23.35 ? 2118 LEU A O   1 
ATOM   678  C  CB  . LEU A 1 85  ? 7.017   -1.347  -8.638  1.00 22.27 ? 2118 LEU A CB  1 
ATOM   679  C  CG  . LEU A 1 85  ? 7.093   0.161   -8.455  1.00 22.62 ? 2118 LEU A CG  1 
ATOM   680  C  CD1 . LEU A 1 85  ? 6.918   0.880   -9.781  1.00 21.86 ? 2118 LEU A CD1 1 
ATOM   681  C  CD2 . LEU A 1 85  ? 6.044   0.633   -7.447  1.00 23.89 ? 2118 LEU A CD2 1 
ATOM   682  N  N   . TYR A 1 86  ? 5.985   -4.201  -7.322  1.00 21.36 ? 2119 TYR A N   1 
ATOM   683  C  CA  . TYR A 1 86  ? 5.657   -5.616  -7.397  1.00 21.67 ? 2119 TYR A CA  1 
ATOM   684  C  C   . TYR A 1 86  ? 4.242   -5.779  -7.896  1.00 21.34 ? 2119 TYR A C   1 
ATOM   685  O  O   . TYR A 1 86  ? 3.298   -5.202  -7.348  1.00 20.70 ? 2119 TYR A O   1 
ATOM   686  C  CB  . TYR A 1 86  ? 5.801   -6.311  -6.028  1.00 21.54 ? 2119 TYR A CB  1 
ATOM   687  C  CG  . TYR A 1 86  ? 7.226   -6.251  -5.547  1.00 21.71 ? 2119 TYR A CG  1 
ATOM   688  C  CD1 . TYR A 1 86  ? 7.692   -5.153  -4.860  1.00 20.82 ? 2119 TYR A CD1 1 
ATOM   689  C  CD2 . TYR A 1 86  ? 8.129   -7.256  -5.871  1.00 22.81 ? 2119 TYR A CD2 1 
ATOM   690  C  CE1 . TYR A 1 86  ? 9.013   -5.050  -4.466  1.00 23.28 ? 2119 TYR A CE1 1 
ATOM   691  C  CE2 . TYR A 1 86  ? 9.455   -7.163  -5.491  1.00 23.58 ? 2119 TYR A CE2 1 
ATOM   692  C  CZ  . TYR A 1 86  ? 9.895   -6.069  -4.787  1.00 24.03 ? 2119 TYR A CZ  1 
ATOM   693  O  OH  . TYR A 1 86  ? 11.220  -5.956  -4.422  1.00 25.43 ? 2119 TYR A OH  1 
ATOM   694  N  N   . HIS A 1 87  ? 4.109   -6.529  -8.980  1.00 20.53 ? 2120 HIS A N   1 
ATOM   695  C  CA  . HIS A 1 87  ? 2.843   -7.075  -9.386  1.00 20.16 ? 2120 HIS A CA  1 
ATOM   696  C  C   . HIS A 1 87  ? 3.154   -8.222  -10.349 1.00 22.19 ? 2120 HIS A C   1 
ATOM   697  O  O   . HIS A 1 87  ? 3.772   -7.993  -11.376 1.00 21.97 ? 2120 HIS A O   1 
ATOM   698  C  CB  . HIS A 1 87  ? 1.928   -6.036  -10.057 1.00 20.75 ? 2120 HIS A CB  1 
ATOM   699  C  CG  . HIS A 1 87  ? 0.625   -6.627  -10.451 1.00 20.59 ? 2120 HIS A CG  1 
ATOM   700  N  ND1 . HIS A 1 87  ? -0.351  -6.950  -9.531  1.00 20.28 ? 2120 HIS A ND1 1 
ATOM   701  C  CD2 . HIS A 1 87  ? 0.167   -7.050  -11.653 1.00 19.81 ? 2120 HIS A CD2 1 
ATOM   702  C  CE1 . HIS A 1 87  ? -1.352  -7.538  -10.149 1.00 20.02 ? 2120 HIS A CE1 1 
ATOM   703  N  NE2 . HIS A 1 87  ? -1.073  -7.594  -11.437 1.00 20.84 ? 2120 HIS A NE2 1 
ATOM   704  N  N   . ASN A 1 88  ? 2.761   -9.431  -9.998  1.00 21.55 ? 2121 ASN A N   1 
ATOM   705  C  CA  . ASN A 1 88  ? 3.184   -10.622 -10.761 1.00 24.37 ? 2121 ASN A CA  1 
ATOM   706  C  C   . ASN A 1 88  ? 4.712   -10.616 -10.854 1.00 24.87 ? 2121 ASN A C   1 
ATOM   707  O  O   . ASN A 1 88  ? 5.293   -10.918 -11.913 1.00 27.26 ? 2121 ASN A O   1 
ATOM   708  C  CB  . ASN A 1 88  ? 2.535   -10.639 -12.148 1.00 25.28 ? 2121 ASN A CB  1 
ATOM   709  C  CG  . ASN A 1 88  ? 2.757   -11.944 -12.879 1.00 25.94 ? 2121 ASN A CG  1 
ATOM   710  O  OD1 . ASN A 1 88  ? 2.780   -13.004 -12.269 1.00 25.60 ? 2121 ASN A OD1 1 
ATOM   711  N  ND2 . ASN A 1 88  ? 2.900   -11.867 -14.201 1.00 26.21 ? 2121 ASN A ND2 1 
ATOM   712  N  N   . GLY A 1 89  ? 5.362   -10.234 -9.757  1.00 24.16 ? 2122 GLY A N   1 
ATOM   713  C  CA  . GLY A 1 89  ? 6.808   -10.163 -9.689  1.00 25.15 ? 2122 GLY A CA  1 
ATOM   714  C  C   . GLY A 1 89  ? 7.365   -8.764  -9.635  1.00 23.56 ? 2122 GLY A C   1 
ATOM   715  O  O   . GLY A 1 89  ? 6.644   -7.779  -9.843  1.00 24.52 ? 2122 GLY A O   1 
ATOM   716  N  N   . GLU A 1 90  ? 8.661   -8.664  -9.365  1.00 24.19 ? 2123 GLU A N   1 
ATOM   717  C  CA  . GLU A 1 90  ? 9.354   -7.391  -9.285  1.00 25.25 ? 2123 GLU A CA  1 
ATOM   718  C  C   . GLU A 1 90  ? 9.438   -6.770  -10.656 1.00 26.69 ? 2123 GLU A C   1 
ATOM   719  O  O   . GLU A 1 90  ? 9.820   -7.438  -11.644 1.00 27.13 ? 2123 GLU A O   1 
ATOM   720  C  CB  . GLU A 1 90  ? 10.774  -7.541  -8.714  1.00 26.12 ? 2123 GLU A CB  1 
ATOM   721  C  CG  . GLU A 1 90  ? 11.445  -6.222  -8.350  1.00 27.46 ? 2123 GLU A CG  1 
ATOM   722  C  CD  . GLU A 1 90  ? 12.787  -6.403  -7.654  1.00 30.92 ? 2123 GLU A CD  1 
ATOM   723  O  OE1 . GLU A 1 90  ? 12.839  -6.379  -6.398  1.00 29.31 ? 2123 GLU A OE1 1 
ATOM   724  O  OE2 . GLU A 1 90  ? 13.805  -6.575  -8.367  1.00 32.02 ? 2123 GLU A OE2 1 
ATOM   725  N  N   . GLN A 1 91  ? 9.084   -5.500  -10.735 1.00 26.12 ? 2124 GLN A N   1 
ATOM   726  C  CA  . GLN A 1 91  ? 9.098   -4.779  -11.997 1.00 27.41 ? 2124 GLN A CA  1 
ATOM   727  C  C   . GLN A 1 91  ? 10.446  -4.114  -12.223 1.00 27.66 ? 2124 GLN A C   1 
ATOM   728  O  O   . GLN A 1 91  ? 11.248  -3.975  -11.309 1.00 27.48 ? 2124 GLN A O   1 
ATOM   729  C  CB  . GLN A 1 91  ? 7.995   -3.719  -12.006 1.00 28.22 ? 2124 GLN A CB  1 
ATOM   730  C  CG  . GLN A 1 91  ? 6.611   -4.313  -11.838 1.00 29.22 ? 2124 GLN A CG  1 
ATOM   731  C  CD  . GLN A 1 91  ? 6.347   -5.407  -12.843 1.00 30.76 ? 2124 GLN A CD  1 
ATOM   732  O  OE1 . GLN A 1 91  ? 6.202   -6.571  -12.493 1.00 30.45 ? 2124 GLN A OE1 1 
ATOM   733  N  NE2 . GLN A 1 91  ? 6.339   -5.040  -14.120 1.00 31.31 ? 2124 GLN A NE2 1 
ATOM   734  N  N   . THR A 1 92  ? 10.679  -3.670  -13.455 1.00 31.94 ? 2125 THR A N   1 
ATOM   735  C  CA  . THR A 1 92  ? 11.901  -2.962  -13.770 1.00 33.16 ? 2125 THR A CA  1 
ATOM   736  C  C   . THR A 1 92  ? 11.941  -1.597  -13.112 1.00 32.25 ? 2125 THR A C   1 
ATOM   737  O  O   . THR A 1 92  ? 12.954  -1.215  -12.512 1.00 31.64 ? 2125 THR A O   1 
ATOM   738  C  CB  . THR A 1 92  ? 12.059  -2.796  -15.290 1.00 36.87 ? 2125 THR A CB  1 
ATOM   739  O  OG1 . THR A 1 92  ? 12.033  -4.092  -15.901 1.00 39.70 ? 2125 THR A OG1 1 
ATOM   740  C  CG2 . THR A 1 92  ? 13.375  -2.107  -15.612 1.00 39.57 ? 2125 THR A CG2 1 
ATOM   741  N  N   . LEU A 1 93  ? 10.842  -0.861  -13.223 1.00 31.71 ? 2126 LEU A N   1 
ATOM   742  C  CA  . LEU A 1 93  ? 10.789  0.497   -12.682 1.00 31.94 ? 2126 LEU A CA  1 
ATOM   743  C  C   . LEU A 1 93  ? 10.980  0.489   -11.170 1.00 31.13 ? 2126 LEU A C   1 
ATOM   744  O  O   . LEU A 1 93  ? 10.313  -0.252  -10.445 1.00 30.83 ? 2126 LEU A O   1 
ATOM   745  C  CB  . LEU A 1 93  ? 9.464   1.174   -13.026 1.00 33.14 ? 2126 LEU A CB  1 
ATOM   746  C  CG  . LEU A 1 93  ? 9.213   2.573   -12.464 1.00 33.72 ? 2126 LEU A CG  1 
ATOM   747  C  CD1 . LEU A 1 93  ? 10.214  3.606   -12.972 1.00 36.40 ? 2126 LEU A CD1 1 
ATOM   748  C  CD2 . LEU A 1 93  ? 7.794   3.008   -12.789 1.00 35.78 ? 2126 LEU A CD2 1 
ATOM   749  N  N   . THR A 1 94  ? 11.890  1.325   -10.698 1.00 30.41 ? 2127 THR A N   1 
ATOM   750  C  CA  . THR A 1 94  ? 12.123  1.492   -9.272  1.00 32.05 ? 2127 THR A CA  1 
ATOM   751  C  C   . THR A 1 94  ? 11.830  2.950   -8.938  1.00 31.48 ? 2127 THR A C   1 
ATOM   752  O  O   . THR A 1 94  ? 12.234  3.860   -9.668  1.00 32.42 ? 2127 THR A O   1 
ATOM   753  C  CB  . THR A 1 94  ? 13.577  1.102   -8.927  1.00 33.94 ? 2127 THR A CB  1 
ATOM   754  O  OG1 . THR A 1 94  ? 13.814  -0.242  -9.366  1.00 35.51 ? 2127 THR A OG1 1 
ATOM   755  C  CG2 . THR A 1 94  ? 13.851  1.171   -7.438  1.00 34.54 ? 2127 THR A CG2 1 
ATOM   756  N  N   . LEU A 1 95  ? 11.088  3.186   -7.860  1.00 28.51 ? 2128 LEU A N   1 
ATOM   757  C  CA  . LEU A 1 95  ? 10.792  4.539   -7.432  1.00 27.18 ? 2128 LEU A CA  1 
ATOM   758  C  C   . LEU A 1 95  ? 11.615  4.852   -6.190  1.00 27.54 ? 2128 LEU A C   1 
ATOM   759  O  O   . LEU A 1 95  ? 12.530  4.098   -5.847  1.00 28.30 ? 2128 LEU A O   1 
ATOM   760  C  CB  . LEU A 1 95  ? 9.279   4.699   -7.197  1.00 26.47 ? 2128 LEU A CB  1 
ATOM   761  C  CG  . LEU A 1 95  ? 8.342   4.455   -8.384  1.00 27.60 ? 2128 LEU A CG  1 
ATOM   762  C  CD1 . LEU A 1 95  ? 6.877   4.606   -7.966  1.00 28.07 ? 2128 LEU A CD1 1 
ATOM   763  C  CD2 . LEU A 1 95  ? 8.662   5.385   -9.552  1.00 29.05 ? 2128 LEU A CD2 1 
ATOM   764  N  N   . SER A 1 96  ? 11.341  5.969   -5.523  1.00 26.41 ? 2129 SER A N   1 
ATOM   765  C  CA  . SER A 1 96  ? 12.116  6.311   -4.344  1.00 28.48 ? 2129 SER A CA  1 
ATOM   766  C  C   . SER A 1 96  ? 11.824  5.334   -3.209  1.00 28.90 ? 2129 SER A C   1 
ATOM   767  O  O   . SER A 1 96  ? 10.707  4.850   -3.071  1.00 27.48 ? 2129 SER A O   1 
ATOM   768  C  CB  . SER A 1 96  ? 11.806  7.731   -3.868  1.00 29.65 ? 2129 SER A CB  1 
ATOM   769  O  OG  . SER A 1 96  ? 12.140  8.691   -4.871  1.00 32.34 ? 2129 SER A OG  1 
ATOM   770  N  N   . SER A 1 97  ? 12.839  5.055   -2.405  1.00 27.12 ? 2130 SER A N   1 
ATOM   771  C  CA  A SER A 1 97  ? 12.632  4.366   -1.143  0.70 26.76 ? 2130 SER A CA  1 
ATOM   772  C  CA  B SER A 1 97  ? 12.647  4.373   -1.134  0.30 26.33 ? 2130 SER A CA  1 
ATOM   773  C  C   . SER A 1 97  ? 11.881  5.302   -0.197  1.00 25.50 ? 2130 SER A C   1 
ATOM   774  O  O   . SER A 1 97  ? 11.818  6.509   -0.424  1.00 24.20 ? 2130 SER A O   1 
ATOM   775  C  CB  A SER A 1 97  ? 13.970  3.946   -0.523  0.70 28.19 ? 2130 SER A CB  1 
ATOM   776  C  CB  B SER A 1 97  ? 13.996  4.005   -0.511  0.30 26.78 ? 2130 SER A CB  1 
ATOM   777  O  OG  A SER A 1 97  ? 14.759  5.078   -0.215  0.70 29.69 ? 2130 SER A OG  1 
ATOM   778  O  OG  B SER A 1 97  ? 14.772  3.224   -1.402  0.30 27.01 ? 2130 SER A OG  1 
ATOM   779  N  N   . PHE A 1 98  ? 11.278  4.743   0.843   1.00 24.51 ? 2131 PHE A N   1 
ATOM   780  C  CA  . PHE A 1 98  ? 10.624  5.569   1.844   1.00 23.24 ? 2131 PHE A CA  1 
ATOM   781  C  C   . PHE A 1 98  ? 10.683  4.889   3.198   1.00 22.89 ? 2131 PHE A C   1 
ATOM   782  O  O   . PHE A 1 98  ? 11.014  3.700   3.294   1.00 23.11 ? 2131 PHE A O   1 
ATOM   783  C  CB  . PHE A 1 98  ? 9.189   5.937   1.429   1.00 22.65 ? 2131 PHE A CB  1 
ATOM   784  C  CG  . PHE A 1 98  ? 8.298   4.749   1.135   1.00 20.99 ? 2131 PHE A CG  1 
ATOM   785  C  CD1 . PHE A 1 98  ? 8.273   4.181   -0.127  1.00 20.92 ? 2131 PHE A CD1 1 
ATOM   786  C  CD2 . PHE A 1 98  ? 7.464   4.221   2.106   1.00 21.03 ? 2131 PHE A CD2 1 
ATOM   787  C  CE1 . PHE A 1 98  ? 7.450   3.107   -0.420  1.00 20.02 ? 2131 PHE A CE1 1 
ATOM   788  C  CE2 . PHE A 1 98  ? 6.634   3.143   1.819   1.00 19.83 ? 2131 PHE A CE2 1 
ATOM   789  C  CZ  . PHE A 1 98  ? 6.629   2.577   0.564   1.00 20.63 ? 2131 PHE A CZ  1 
ATOM   790  N  N   . THR A 1 99  ? 10.389  5.648   4.246   1.00 23.09 ? 2132 THR A N   1 
ATOM   791  C  CA  . THR A 1 99  ? 10.566  5.156   5.611   1.00 23.00 ? 2132 THR A CA  1 
ATOM   792  C  C   . THR A 1 99  ? 9.684   5.915   6.581   1.00 22.94 ? 2132 THR A C   1 
ATOM   793  O  O   . THR A 1 99  ? 8.801   6.721   6.178   1.00 22.64 ? 2132 THR A O   1 
ATOM   794  C  CB  . THR A 1 99  ? 12.064  5.236   6.032   1.00 23.79 ? 2132 THR A CB  1 
ATOM   795  O  OG1 . THR A 1 99  ? 12.287  4.469   7.229   1.00 24.29 ? 2132 THR A OG1 1 
ATOM   796  C  CG2 . THR A 1 99  ? 12.504  6.657   6.212   1.00 24.66 ? 2132 THR A CG2 1 
ATOM   797  N  N   . GLN A 1 100 ? 9.904   5.647   7.871   1.00 22.33 ? 2133 GLN A N   1 
ATOM   798  C  CA  . GLN A 1 100 ? 9.176   6.317   8.937   1.00 23.66 ? 2133 GLN A CA  1 
ATOM   799  C  C   . GLN A 1 100 ? 9.149   7.819   8.725   1.00 23.07 ? 2133 GLN A C   1 
ATOM   800  O  O   . GLN A 1 100 ? 10.185  8.434   8.447   1.00 25.55 ? 2133 GLN A O   1 
ATOM   801  C  CB  . GLN A 1 100 ? 9.849   6.000   10.271  1.00 24.08 ? 2133 GLN A CB  1 
ATOM   802  C  CG  . GLN A 1 100 ? 9.080   6.509   11.467  1.00 25.33 ? 2133 GLN A CG  1 
ATOM   803  C  CD  . GLN A 1 100 ? 9.601   5.960   12.781  1.00 26.46 ? 2133 GLN A CD  1 
ATOM   804  O  OE1 . GLN A 1 100 ? 9.791   4.754   12.940  1.00 27.91 ? 2133 GLN A OE1 1 
ATOM   805  N  NE2 . GLN A 1 100 ? 9.800   6.854   13.755  1.00 29.91 ? 2133 GLN A NE2 1 
ATOM   806  N  N   . GLY A 1 101 ? 7.972   8.419   8.854   1.00 22.74 ? 2134 GLY A N   1 
ATOM   807  C  CA  . GLY A 1 101 ? 7.796   9.851   8.727   1.00 21.98 ? 2134 GLY A CA  1 
ATOM   808  C  C   . GLY A 1 101 ? 7.511   10.358  7.326   1.00 22.17 ? 2134 GLY A C   1 
ATOM   809  O  O   . GLY A 1 101 ? 7.204   11.549  7.154   1.00 22.37 ? 2134 GLY A O   1 
ATOM   810  N  N   . ASP A 1 102 ? 7.582   9.475   6.331   1.00 22.04 ? 2135 ASP A N   1 
ATOM   811  C  CA  . ASP A 1 102 ? 7.237   9.829   4.952   1.00 21.14 ? 2135 ASP A CA  1 
ATOM   812  C  C   . ASP A 1 102 ? 5.748   9.594   4.652   1.00 20.80 ? 2135 ASP A C   1 
ATOM   813  O  O   . ASP A 1 102 ? 5.077   8.720   5.260   1.00 20.70 ? 2135 ASP A O   1 
ATOM   814  C  CB  . ASP A 1 102 ? 8.057   9.012   3.945   1.00 23.05 ? 2135 ASP A CB  1 
ATOM   815  C  CG  . ASP A 1 102 ? 9.541   9.356   3.963   1.00 23.19 ? 2135 ASP A CG  1 
ATOM   816  O  OD1 . ASP A 1 102 ? 9.855   10.537  4.204   1.00 25.97 ? 2135 ASP A OD1 1 
ATOM   817  O  OD2 . ASP A 1 102 ? 10.372  8.448   3.699   1.00 24.65 ? 2135 ASP A OD2 1 
ATOM   818  N  N   . PHE A 1 103 ? 5.256   10.408  3.730   1.00 20.33 ? 2136 PHE A N   1 
ATOM   819  C  CA  . PHE A 1 103 ? 3.944   10.246  3.086   1.00 21.13 ? 2136 PHE A CA  1 
ATOM   820  C  C   . PHE A 1 103 ? 4.103   9.698   1.693   1.00 22.41 ? 2136 PHE A C   1 
ATOM   821  O  O   . PHE A 1 103 ? 4.962   10.180  0.940   1.00 23.52 ? 2136 PHE A O   1 
ATOM   822  C  CB  . PHE A 1 103 ? 3.238   11.585  2.903   1.00 21.14 ? 2136 PHE A CB  1 
ATOM   823  C  CG  . PHE A 1 103 ? 2.714   12.193  4.160   1.00 22.23 ? 2136 PHE A CG  1 
ATOM   824  C  CD1 . PHE A 1 103 ? 3.503   13.056  4.900   1.00 23.51 ? 2136 PHE A CD1 1 
ATOM   825  C  CD2 . PHE A 1 103 ? 1.409   11.964  4.568   1.00 21.76 ? 2136 PHE A CD2 1 
ATOM   826  C  CE1 . PHE A 1 103 ? 3.007   13.646  6.056   1.00 23.19 ? 2136 PHE A CE1 1 
ATOM   827  C  CE2 . PHE A 1 103 ? 0.907   12.550  5.700   1.00 23.05 ? 2136 PHE A CE2 1 
ATOM   828  C  CZ  . PHE A 1 103 ? 1.708   13.396  6.450   1.00 22.62 ? 2136 PHE A CZ  1 
ATOM   829  N  N   . ILE A 1 104 ? 3.262   8.722   1.329   1.00 18.81 ? 2137 ILE A N   1 
ATOM   830  C  CA  . ILE A 1 104 ? 3.188   8.227   -0.052  1.00 19.50 ? 2137 ILE A CA  1 
ATOM   831  C  C   . ILE A 1 104 ? 1.786   8.549   -0.552  1.00 19.41 ? 2137 ILE A C   1 
ATOM   832  O  O   . ILE A 1 104 ? 0.813   8.037   -0.051  1.00 19.03 ? 2137 ILE A O   1 
ATOM   833  C  CB  . ILE A 1 104 ? 3.494   6.710   -0.172  1.00 19.11 ? 2137 ILE A CB  1 
ATOM   834  C  CG1 . ILE A 1 104 ? 4.912   6.394   0.325   1.00 20.79 ? 2137 ILE A CG1 1 
ATOM   835  C  CG2 . ILE A 1 104 ? 3.267   6.220   -1.604  1.00 19.14 ? 2137 ILE A CG2 1 
ATOM   836  C  CD1 . ILE A 1 104 ? 6.002   7.110   -0.451  1.00 21.23 ? 2137 ILE A CD1 1 
ATOM   837  N  N   . THR A 1 105 ? 1.704   9.412   -1.550  1.00 19.50 ? 2138 THR A N   1 
ATOM   838  C  CA  . THR A 1 105 ? 0.456   9.657   -2.251  1.00 20.29 ? 2138 THR A CA  1 
ATOM   839  C  C   . THR A 1 105 ? 0.222   8.526   -3.229  1.00 20.33 ? 2138 THR A C   1 
ATOM   840  O  O   . THR A 1 105 ? 1.128   8.149   -3.986  1.00 19.76 ? 2138 THR A O   1 
ATOM   841  C  CB  . THR A 1 105 ? 0.511   10.982  -3.031  1.00 20.97 ? 2138 THR A CB  1 
ATOM   842  O  OG1 . THR A 1 105 ? 0.792   12.067  -2.124  1.00 22.41 ? 2138 THR A OG1 1 
ATOM   843  C  CG2 . THR A 1 105 ? -0.782  11.240  -3.775  1.00 21.95 ? 2138 THR A CG2 1 
ATOM   844  N  N   . CYS A 1 106 ? -1.000  8.002   -3.239  1.00 19.04 ? 2139 CYS A N   1 
ATOM   845  C  CA  . CYS A 1 106 ? -1.385  6.931   -4.132  1.00 19.91 ? 2139 CYS A CA  1 
ATOM   846  C  C   . CYS A 1 106 ? -2.512  7.461   -4.989  1.00 20.13 ? 2139 CYS A C   1 
ATOM   847  O  O   . CYS A 1 106 ? -3.454  8.069   -4.480  1.00 18.43 ? 2139 CYS A O   1 
ATOM   848  C  CB  . CYS A 1 106 ? -1.877  5.717   -3.337  1.00 19.86 ? 2139 CYS A CB  1 
ATOM   849  S  SG  . CYS A 1 106 ? -0.709  5.161   -2.059  1.00 23.26 ? 2139 CYS A SG  1 
ATOM   850  N  N   . VAL A 1 107 ? -2.413  7.245   -6.301  1.00 20.43 ? 2140 VAL A N   1 
ATOM   851  C  CA  . VAL A 1 107 ? -3.459  7.597   -7.227  1.00 20.98 ? 2140 VAL A CA  1 
ATOM   852  C  C   . VAL A 1 107 ? -3.909  6.346   -7.957  1.00 20.53 ? 2140 VAL A C   1 
ATOM   853  O  O   . VAL A 1 107 ? -3.115  5.744   -8.683  1.00 21.93 ? 2140 VAL A O   1 
ATOM   854  C  CB  . VAL A 1 107 ? -2.996  8.639   -8.268  1.00 22.04 ? 2140 VAL A CB  1 
ATOM   855  C  CG1 . VAL A 1 107 ? -4.167  9.045   -9.140  1.00 21.84 ? 2140 VAL A CG1 1 
ATOM   856  C  CG2 . VAL A 1 107 ? -2.436  9.865   -7.573  1.00 22.61 ? 2140 VAL A CG2 1 
ATOM   857  N  N   . LEU A 1 108 ? -5.138  5.928   -7.698  1.00 19.61 ? 2141 LEU A N   1 
ATOM   858  C  CA  . LEU A 1 108 ? -5.731  4.773   -8.331  1.00 19.43 ? 2141 LEU A CA  1 
ATOM   859  C  C   . LEU A 1 108 ? -6.731  5.266   -9.358  1.00 20.49 ? 2141 LEU A C   1 
ATOM   860  O  O   . LEU A 1 108 ? -7.812  5.765   -9.015  1.00 19.17 ? 2141 LEU A O   1 
ATOM   861  C  CB  . LEU A 1 108 ? -6.412  3.866   -7.297  1.00 19.51 ? 2141 LEU A CB  1 
ATOM   862  C  CG  . LEU A 1 108 ? -7.164  2.681   -7.865  1.00 19.46 ? 2141 LEU A CG  1 
ATOM   863  C  CD1 . LEU A 1 108 ? -6.224  1.746   -8.638  1.00 20.29 ? 2141 LEU A CD1 1 
ATOM   864  C  CD2 . LEU A 1 108 ? -7.916  1.963   -6.752  1.00 21.11 ? 2141 LEU A CD2 1 
ATOM   865  N  N   . ASP A 1 109 ? -6.365  5.112   -10.629 1.00 20.57 ? 2142 ASP A N   1 
ATOM   866  C  CA  . ASP A 1 109 ? -7.174  5.612   -11.746 1.00 22.66 ? 2142 ASP A CA  1 
ATOM   867  C  C   . ASP A 1 109 ? -7.800  4.416   -12.454 1.00 23.14 ? 2142 ASP A C   1 
ATOM   868  O  O   . ASP A 1 109 ? -7.156  3.746   -13.266 1.00 24.52 ? 2142 ASP A O   1 
ATOM   869  C  CB  . ASP A 1 109 ? -6.290  6.446   -12.682 1.00 22.84 ? 2142 ASP A CB  1 
ATOM   870  C  CG  . ASP A 1 109 ? -7.091  7.182   -13.748 1.00 23.54 ? 2142 ASP A CG  1 
ATOM   871  O  OD1 . ASP A 1 109 ? -8.207  6.738   -14.044 1.00 25.42 ? 2142 ASP A OD1 1 
ATOM   872  O  OD2 . ASP A 1 109 ? -6.592  8.203   -14.260 1.00 28.32 ? 2142 ASP A OD2 1 
HETATM 873  N  N   . MSE A 1 110 ? -9.050  4.134   -12.113 1.00 24.71 ? 2143 MSE A N   1 
HETATM 874  C  CA  . MSE A 1 110 ? -9.729  2.936   -12.608 1.00 26.39 ? 2143 MSE A CA  1 
HETATM 875  C  C   . MSE A 1 110 ? -10.237 3.111   -14.018 1.00 29.21 ? 2143 MSE A C   1 
HETATM 876  O  O   . MSE A 1 110 ? -10.618 2.127   -14.673 1.00 33.62 ? 2143 MSE A O   1 
HETATM 877  C  CB  . MSE A 1 110 ? -10.876 2.528   -11.711 1.00 26.89 ? 2143 MSE A CB  1 
HETATM 878  C  CG  . MSE A 1 110 ? -10.501 2.361   -10.250 1.00 28.03 ? 2143 MSE A CG  1 
HETATM 879  SE SE  . MSE A 1 110 ? -9.515  0.670   -10.073 1.00 29.98 ? 2143 MSE A SE  1 
HETATM 880  C  CE  . MSE A 1 110 ? -11.094 -0.496  -10.223 1.00 29.87 ? 2143 MSE A CE  1 
ATOM   881  N  N   . GLU A 1 111 ? -10.312 4.356   -14.472 1.00 27.28 ? 2144 GLU A N   1 
ATOM   882  C  CA  A GLU A 1 111 ? -10.704 4.655   -15.853 0.50 27.89 ? 2144 GLU A CA  1 
ATOM   883  C  CA  B GLU A 1 111 ? -10.704 4.649   -15.856 0.50 27.98 ? 2144 GLU A CA  1 
ATOM   884  C  C   . GLU A 1 111 ? -9.520  4.377   -16.784 1.00 27.76 ? 2144 GLU A C   1 
ATOM   885  O  O   . GLU A 1 111 ? -9.641  3.602   -17.725 1.00 29.36 ? 2144 GLU A O   1 
ATOM   886  C  CB  A GLU A 1 111 ? -11.196 6.106   -15.963 0.50 28.07 ? 2144 GLU A CB  1 
ATOM   887  C  CB  B GLU A 1 111 ? -11.198 6.097   -15.998 0.50 28.28 ? 2144 GLU A CB  1 
ATOM   888  C  CG  A GLU A 1 111 ? -11.553 6.565   -17.371 0.50 27.98 ? 2144 GLU A CG  1 
ATOM   889  C  CG  B GLU A 1 111 ? -12.402 6.447   -15.136 0.50 28.60 ? 2144 GLU A CG  1 
ATOM   890  C  CD  A GLU A 1 111 ? -12.639 5.735   -18.027 0.50 29.69 ? 2144 GLU A CD  1 
ATOM   891  C  CD  B GLU A 1 111 ? -13.686 5.757   -15.568 0.50 28.77 ? 2144 GLU A CD  1 
ATOM   892  O  OE1 A GLU A 1 111 ? -12.747 5.792   -19.273 0.50 30.27 ? 2144 GLU A OE1 1 
ATOM   893  O  OE1 B GLU A 1 111 ? -14.490 5.345   -14.691 0.50 24.74 ? 2144 GLU A OE1 1 
ATOM   894  O  OE2 A GLU A 1 111 ? -13.373 5.019   -17.315 0.50 27.97 ? 2144 GLU A OE2 1 
ATOM   895  O  OE2 B GLU A 1 111 ? -13.885 5.621   -16.794 0.50 29.39 ? 2144 GLU A OE2 1 
ATOM   896  N  N   . ALA A 1 112 ? -8.373  4.986   -16.498 1.00 27.00 ? 2145 ALA A N   1 
ATOM   897  C  CA  . ALA A 1 112 ? -7.128  4.765   -17.259 1.00 27.32 ? 2145 ALA A CA  1 
ATOM   898  C  C   . ALA A 1 112 ? -6.425  3.459   -16.920 1.00 27.87 ? 2145 ALA A C   1 
ATOM   899  O  O   . ALA A 1 112 ? -5.506  3.072   -17.643 1.00 28.25 ? 2145 ALA A O   1 
ATOM   900  C  CB  . ALA A 1 112 ? -6.156  5.905   -17.058 1.00 28.22 ? 2145 ALA A CB  1 
ATOM   901  N  N   . ARG A 1 113 ? -6.838  2.804   -15.831 1.00 24.80 ? 2146 ARG A N   1 
ATOM   902  C  CA  . ARG A 1 113 ? -6.246  1.522   -15.380 1.00 25.39 ? 2146 ARG A CA  1 
ATOM   903  C  C   . ARG A 1 113 ? -4.770  1.698   -15.016 1.00 25.17 ? 2146 ARG A C   1 
ATOM   904  O  O   . ARG A 1 113 ? -3.878  0.936   -15.441 1.00 24.93 ? 2146 ARG A O   1 
ATOM   905  C  CB  . ARG A 1 113 ? -6.499  0.387   -16.401 1.00 27.09 ? 2146 ARG A CB  1 
ATOM   906  C  CG  . ARG A 1 113 ? -7.976  0.204   -16.739 1.00 28.90 ? 2146 ARG A CG  1 
ATOM   907  C  CD  . ARG A 1 113 ? -8.262  -0.953  -17.705 1.00 30.06 ? 2146 ARG A CD  1 
ATOM   908  N  N   . THR A 1 114 ? -4.505  2.713   -14.200 1.00 22.78 ? 2147 THR A N   1 
ATOM   909  C  CA  . THR A 1 114 ? -3.156  3.038   -13.802 1.00 22.77 ? 2147 THR A CA  1 
ATOM   910  C  C   . THR A 1 114 ? -3.114  3.310   -12.307 1.00 22.06 ? 2147 THR A C   1 
ATOM   911  O  O   . THR A 1 114 ? -4.130  3.651   -11.688 1.00 22.32 ? 2147 THR A O   1 
ATOM   912  C  CB  . THR A 1 114 ? -2.561  4.265   -14.523 1.00 23.47 ? 2147 THR A CB  1 
ATOM   913  O  OG1 . THR A 1 114 ? -3.261  5.476   -14.143 1.00 23.50 ? 2147 THR A OG1 1 
ATOM   914  C  CG2 . THR A 1 114 ? -2.587  4.035   -16.044 1.00 23.46 ? 2147 THR A CG2 1 
ATOM   915  N  N   . ILE A 1 115 ? -1.928  3.070   -11.763 1.00 21.24 ? 2148 ILE A N   1 
ATOM   916  C  CA  . ILE A 1 115 ? -1.579  3.432   -10.390 1.00 20.77 ? 2148 ILE A CA  1 
ATOM   917  C  C   . ILE A 1 115 ? -0.322  4.270   -10.393 1.00 21.04 ? 2148 ILE A C   1 
ATOM   918  O  O   . ILE A 1 115 ? 0.684   3.922   -11.064 1.00 21.84 ? 2148 ILE A O   1 
ATOM   919  C  CB  . ILE A 1 115 ? -1.328  2.168   -9.539  1.00 20.18 ? 2148 ILE A CB  1 
ATOM   920  C  CG1 . ILE A 1 115 ? -2.625  1.372   -9.387  1.00 20.43 ? 2148 ILE A CG1 1 
ATOM   921  C  CG2 . ILE A 1 115 ? -0.737  2.557   -8.187  1.00 20.04 ? 2148 ILE A CG2 1 
ATOM   922  C  CD1 . ILE A 1 115 ? -2.398  -0.077  -9.023  1.00 20.51 ? 2148 ILE A CD1 1 
ATOM   923  N  N   . SER A 1 116 ? -0.343  5.392   -9.670  1.00 20.91 ? 2149 SER A N   1 
ATOM   924  C  CA  . SER A 1 116 ? 0.830   6.246   -9.554  1.00 21.07 ? 2149 SER A CA  1 
ATOM   925  C  C   . SER A 1 116 ? 1.112   6.510   -8.081  1.00 22.21 ? 2149 SER A C   1 
ATOM   926  O  O   . SER A 1 116 ? 0.191   6.449   -7.274  1.00 20.63 ? 2149 SER A O   1 
ATOM   927  C  CB  . SER A 1 116 ? 0.606   7.566   -10.305 1.00 22.91 ? 2149 SER A CB  1 
ATOM   928  O  OG  . SER A 1 116 ? 0.166   7.342   -11.636 1.00 24.07 ? 2149 SER A OG  1 
ATOM   929  N  N   . PHE A 1 117 ? 2.375   6.756   -7.757  1.00 20.69 ? 2150 PHE A N   1 
ATOM   930  C  CA  . PHE A 1 117 ? 2.821   7.032   -6.394  1.00 21.34 ? 2150 PHE A CA  1 
ATOM   931  C  C   . PHE A 1 117 ? 3.731   8.256   -6.343  1.00 24.47 ? 2150 PHE A C   1 
ATOM   932  O  O   . PHE A 1 117 ? 4.662   8.373   -7.142  1.00 23.38 ? 2150 PHE A O   1 
ATOM   933  C  CB  . PHE A 1 117 ? 3.642   5.864   -5.834  1.00 20.64 ? 2150 PHE A CB  1 
ATOM   934  C  CG  . PHE A 1 117 ? 2.876   4.579   -5.665  1.00 19.44 ? 2150 PHE A CG  1 
ATOM   935  C  CD1 . PHE A 1 117 ? 1.854   4.460   -4.731  1.00 19.34 ? 2150 PHE A CD1 1 
ATOM   936  C  CD2 . PHE A 1 117 ? 3.212   3.458   -6.414  1.00 19.63 ? 2150 PHE A CD2 1 
ATOM   937  C  CE1 . PHE A 1 117 ? 1.162   3.257   -4.586  1.00 19.03 ? 2150 PHE A CE1 1 
ATOM   938  C  CE2 . PHE A 1 117 ? 2.543   2.271   -6.265  1.00 19.64 ? 2150 PHE A CE2 1 
ATOM   939  C  CZ  . PHE A 1 117 ? 1.512   2.161   -5.334  1.00 19.31 ? 2150 PHE A CZ  1 
ATOM   940  N  N   . GLY A 1 118 ? 3.487   9.138   -5.383  1.00 22.91 ? 2151 GLY A N   1 
ATOM   941  C  CA  . GLY A 1 118 ? 4.349   10.270  -5.122  1.00 24.32 ? 2151 GLY A CA  1 
ATOM   942  C  C   . GLY A 1 118 ? 4.837   10.203  -3.699  1.00 25.48 ? 2151 GLY A C   1 
ATOM   943  O  O   . GLY A 1 118 ? 4.132   9.717   -2.818  1.00 25.55 ? 2151 GLY A O   1 
ATOM   944  N  N   . LYS A 1 119 ? 6.070   10.646  -3.481  1.00 25.38 ? 2152 LYS A N   1 
ATOM   945  C  CA  . LYS A 1 119 ? 6.647   10.677  -2.134  1.00 25.32 ? 2152 LYS A CA  1 
ATOM   946  C  C   . LYS A 1 119 ? 6.710   12.098  -1.608  1.00 28.58 ? 2152 LYS A C   1 
ATOM   947  O  O   . LYS A 1 119 ? 7.181   13.003  -2.302  1.00 27.47 ? 2152 LYS A O   1 
ATOM   948  C  CB  . LYS A 1 119 ? 8.050   10.054  -2.138  1.00 26.68 ? 2152 LYS A CB  1 
ATOM   949  C  CG  . LYS A 1 119 ? 8.772   10.157  -0.816  1.00 26.31 ? 2152 LYS A CG  1 
ATOM   950  C  CD  . LYS A 1 119 ? 10.141  9.516   -0.895  1.00 27.03 ? 2152 LYS A CD  1 
ATOM   951  C  CE  . LYS A 1 119 ? 10.912  9.676   0.403   1.00 28.76 ? 2152 LYS A CE  1 
ATOM   952  N  NZ  . LYS A 1 119 ? 12.325  9.224   0.237   1.00 32.01 ? 2152 LYS A NZ  1 
ATOM   953  N  N   . ASN A 1 120 ? 6.225   12.286  -0.384  1.00 27.70 ? 2153 ASN A N   1 
ATOM   954  C  CA  . ASN A 1 120 ? 6.227   13.585  0.299   1.00 29.90 ? 2153 ASN A CA  1 
ATOM   955  C  C   . ASN A 1 120 ? 5.799   14.752  -0.571  1.00 32.67 ? 2153 ASN A C   1 
ATOM   956  O  O   . ASN A 1 120 ? 6.475   15.792  -0.633  1.00 35.10 ? 2153 ASN A O   1 
ATOM   957  C  CB  . ASN A 1 120 ? 7.594   13.843  0.947   1.00 29.74 ? 2153 ASN A CB  1 
ATOM   958  C  CG  . ASN A 1 120 ? 7.864   12.911  2.103   1.00 29.25 ? 2153 ASN A CG  1 
ATOM   959  O  OD1 . ASN A 1 120 ? 6.951   12.548  2.841   1.00 29.81 ? 2153 ASN A OD1 1 
ATOM   960  N  ND2 . ASN A 1 120 ? 9.113   12.514  2.270   1.00 28.05 ? 2153 ASN A ND2 1 
ATOM   961  N  N   . GLY A 1 121 ? 4.675   14.587  -1.253  1.00 31.07 ? 2154 GLY A N   1 
ATOM   962  C  CA  . GLY A 1 121 ? 4.095   15.694  -1.992  1.00 36.44 ? 2154 GLY A CA  1 
ATOM   963  C  C   . GLY A 1 121 ? 4.712   15.986  -3.361  1.00 37.21 ? 2154 GLY A C   1 
ATOM   964  O  O   . GLY A 1 121 ? 4.171   16.810  -4.096  1.00 40.70 ? 2154 GLY A O   1 
ATOM   965  N  N   . GLU A 1 122 ? 5.828   15.339  -3.715  1.00 36.72 ? 2155 GLU A N   1 
ATOM   966  C  CA  . GLU A 1 122 ? 6.316   15.368  -5.106  1.00 36.40 ? 2155 GLU A CA  1 
ATOM   967  C  C   . GLU A 1 122 ? 5.200   14.820  -6.001  1.00 35.87 ? 2155 GLU A C   1 
ATOM   968  O  O   . GLU A 1 122 ? 4.392   14.023  -5.546  1.00 33.41 ? 2155 GLU A O   1 
ATOM   969  C  CB  . GLU A 1 122 ? 7.580   14.523  -5.255  1.00 35.99 ? 2155 GLU A CB  1 
ATOM   970  N  N   A GLU A 1 123 ? 5.156   15.242  -7.268  0.70 34.59 ? 2156 GLU A N   1 
ATOM   971  N  N   B GLU A 1 123 ? 5.144   15.250  -7.258  0.30 34.40 ? 2156 GLU A N   1 
ATOM   972  C  CA  . GLU A 1 123 ? 4.102   14.789  -8.175  1.00 34.46 ? 2156 GLU A CA  1 
ATOM   973  C  C   . GLU A 1 123 ? 4.168   13.270  -8.311  1.00 31.26 ? 2156 GLU A C   1 
ATOM   974  O  O   . GLU A 1 123 ? 5.271   12.708  -8.393  1.00 30.77 ? 2156 GLU A O   1 
ATOM   975  C  CB  A GLU A 1 123 ? 4.206   15.445  -9.563  0.70 37.00 ? 2156 GLU A CB  1 
ATOM   976  C  CB  B GLU A 1 123 ? 4.282   15.484  -9.540  0.30 33.93 ? 2156 GLU A CB  1 
ATOM   977  C  CG  A GLU A 1 123 ? 3.749   16.893  -9.617  0.70 39.35 ? 2156 GLU A CG  1 
ATOM   978  C  CG  B GLU A 1 123 ? 3.677   14.786  -10.753 0.30 33.56 ? 2156 GLU A CG  1 
ATOM   979  C  CD  A GLU A 1 123 ? 2.346   17.100  -9.068  0.70 40.99 ? 2156 GLU A CD  1 
ATOM   980  C  CD  B GLU A 1 123 ? 4.018   15.488  -12.053 0.30 34.08 ? 2156 GLU A CD  1 
ATOM   981  O  OE1 A GLU A 1 123 ? 1.361   16.587  -9.654  0.70 40.37 ? 2156 GLU A OE1 1 
ATOM   982  O  OE1 B GLU A 1 123 ? 4.015   14.828  -13.114 0.30 33.26 ? 2156 GLU A OE1 1 
ATOM   983  O  OE2 A GLU A 1 123 ? 2.230   17.787  -8.035  0.70 43.31 ? 2156 GLU A OE2 1 
ATOM   984  O  OE2 B GLU A 1 123 ? 4.300   16.703  -12.014 0.30 34.69 ? 2156 GLU A OE2 1 
ATOM   985  N  N   . PRO A 1 124 ? 2.998   12.594  -8.299  1.00 29.06 ? 2157 PRO A N   1 
ATOM   986  C  CA  . PRO A 1 124 ? 3.062   11.151  -8.432  1.00 27.97 ? 2157 PRO A CA  1 
ATOM   987  C  C   . PRO A 1 124 ? 3.664   10.688  -9.753  1.00 29.41 ? 2157 PRO A C   1 
ATOM   988  O  O   . PRO A 1 124 ? 3.476   11.336  -10.795 1.00 31.49 ? 2157 PRO A O   1 
ATOM   989  C  CB  . PRO A 1 124 ? 1.599   10.720  -8.321  1.00 28.63 ? 2157 PRO A CB  1 
ATOM   990  C  CG  . PRO A 1 124 ? 0.979   11.768  -7.477  1.00 30.46 ? 2157 PRO A CG  1 
ATOM   991  C  CD  . PRO A 1 124 ? 1.635   13.033  -7.955  1.00 28.98 ? 2157 PRO A CD  1 
ATOM   992  N  N   . LYS A 1 125 ? 4.397   9.592   -9.682  1.00 28.12 ? 2158 LYS A N   1 
ATOM   993  C  CA  . LYS A 1 125 ? 4.971   8.969   -10.850 1.00 29.51 ? 2158 LYS A CA  1 
ATOM   994  C  C   . LYS A 1 125 ? 4.173   7.725   -11.202 1.00 27.67 ? 2158 LYS A C   1 
ATOM   995  O  O   . LYS A 1 125 ? 3.798   6.946   -10.316 1.00 25.44 ? 2158 LYS A O   1 
ATOM   996  C  CB  . LYS A 1 125 ? 6.440   8.633   -10.601 1.00 30.28 ? 2158 LYS A CB  1 
ATOM   997  C  CG  . LYS A 1 125 ? 7.309   9.868   -10.382 1.00 33.82 ? 2158 LYS A CG  1 
ATOM   998  C  CD  . LYS A 1 125 ? 8.776   9.591   -10.661 1.00 36.01 ? 2158 LYS A CD  1 
ATOM   999  N  N   . LEU A 1 126 ? 3.895   7.540   -12.496 1.00 28.05 ? 2159 LEU A N   1 
ATOM   1000 C  CA  . LEU A 1 126 ? 3.221   6.336   -12.990 1.00 26.41 ? 2159 LEU A CA  1 
ATOM   1001 C  C   . LEU A 1 126 ? 4.018   5.096   -12.578 1.00 27.50 ? 2159 LEU A C   1 
ATOM   1002 O  O   . LEU A 1 126 ? 5.208   4.997   -12.847 1.00 27.23 ? 2159 LEU A O   1 
ATOM   1003 C  CB  . LEU A 1 126 ? 3.081   6.373   -14.522 1.00 30.29 ? 2159 LEU A CB  1 
ATOM   1004 C  CG  . LEU A 1 126 ? 2.417   5.167   -15.183 1.00 30.72 ? 2159 LEU A CG  1 
ATOM   1005 C  CD1 . LEU A 1 126 ? 0.958   5.048   -14.808 1.00 30.43 ? 2159 LEU A CD1 1 
ATOM   1006 C  CD2 . LEU A 1 126 ? 2.537   5.265   -16.703 1.00 32.77 ? 2159 LEU A CD2 1 
ATOM   1007 N  N   . ALA A 1 127 ? 3.352   4.163   -11.914 1.00 23.43 ? 2160 ALA A N   1 
ATOM   1008 C  CA  . ALA A 1 127 ? 3.990   2.969   -11.403 1.00 23.26 ? 2160 ALA A CA  1 
ATOM   1009 C  C   . ALA A 1 127 ? 3.516   1.717   -12.129 1.00 23.72 ? 2160 ALA A C   1 
ATOM   1010 O  O   . ALA A 1 127 ? 4.329   0.834   -12.467 1.00 24.46 ? 2160 ALA A O   1 
ATOM   1011 C  CB  . ALA A 1 127 ? 3.683   2.853   -9.922  1.00 22.62 ? 2160 ALA A CB  1 
ATOM   1012 N  N   . PHE A 1 128 ? 2.206   1.605   -12.341 1.00 22.82 ? 2161 PHE A N   1 
ATOM   1013 C  CA  . PHE A 1 128 ? 1.620   0.431   -12.967 1.00 23.49 ? 2161 PHE A CA  1 
ATOM   1014 C  C   . PHE A 1 128 ? 0.596   0.833   -14.017 1.00 23.67 ? 2161 PHE A C   1 
ATOM   1015 O  O   . PHE A 1 128 ? -0.148  1.796   -13.833 1.00 23.34 ? 2161 PHE A O   1 
ATOM   1016 C  CB  . PHE A 1 128 ? 0.916   -0.469  -11.934 1.00 23.14 ? 2161 PHE A CB  1 
ATOM   1017 C  CG  . PHE A 1 128 ? 1.809   -0.980  -10.820 1.00 22.53 ? 2161 PHE A CG  1 
ATOM   1018 C  CD1 . PHE A 1 128 ? 2.645   -2.079  -11.012 1.00 21.68 ? 2161 PHE A CD1 1 
ATOM   1019 C  CD2 . PHE A 1 128 ? 1.748   -0.423  -9.547  1.00 20.96 ? 2161 PHE A CD2 1 
ATOM   1020 C  CE1 . PHE A 1 128 ? 3.417   -2.571  -9.970  1.00 22.15 ? 2161 PHE A CE1 1 
ATOM   1021 C  CE2 . PHE A 1 128 ? 2.524   -0.909  -8.508  1.00 22.23 ? 2161 PHE A CE2 1 
ATOM   1022 C  CZ  . PHE A 1 128 ? 3.356   -1.989  -8.720  1.00 21.91 ? 2161 PHE A CZ  1 
ATOM   1023 N  N   . GLU A 1 129 ? 0.570   0.083   -15.121 1.00 24.88 ? 2162 GLU A N   1 
ATOM   1024 C  CA  . GLU A 1 129 ? -0.443  0.225   -16.138 1.00 26.18 ? 2162 GLU A CA  1 
ATOM   1025 C  C   . GLU A 1 129 ? -1.208  -1.068  -16.306 1.00 24.22 ? 2162 GLU A C   1 
ATOM   1026 O  O   . GLU A 1 129 ? -0.861  -2.102  -15.715 1.00 24.64 ? 2162 GLU A O   1 
ATOM   1027 C  CB  . GLU A 1 129 ? 0.212   0.629   -17.463 1.00 27.32 ? 2162 GLU A CB  1 
ATOM   1028 C  CG  . GLU A 1 129 ? 0.902   1.976   -17.430 1.00 31.11 ? 2162 GLU A CG  1 
ATOM   1029 C  CD  . GLU A 1 129 ? 1.606   2.289   -18.740 1.00 34.51 ? 2162 GLU A CD  1 
ATOM   1030 O  OE1 . GLU A 1 129 ? 1.006   3.002   -19.573 1.00 37.78 ? 2162 GLU A OE1 1 
ATOM   1031 O  OE2 . GLU A 1 129 ? 2.747   1.826   -18.921 1.00 36.20 ? 2162 GLU A OE2 1 
ATOM   1032 N  N   . ASP A 1 130 ? -2.275  -1.001  -17.094 1.00 25.73 ? 2163 ASP A N   1 
ATOM   1033 C  CA  A ASP A 1 130 ? -3.101  -2.164  -17.438 0.50 26.96 ? 2163 ASP A CA  1 
ATOM   1034 C  CA  B ASP A 1 130 ? -3.084  -2.163  -17.432 0.50 26.68 ? 2163 ASP A CA  1 
ATOM   1035 C  C   . ASP A 1 130 ? -3.651  -2.826  -16.171 1.00 26.31 ? 2163 ASP A C   1 
ATOM   1036 O  O   . ASP A 1 130 ? -3.733  -4.036  -16.063 1.00 25.63 ? 2163 ASP A O   1 
ATOM   1037 C  CB  A ASP A 1 130 ? -2.315  -3.199  -18.280 0.50 28.81 ? 2163 ASP A CB  1 
ATOM   1038 C  CB  B ASP A 1 130 ? -2.253  -3.169  -18.252 0.50 28.25 ? 2163 ASP A CB  1 
ATOM   1039 C  CG  A ASP A 1 130 ? -1.658  -2.594  -19.519 0.50 29.92 ? 2163 ASP A CG  1 
ATOM   1040 C  CG  B ASP A 1 130 ? -3.114  -4.152  -18.996 0.50 29.33 ? 2163 ASP A CG  1 
ATOM   1041 O  OD1 A ASP A 1 130 ? -2.378  -2.136  -20.433 0.50 32.70 ? 2163 ASP A OD1 1 
ATOM   1042 O  OD1 B ASP A 1 130 ? -4.267  -3.794  -19.294 0.50 31.50 ? 2163 ASP A OD1 1 
ATOM   1043 O  OD2 A ASP A 1 130 ? -0.415  -2.606  -19.585 0.50 33.69 ? 2163 ASP A OD2 1 
ATOM   1044 O  OD2 B ASP A 1 130 ? -2.642  -5.282  -19.274 0.50 30.20 ? 2163 ASP A OD2 1 
ATOM   1045 N  N   . VAL A 1 131 ? -4.039  -2.008  -15.200 1.00 24.61 ? 2164 VAL A N   1 
ATOM   1046 C  CA  . VAL A 1 131 ? -4.587  -2.537  -13.963 1.00 24.45 ? 2164 VAL A CA  1 
ATOM   1047 C  C   . VAL A 1 131 ? -5.920  -3.215  -14.262 1.00 24.58 ? 2164 VAL A C   1 
ATOM   1048 O  O   . VAL A 1 131 ? -6.813  -2.598  -14.796 1.00 28.07 ? 2164 VAL A O   1 
ATOM   1049 C  CB  . VAL A 1 131 ? -4.733  -1.407  -12.922 1.00 22.59 ? 2164 VAL A CB  1 
ATOM   1050 C  CG1 . VAL A 1 131 ? -5.483  -1.878  -11.681 1.00 23.93 ? 2164 VAL A CG1 1 
ATOM   1051 C  CG2 . VAL A 1 131 ? -3.365  -0.884  -12.576 1.00 22.63 ? 2164 VAL A CG2 1 
ATOM   1052 N  N   . ASP A 1 132 ? -6.057  -4.476  -13.897 1.00 22.91 ? 2165 ASP A N   1 
ATOM   1053 C  CA  . ASP A 1 132 ? -7.114  -5.327  -14.423 1.00 24.87 ? 2165 ASP A CA  1 
ATOM   1054 C  C   . ASP A 1 132 ? -8.016  -5.967  -13.368 1.00 23.34 ? 2165 ASP A C   1 
ATOM   1055 O  O   . ASP A 1 132 ? -8.493  -7.079  -13.527 1.00 23.93 ? 2165 ASP A O   1 
ATOM   1056 C  CB  . ASP A 1 132 ? -6.485  -6.383  -15.350 1.00 25.97 ? 2165 ASP A CB  1 
ATOM   1057 C  CG  . ASP A 1 132 ? -5.510  -7.323  -14.629 1.00 28.72 ? 2165 ASP A CG  1 
ATOM   1058 O  OD1 . ASP A 1 132 ? -5.275  -7.177  -13.403 1.00 25.74 ? 2165 ASP A OD1 1 
ATOM   1059 O  OD2 . ASP A 1 132 ? -4.962  -8.225  -15.308 1.00 29.48 ? 2165 ASP A OD2 1 
ATOM   1060 N  N   . ALA A 1 133 ? -8.245  -5.246  -12.266 1.00 21.74 ? 2166 ALA A N   1 
ATOM   1061 C  CA  . ALA A 1 133 ? -9.256  -5.642  -11.284 1.00 20.97 ? 2166 ALA A CA  1 
ATOM   1062 C  C   . ALA A 1 133 ? -10.468 -4.742  -11.359 1.00 20.85 ? 2166 ALA A C   1 
ATOM   1063 O  O   . ALA A 1 133 ? -10.349 -3.567  -11.705 1.00 23.73 ? 2166 ALA A O   1 
ATOM   1064 C  CB  . ALA A 1 133 ? -8.692  -5.607  -9.884  1.00 22.08 ? 2166 ALA A CB  1 
ATOM   1065 N  N   . ALA A 1 134 ? -11.629 -5.318  -11.053 1.00 19.07 ? 2167 ALA A N   1 
ATOM   1066 C  CA  . ALA A 1 134 ? -12.863 -4.582  -11.038 1.00 19.09 ? 2167 ALA A CA  1 
ATOM   1067 C  C   . ALA A 1 134 ? -13.004 -3.724  -9.796  1.00 19.49 ? 2167 ALA A C   1 
ATOM   1068 O  O   . ALA A 1 134 ? -13.613 -2.646  -9.865  1.00 19.86 ? 2167 ALA A O   1 
ATOM   1069 C  CB  . ALA A 1 134 ? -14.044 -5.518  -11.128 1.00 20.89 ? 2167 ALA A CB  1 
ATOM   1070 N  N   . GLU A 1 135 ? -12.510 -4.224  -8.668  1.00 18.30 ? 2168 GLU A N   1 
ATOM   1071 C  CA  . GLU A 1 135 ? -12.607 -3.489  -7.412  1.00 18.21 ? 2168 GLU A CA  1 
ATOM   1072 C  C   . GLU A 1 135 ? -11.292 -3.620  -6.659  1.00 18.22 ? 2168 GLU A C   1 
ATOM   1073 O  O   . GLU A 1 135 ? -10.748 -4.721  -6.525  1.00 18.02 ? 2168 GLU A O   1 
ATOM   1074 C  CB  . GLU A 1 135 ? -13.752 -4.021  -6.564  1.00 18.08 ? 2168 GLU A CB  1 
ATOM   1075 C  CG  . GLU A 1 135 ? -13.924 -3.296  -5.231  1.00 18.98 ? 2168 GLU A CG  1 
ATOM   1076 C  CD  . GLU A 1 135 ? -15.307 -3.384  -4.636  1.00 21.44 ? 2168 GLU A CD  1 
ATOM   1077 O  OE1 . GLU A 1 135 ? -16.113 -4.232  -5.046  1.00 23.02 ? 2168 GLU A OE1 1 
ATOM   1078 O  OE2 . GLU A 1 135 ? -15.601 -2.553  -3.737  1.00 25.03 ? 2168 GLU A OE2 1 
ATOM   1079 N  N   . LEU A 1 136 ? -10.790 -2.501  -6.157  1.00 17.63 ? 2169 LEU A N   1 
ATOM   1080 C  CA  . LEU A 1 136 ? -9.492  -2.479  -5.478  1.00 18.00 ? 2169 LEU A CA  1 
ATOM   1081 C  C   . LEU A 1 136 ? -9.574  -1.708  -4.185  1.00 17.57 ? 2169 LEU A C   1 
ATOM   1082 O  O   . LEU A 1 136 ? -10.336 -0.736  -4.062  1.00 18.10 ? 2169 LEU A O   1 
ATOM   1083 C  CB  . LEU A 1 136 ? -8.375  -1.911  -6.359  1.00 19.06 ? 2169 LEU A CB  1 
ATOM   1084 C  CG  . LEU A 1 136 ? -7.950  -2.850  -7.493  1.00 19.31 ? 2169 LEU A CG  1 
ATOM   1085 C  CD1 . LEU A 1 136 ? -7.032  -2.136  -8.482  1.00 19.78 ? 2169 LEU A CD1 1 
ATOM   1086 C  CD2 . LEU A 1 136 ? -7.258  -4.075  -6.914  1.00 20.68 ? 2169 LEU A CD2 1 
ATOM   1087 N  N   . TYR A 1 137 ? -8.800  -2.173  -3.209  1.00 15.98 ? 2170 TYR A N   1 
ATOM   1088 C  CA  . TYR A 1 137 ? -8.767  -1.539  -1.891  1.00 16.44 ? 2170 TYR A CA  1 
ATOM   1089 C  C   . TYR A 1 137 ? -7.364  -1.068  -1.610  1.00 16.10 ? 2170 TYR A C   1 
ATOM   1090 O  O   . TYR A 1 137 ? -6.417  -1.811  -1.796  1.00 16.54 ? 2170 TYR A O   1 
ATOM   1091 C  CB  . TYR A 1 137 ? -9.143  -2.526  -0.783  1.00 16.64 ? 2170 TYR A CB  1 
ATOM   1092 C  CG  . TYR A 1 137 ? -10.499 -3.132  -0.921  1.00 16.51 ? 2170 TYR A CG  1 
ATOM   1093 C  CD1 . TYR A 1 137 ? -10.729 -4.186  -1.825  1.00 18.62 ? 2170 TYR A CD1 1 
ATOM   1094 C  CD2 . TYR A 1 137 ? -11.557 -2.679  -0.164  1.00 17.78 ? 2170 TYR A CD2 1 
ATOM   1095 C  CE1 . TYR A 1 137 ? -11.989 -4.731  -1.963  1.00 19.31 ? 2170 TYR A CE1 1 
ATOM   1096 C  CE2 . TYR A 1 137 ? -12.821 -3.232  -0.311  1.00 19.66 ? 2170 TYR A CE2 1 
ATOM   1097 C  CZ  . TYR A 1 137 ? -13.013 -4.264  -1.198  1.00 19.92 ? 2170 TYR A CZ  1 
ATOM   1098 O  OH  . TYR A 1 137 ? -14.285 -4.800  -1.310  1.00 23.42 ? 2170 TYR A OH  1 
ATOM   1099 N  N   . PRO A 1 138 ? -7.213  0.161   -1.104  1.00 15.75 ? 2171 PRO A N   1 
ATOM   1100 C  CA  . PRO A 1 138 ? -5.927  0.532   -0.487  1.00 14.89 ? 2171 PRO A CA  1 
ATOM   1101 C  C   . PRO A 1 138 ? -5.444  -0.528  0.497   1.00 15.22 ? 2171 PRO A C   1 
ATOM   1102 O  O   . PRO A 1 138 ? -6.259  -1.115  1.222   1.00 16.09 ? 2171 PRO A O   1 
ATOM   1103 C  CB  . PRO A 1 138 ? -6.252  1.850   0.222   1.00 15.02 ? 2171 PRO A CB  1 
ATOM   1104 C  CG  . PRO A 1 138 ? -7.373  2.421   -0.572  1.00 15.19 ? 2171 PRO A CG  1 
ATOM   1105 C  CD  . PRO A 1 138 ? -8.204  1.259   -1.024  1.00 15.01 ? 2171 PRO A CD  1 
ATOM   1106 N  N   . CYS A 1 139 ? -4.150  -0.820  0.488   1.00 14.86 ? 2172 CYS A N   1 
ATOM   1107 C  CA  . CYS A 1 139 ? -3.587  -1.862  1.359   1.00 15.59 ? 2172 CYS A CA  1 
ATOM   1108 C  C   . CYS A 1 139 ? -2.174  -1.606  1.774   1.00 15.45 ? 2172 CYS A C   1 
ATOM   1109 O  O   . CYS A 1 139 ? -1.458  -0.841  1.163   1.00 15.57 ? 2172 CYS A O   1 
ATOM   1110 C  CB  . CYS A 1 139 ? -3.632  -3.234  0.695   1.00 16.76 ? 2172 CYS A CB  1 
ATOM   1111 S  SG  . CYS A 1 139 ? -2.478  -3.470  -0.656  1.00 17.37 ? 2172 CYS A SG  1 
ATOM   1112 N  N   . VAL A 1 140 ? -1.795  -2.312  2.828   1.00 15.53 ? 2173 VAL A N   1 
ATOM   1113 C  CA  . VAL A 1 140 ? -0.451  -2.328  3.370   1.00 16.67 ? 2173 VAL A CA  1 
ATOM   1114 C  C   . VAL A 1 140 ? -0.124  -3.789  3.589   1.00 17.50 ? 2173 VAL A C   1 
ATOM   1115 O  O   . VAL A 1 140 ? -0.993  -4.564  4.004   1.00 17.69 ? 2173 VAL A O   1 
ATOM   1116 C  CB  . VAL A 1 140 ? -0.408  -1.546  4.700   1.00 17.62 ? 2173 VAL A CB  1 
ATOM   1117 C  CG1 . VAL A 1 140 ? 0.939   -1.682  5.373   1.00 17.91 ? 2173 VAL A CG1 1 
ATOM   1118 C  CG2 . VAL A 1 140 ? -0.755  -0.087  4.454   1.00 16.28 ? 2173 VAL A CG2 1 
HETATM 1119 N  N   A MSE A 1 141 ? 1.118   -4.172  3.299   0.65 17.91 ? 2174 MSE A N   1 
HETATM 1120 N  N   B MSE A 1 141 ? 1.106   -4.187  3.295   0.35 17.71 ? 2174 MSE A N   1 
HETATM 1121 C  CA  A MSE A 1 141 ? 1.596   -5.539  3.553   0.65 19.38 ? 2174 MSE A CA  1 
HETATM 1122 C  CA  B MSE A 1 141 ? 1.541   -5.519  3.696   0.35 18.42 ? 2174 MSE A CA  1 
HETATM 1123 C  C   . MSE A 1 141 ? 2.916   -5.440  4.278   1.00 19.37 ? 2174 MSE A C   1 
HETATM 1124 O  O   . MSE A 1 141 ? 3.699   -4.539  3.988   1.00 20.63 ? 2174 MSE A O   1 
HETATM 1125 C  CB  A MSE A 1 141 ? 1.723   -6.221  2.186   0.65 21.14 ? 2174 MSE A CB  1 
HETATM 1126 C  CB  B MSE A 1 141 ? 1.416   -6.536  2.566   0.35 18.52 ? 2174 MSE A CB  1 
HETATM 1127 C  CG  A MSE A 1 141 ? 2.046   -7.713  2.174   0.65 22.68 ? 2174 MSE A CG  1 
HETATM 1128 C  CG  B MSE A 1 141 ? 2.344   -6.222  1.408   0.35 18.90 ? 2174 MSE A CG  1 
HETATM 1129 SE SE  A MSE A 1 141 ? 3.984   -8.094  2.279   0.65 27.09 ? 2174 MSE A SE  1 
HETATM 1130 SE SE  B MSE A 1 141 ? 4.189   -6.769  1.795   0.35 20.49 ? 2174 MSE A SE  1 
HETATM 1131 C  CE  A MSE A 1 141 ? 4.756   -6.523  1.390   0.65 28.00 ? 2174 MSE A CE  1 
HETATM 1132 C  CE  B MSE A 1 141 ? 3.724   -8.437  2.757   0.35 19.16 ? 2174 MSE A CE  1 
ATOM   1133 N  N   . PHE A 1 142 ? 3.165   -6.356  5.211   1.00 19.11 ? 2175 PHE A N   1 
ATOM   1134 C  CA  . PHE A 1 142 ? 4.437   -6.435  5.904   1.00 19.45 ? 2175 PHE A CA  1 
ATOM   1135 C  C   . PHE A 1 142 ? 5.081   -7.793  5.647   1.00 19.81 ? 2175 PHE A C   1 
ATOM   1136 O  O   . PHE A 1 142 ? 4.443   -8.823  5.867   1.00 20.49 ? 2175 PHE A O   1 
ATOM   1137 C  CB  . PHE A 1 142 ? 4.215   -6.261  7.401   1.00 18.74 ? 2175 PHE A CB  1 
ATOM   1138 C  CG  . PHE A 1 142 ? 3.484   -5.000  7.777   1.00 18.83 ? 2175 PHE A CG  1 
ATOM   1139 C  CD1 . PHE A 1 142 ? 4.103   -3.750  7.680   1.00 18.18 ? 2175 PHE A CD1 1 
ATOM   1140 C  CD2 . PHE A 1 142 ? 2.180   -5.071  8.273   1.00 18.11 ? 2175 PHE A CD2 1 
ATOM   1141 C  CE1 . PHE A 1 142 ? 3.421   -2.603  8.037   1.00 18.43 ? 2175 PHE A CE1 1 
ATOM   1142 C  CE2 . PHE A 1 142 ? 1.491   -3.911  8.636   1.00 17.89 ? 2175 PHE A CE2 1 
ATOM   1143 C  CZ  . PHE A 1 142 ? 2.115   -2.689  8.505   1.00 18.04 ? 2175 PHE A CZ  1 
ATOM   1144 N  N   . TYR A 1 143 ? 6.326   -7.782  5.175   1.00 21.70 ? 2176 TYR A N   1 
ATOM   1145 C  CA  . TYR A 1 143 ? 7.052   -9.035  4.904   1.00 22.65 ? 2176 TYR A CA  1 
ATOM   1146 C  C   . TYR A 1 143 ? 8.067   -9.364  5.968   1.00 24.04 ? 2176 TYR A C   1 
ATOM   1147 O  O   . TYR A 1 143 ? 8.755   -10.399 5.873   1.00 25.60 ? 2176 TYR A O   1 
ATOM   1148 C  CB  . TYR A 1 143 ? 7.695   -9.051  3.511   1.00 22.50 ? 2176 TYR A CB  1 
ATOM   1149 C  CG  . TYR A 1 143 ? 8.642   -7.918  3.230   1.00 22.81 ? 2176 TYR A CG  1 
ATOM   1150 C  CD1 . TYR A 1 143 ? 9.960   -7.968  3.652   1.00 22.61 ? 2176 TYR A CD1 1 
ATOM   1151 C  CD2 . TYR A 1 143 ? 8.222   -6.786  2.548   1.00 22.42 ? 2176 TYR A CD2 1 
ATOM   1152 C  CE1 . TYR A 1 143 ? 10.820  -6.928  3.414   1.00 22.58 ? 2176 TYR A CE1 1 
ATOM   1153 C  CE2 . TYR A 1 143 ? 9.087   -5.737  2.289   1.00 21.87 ? 2176 TYR A CE2 1 
ATOM   1154 C  CZ  . TYR A 1 143 ? 10.396  -5.822  2.699   1.00 22.00 ? 2176 TYR A CZ  1 
ATOM   1155 O  OH  . TYR A 1 143 ? 11.251  -4.793  2.426   1.00 21.40 ? 2176 TYR A OH  1 
ATOM   1156 N  N   . SER A 1 144 ? 8.175   -8.503  6.970   1.00 24.59 ? 2177 SER A N   1 
ATOM   1157 C  CA  . SER A 1 144 ? 8.958   -8.808  8.145   1.00 26.05 ? 2177 SER A CA  1 
ATOM   1158 C  C   . SER A 1 144 ? 8.318   -9.919  8.967   1.00 28.24 ? 2177 SER A C   1 
ATOM   1159 O  O   . SER A 1 144 ? 7.108   -10.175 8.890   1.00 26.71 ? 2177 SER A O   1 
ATOM   1160 C  CB  . SER A 1 144 ? 9.122   -7.542  8.981   1.00 27.41 ? 2177 SER A CB  1 
ATOM   1161 O  OG  . SER A 1 144 ? 7.859   -6.942  9.199   1.00 26.06 ? 2177 SER A OG  1 
ATOM   1162 N  N   A SER A 1 145 ? 9.145   -10.594 9.762   0.50 30.14 ? 2178 SER A N   1 
ATOM   1163 N  N   B SER A 1 145 ? 9.136   -10.608 9.754   0.50 30.02 ? 2178 SER A N   1 
ATOM   1164 C  CA  A SER A 1 145 ? 8.673   -11.676 10.620  0.50 31.73 ? 2178 SER A CA  1 
ATOM   1165 C  CA  B SER A 1 145 ? 8.611   -11.672 10.598  0.50 31.43 ? 2178 SER A CA  1 
ATOM   1166 C  C   . SER A 1 145 ? 8.141   -11.143 11.944  1.00 31.83 ? 2178 SER A C   1 
ATOM   1167 O  O   . SER A 1 145 ? 7.170   -11.656 12.487  1.00 34.39 ? 2178 SER A O   1 
ATOM   1168 C  CB  A SER A 1 145 ? 9.816   -12.655 10.892  0.50 32.44 ? 2178 SER A CB  1 
ATOM   1169 C  CB  B SER A 1 145 ? 9.644   -12.789 10.775  0.50 32.13 ? 2178 SER A CB  1 
ATOM   1170 O  OG  A SER A 1 145 ? 10.942  -11.976 11.411  0.50 33.62 ? 2178 SER A OG  1 
ATOM   1171 O  OG  B SER A 1 145 ? 9.579   -13.683 9.677   0.50 32.29 ? 2178 SER A OG  1 
ATOM   1172 N  N   . ASN A 1 146 ? 8.815   -10.120 12.464  1.00 32.55 ? 2179 ASN A N   1 
ATOM   1173 C  CA  . ASN A 1 146 ? 8.504   -9.580  13.764  1.00 33.34 ? 2179 ASN A CA  1 
ATOM   1174 C  C   . ASN A 1 146 ? 7.444   -8.493  13.681  1.00 32.23 ? 2179 ASN A C   1 
ATOM   1175 O  O   . ASN A 1 146 ? 7.370   -7.762  12.689  1.00 32.73 ? 2179 ASN A O   1 
ATOM   1176 C  CB  . ASN A 1 146 ? 9.751   -8.972  14.395  1.00 34.19 ? 2179 ASN A CB  1 
ATOM   1177 C  CG  . ASN A 1 146 ? 10.788  -10.014 14.764  1.00 38.24 ? 2179 ASN A CG  1 
ATOM   1178 O  OD1 . ASN A 1 146 ? 10.495  -11.204 14.840  1.00 37.90 ? 2179 ASN A OD1 1 
ATOM   1179 N  ND2 . ASN A 1 146 ? 12.009  -9.561  15.003  1.00 42.25 ? 2179 ASN A ND2 1 
ATOM   1180 N  N   . PRO A 1 147 ? 6.635   -8.372  14.735  1.00 30.71 ? 2180 PRO A N   1 
ATOM   1181 C  CA  . PRO A 1 147 ? 5.656   -7.294  14.809  1.00 29.01 ? 2180 PRO A CA  1 
ATOM   1182 C  C   . PRO A 1 147 ? 6.259   -5.895  14.918  1.00 28.05 ? 2180 PRO A C   1 
ATOM   1183 O  O   . PRO A 1 147 ? 7.453   -5.734  15.208  1.00 29.65 ? 2180 PRO A O   1 
ATOM   1184 C  CB  . PRO A 1 147 ? 4.881   -7.602  16.085  1.00 30.51 ? 2180 PRO A CB  1 
ATOM   1185 C  CG  . PRO A 1 147 ? 5.766   -8.491  16.887  1.00 32.18 ? 2180 PRO A CG  1 
ATOM   1186 C  CD  . PRO A 1 147 ? 6.595   -9.250  15.918  1.00 31.52 ? 2180 PRO A CD  1 
ATOM   1187 N  N   . GLY A 1 148 ? 5.420   -4.885  14.702  1.00 25.21 ? 2181 GLY A N   1 
ATOM   1188 C  CA  . GLY A 1 148 ? 5.727   -3.532  15.161  1.00 24.52 ? 2181 GLY A CA  1 
ATOM   1189 C  C   . GLY A 1 148 ? 5.563   -2.356  14.235  1.00 24.27 ? 2181 GLY A C   1 
ATOM   1190 O  O   . GLY A 1 148 ? 5.412   -1.212  14.697  1.00 24.12 ? 2181 GLY A O   1 
ATOM   1191 N  N   . GLU A 1 149 ? 5.655   -2.599  12.935  1.00 21.82 ? 2182 GLU A N   1 
ATOM   1192 C  CA  . GLU A 1 149 ? 5.544   -1.501  11.984  1.00 20.64 ? 2182 GLU A CA  1 
ATOM   1193 C  C   . GLU A 1 149 ? 4.136   -0.947  12.064  1.00 19.67 ? 2182 GLU A C   1 
ATOM   1194 O  O   . GLU A 1 149 ? 3.214   -1.681  12.392  1.00 20.68 ? 2182 GLU A O   1 
ATOM   1195 C  CB  . GLU A 1 149 ? 5.792   -1.951  10.551  1.00 20.81 ? 2182 GLU A CB  1 
ATOM   1196 C  CG  . GLU A 1 149 ? 7.175   -2.506  10.232  1.00 22.04 ? 2182 GLU A CG  1 
ATOM   1197 C  CD  . GLU A 1 149 ? 7.287   -3.993  10.459  1.00 21.74 ? 2182 GLU A CD  1 
ATOM   1198 O  OE1 . GLU A 1 149 ? 6.369   -4.604  11.029  1.00 21.74 ? 2182 GLU A OE1 1 
ATOM   1199 O  OE2 . GLU A 1 149 ? 8.315   -4.564  10.065  1.00 23.71 ? 2182 GLU A OE2 1 
ATOM   1200 N  N   . LYS A 1 150 ? 3.978   0.337   11.747  1.00 18.69 ? 2183 LYS A N   1 
ATOM   1201 C  CA  . LYS A 1 150 ? 2.665   0.992   11.759  1.00 19.61 ? 2183 LYS A CA  1 
ATOM   1202 C  C   . LYS A 1 150 ? 2.506   1.943   10.584  1.00 18.88 ? 2183 LYS A C   1 
ATOM   1203 O  O   . LYS A 1 150 ? 3.403   2.741   10.300  1.00 19.18 ? 2183 LYS A O   1 
ATOM   1204 C  CB  . LYS A 1 150 ? 2.435   1.782   13.060  1.00 20.83 ? 2183 LYS A CB  1 
ATOM   1205 C  CG  . LYS A 1 150 ? 2.431   0.952   14.322  1.00 21.42 ? 2183 LYS A CG  1 
ATOM   1206 C  CD  . LYS A 1 150 ? 2.019   1.826   15.493  1.00 22.88 ? 2183 LYS A CD  1 
ATOM   1207 C  CE  . LYS A 1 150 ? 2.173   1.061   16.805  1.00 24.07 ? 2183 LYS A CE  1 
ATOM   1208 N  NZ  . LYS A 1 150 ? 1.323   1.582   17.906  1.00 28.21 ? 2183 LYS A NZ  1 
ATOM   1209 N  N   . VAL A 1 151 ? 1.374   1.848   9.895   1.00 17.77 ? 2184 VAL A N   1 
ATOM   1210 C  CA  . VAL A 1 151 ? 1.067   2.730   8.751   1.00 17.47 ? 2184 VAL A CA  1 
ATOM   1211 C  C   . VAL A 1 151 ? -0.312  3.335   8.941   1.00 17.39 ? 2184 VAL A C   1 
ATOM   1212 O  O   . VAL A 1 151 ? -1.278  2.620   9.241   1.00 17.73 ? 2184 VAL A O   1 
ATOM   1213 C  CB  . VAL A 1 151 ? 1.111   1.939   7.415   1.00 17.42 ? 2184 VAL A CB  1 
ATOM   1214 C  CG1 . VAL A 1 151 ? 0.786   2.825   6.209   1.00 17.07 ? 2184 VAL A CG1 1 
ATOM   1215 C  CG2 . VAL A 1 151 ? 2.475   1.285   7.228   1.00 18.97 ? 2184 VAL A CG2 1 
ATOM   1216 N  N   . LYS A 1 152 ? -0.413  4.640   8.718   1.00 16.22 ? 2185 LYS A N   1 
ATOM   1217 C  CA  . LYS A 1 152 ? -1.667  5.354   8.782   1.00 16.98 ? 2185 LYS A CA  1 
ATOM   1218 C  C   . LYS A 1 152 ? -2.220  5.597   7.379   1.00 17.41 ? 2185 LYS A C   1 
ATOM   1219 O  O   . LYS A 1 152 ? -1.474  6.003   6.482   1.00 18.32 ? 2185 LYS A O   1 
ATOM   1220 C  CB  . LYS A 1 152 ? -1.447  6.697   9.482   1.00 17.68 ? 2185 LYS A CB  1 
ATOM   1221 C  CG  . LYS A 1 152 ? -2.691  7.551   9.623   1.00 18.37 ? 2185 LYS A CG  1 
ATOM   1222 C  CD  . LYS A 1 152 ? -2.441  8.769   10.490  1.00 18.78 ? 2185 LYS A CD  1 
ATOM   1223 C  CE  . LYS A 1 152 ? -3.687  9.629   10.563  1.00 20.51 ? 2185 LYS A CE  1 
ATOM   1224 N  NZ  . LYS A 1 152 ? -3.624  10.681  11.615  1.00 19.85 ? 2185 LYS A NZ  1 
ATOM   1225 N  N   . ILE A 1 153 ? -3.524  5.391   7.213   1.00 16.59 ? 2186 ILE A N   1 
ATOM   1226 C  CA  . ILE A 1 153 ? -4.182  5.783   5.980   1.00 17.18 ? 2186 ILE A CA  1 
ATOM   1227 C  C   . ILE A 1 153 ? -4.821  7.168   6.165   1.00 17.73 ? 2186 ILE A C   1 
ATOM   1228 O  O   . ILE A 1 153 ? -5.473  7.421   7.179   1.00 19.10 ? 2186 ILE A O   1 
ATOM   1229 C  CB  . ILE A 1 153 ? -5.174  4.681   5.486   1.00 16.59 ? 2186 ILE A CB  1 
ATOM   1230 C  CG1 . ILE A 1 153 ? -5.607  4.958   4.037   1.00 17.20 ? 2186 ILE A CG1 1 
ATOM   1231 C  CG2 . ILE A 1 153 ? -6.358  4.519   6.417   1.00 17.33 ? 2186 ILE A CG2 1 
ATOM   1232 C  CD1 . ILE A 1 153 ? -6.379  3.806   3.402   1.00 17.27 ? 2186 ILE A CD1 1 
ATOM   1233 N  N   . CYS A 1 154 ? -4.636  8.039   5.179   1.00 18.21 ? 2187 CYS A N   1 
ATOM   1234 C  CA  . CYS A 1 154 ? -4.934  9.470   5.235   1.00 19.20 ? 2187 CYS A CA  1 
ATOM   1235 C  C   . CYS A 1 154 ? -5.639  9.971   4.007   1.00 21.15 ? 2187 CYS A C   1 
ATOM   1236 O  O   . CYS A 1 154 ? -5.427  9.460   2.911   1.00 22.00 ? 2187 CYS A O   1 
ATOM   1237 C  CB  . CYS A 1 154 ? -3.629  10.268  5.211   1.00 21.03 ? 2187 CYS A CB  1 
ATOM   1238 S  SG  . CYS A 1 154 ? -2.486  9.909   6.517   1.00 24.05 ? 2187 CYS A SG  1 
ATOM   1239 N  N   . ASP A 1 155 ? -6.421  11.025  4.186   1.00 23.23 ? 2188 ASP A N   1 
ATOM   1240 C  CA  A ASP A 1 155 ? -7.034  11.727  3.068   0.50 24.87 ? 2188 ASP A CA  1 
ATOM   1241 C  CA  B ASP A 1 155 ? -7.028  11.722  3.070   0.50 24.99 ? 2188 ASP A CA  1 
ATOM   1242 C  C   . ASP A 1 155 ? -5.964  12.473  2.272   1.00 25.73 ? 2188 ASP A C   1 
ATOM   1243 O  O   . ASP A 1 155 ? -4.845  12.726  2.751   1.00 23.85 ? 2188 ASP A O   1 
ATOM   1244 C  CB  A ASP A 1 155 ? -8.112  12.693  3.555   0.50 25.60 ? 2188 ASP A CB  1 
ATOM   1245 C  CB  B ASP A 1 155 ? -8.109  12.688  3.554   0.50 25.65 ? 2188 ASP A CB  1 
ATOM   1246 C  CG  A ASP A 1 155 ? -7.535  13.990  4.098   0.50 27.61 ? 2188 ASP A CG  1 
ATOM   1247 C  CG  B ASP A 1 155 ? -7.533  13.988  4.098   0.50 27.65 ? 2188 ASP A CG  1 
ATOM   1248 O  OD1 . ASP A 1 155 ? -7.305  14.931  3.298   0.50 26.57 ? 2188 ASP A OD1 1 
ATOM   1249 O  OD2 . ASP A 1 155 ? -7.317  14.067  5.322   0.50 28.77 ? 2188 ASP A OD2 1 
HETATM 1250 N  N   A MSE A 1 156 ? -6.289  12.839  1.040   0.50 25.84 ? 2189 MSE A N   1 
HETATM 1251 N  N   B MSE A 1 156 ? -6.350  12.840  1.052   0.50 27.57 ? 2189 MSE A N   1 
HETATM 1252 C  CA  A MSE A 1 156 ? -5.266  13.358  0.135   0.50 26.41 ? 2189 MSE A CA  1 
HETATM 1253 C  CA  B MSE A 1 156 ? -5.470  13.477  0.075   0.50 29.84 ? 2189 MSE A CA  1 
HETATM 1254 C  C   A MSE A 1 156 ? -4.770  14.744  0.502   0.50 29.31 ? 2189 MSE A C   1 
HETATM 1255 C  C   B MSE A 1 156 ? -4.764  14.693  0.574   0.50 30.91 ? 2189 MSE A C   1 
HETATM 1256 O  O   A MSE A 1 156 ? -3.740  15.175  -0.026  0.50 33.83 ? 2189 MSE A O   1 
HETATM 1257 O  O   B MSE A 1 156 ? -3.612  14.945  0.229   0.50 34.42 ? 2189 MSE A O   1 
HETATM 1258 C  CB  A MSE A 1 156 ? -5.822  13.306  -1.295  0.50 23.87 ? 2189 MSE A CB  1 
HETATM 1259 C  CB  B MSE A 1 156 ? -6.367  13.951  -1.068  0.50 28.92 ? 2189 MSE A CB  1 
HETATM 1260 C  CG  A MSE A 1 156 ? -6.616  14.558  -1.619  0.50 22.57 ? 2189 MSE A CG  1 
HETATM 1261 C  CG  B MSE A 1 156 ? -5.888  13.345  -2.366  0.50 30.32 ? 2189 MSE A CG  1 
HETATM 1262 SE SE  A MSE A 1 156 ? -7.099  14.582  -3.542  0.50 20.31 ? 2189 MSE A SE  1 
HETATM 1263 SE SE  B MSE A 1 156 ? -4.108  12.582  -2.043  0.50 30.47 ? 2189 MSE A SE  1 
HETATM 1264 C  CE  A MSE A 1 156 ? -5.950  16.016  -4.233  0.50 23.29 ? 2189 MSE A CE  1 
HETATM 1265 C  CE  B MSE A 1 156 ? -3.097  14.271  -2.171  0.50 31.39 ? 2189 MSE A CE  1 
ATOM   1266 N  N   . GLN A 1 157 ? -5.463  15.453  1.392   1.00 30.08 ? 2190 GLN A N   1 
ATOM   1267 C  CA  . GLN A 1 157 ? -5.014  16.775  1.829   1.00 33.01 ? 2190 GLN A CA  1 
ATOM   1268 C  C   . GLN A 1 157 ? -4.292  16.783  3.177   1.00 31.88 ? 2190 GLN A C   1 
ATOM   1269 O  O   . GLN A 1 157 ? -3.871  17.843  3.671   1.00 31.08 ? 2190 GLN A O   1 
ATOM   1270 C  CB  . GLN A 1 157 ? -6.201  17.686  1.871   1.00 35.13 ? 2190 GLN A CB  1 
ATOM   1271 C  CG  . GLN A 1 157 ? -6.829  17.805  0.501   1.00 35.90 ? 2190 GLN A CG  1 
ATOM   1272 C  CD  . GLN A 1 157 ? -7.686  19.024  0.397   1.00 35.08 ? 2190 GLN A CD  1 
ATOM   1273 O  OE1 . GLN A 1 157 ? -7.225  20.037  -0.113  1.00 29.11 ? 2190 GLN A OE1 1 
ATOM   1274 N  NE2 . GLN A 1 157 ? -8.933  18.955  0.927   1.00 33.99 ? 2190 GLN A NE2 1 
HETATM 1275 N  N   A MSE A 1 158 ? -4.157  15.605  3.773   0.50 29.00 ? 2191 MSE A N   1 
HETATM 1276 N  N   B MSE A 1 158 ? -4.165  15.606  3.769   0.50 29.25 ? 2191 MSE A N   1 
HETATM 1277 C  CA  A MSE A 1 158 ? -3.308  15.446  4.949   0.50 28.12 ? 2191 MSE A CA  1 
HETATM 1278 C  CA  B MSE A 1 158 ? -3.307  15.422  4.928   0.50 28.64 ? 2191 MSE A CA  1 
HETATM 1279 C  C   . MSE A 1 158 ? -1.868  15.653  4.543   1.00 27.69 ? 2191 MSE A C   1 
HETATM 1280 O  O   . MSE A 1 158 ? -1.423  15.196  3.483   1.00 29.40 ? 2191 MSE A O   1 
HETATM 1281 C  CB  A MSE A 1 158 ? -3.532  14.050  5.521   0.50 27.93 ? 2191 MSE A CB  1 
HETATM 1282 C  CB  B MSE A 1 158 ? -3.529  13.975  5.325   0.50 28.95 ? 2191 MSE A CB  1 
HETATM 1283 C  CG  A MSE A 1 158 ? -2.902  13.902  6.896   0.50 28.98 ? 2191 MSE A CG  1 
HETATM 1284 C  CG  B MSE A 1 158 ? -2.914  13.690  6.666   0.50 30.47 ? 2191 MSE A CG  1 
HETATM 1285 SE SE  A MSE A 1 158 ? -4.009  12.658  7.939   0.50 30.92 ? 2191 MSE A SE  1 
HETATM 1286 SE SE  B MSE A 1 158 ? -4.196  14.226  8.039   0.50 32.17 ? 2191 MSE A SE  1 
HETATM 1287 C  CE  A MSE A 1 158 ? -5.513  13.945  8.129   0.50 29.24 ? 2191 MSE A CE  1 
HETATM 1288 C  CE  B MSE A 1 158 ? -5.856  14.819  7.162   0.50 31.65 ? 2191 MSE A CE  1 
ATOM   1289 N  N   . ARG A 1 159 ? -1.101  16.342  5.385   1.00 26.64 ? 2192 ARG A N   1 
ATOM   1290 C  CA  . ARG A 1 159 ? 0.308   16.586  5.099   1.00 27.47 ? 2192 ARG A CA  1 
ATOM   1291 C  C   . ARG A 1 159 ? 1.073   16.905  6.391   1.00 27.88 ? 2192 ARG A C   1 
ATOM   1292 O  O   . ARG A 1 159 ? 0.455   17.005  7.445   1.00 25.60 ? 2192 ARG A O   1 
ATOM   1293 C  CB  . ARG A 1 159 ? 0.459   17.754  4.107   1.00 30.49 ? 2192 ARG A CB  1 
ATOM   1294 C  CG  . ARG A 1 159 ? -0.015  19.091  4.670   1.00 33.38 ? 2192 ARG A CG  1 
ATOM   1295 C  CD  . ARG A 1 159 ? 0.125   20.233  3.668   1.00 38.05 ? 2192 ARG A CD  1 
ATOM   1296 N  NE  . ARG A 1 159 ? 1.525   20.566  3.421   1.00 42.25 ? 2192 ARG A NE  1 
ATOM   1297 C  CZ  . ARG A 1 159 ? 1.954   21.509  2.575   1.00 49.51 ? 2192 ARG A CZ  1 
ATOM   1298 N  NH1 . ARG A 1 159 ? 1.093   22.241  1.867   1.00 50.98 ? 2192 ARG A NH1 1 
ATOM   1299 N  NH2 . ARG A 1 159 ? 3.261   21.723  2.434   1.00 54.03 ? 2192 ARG A NH2 1 
ATOM   1300 O  OXT . ARG A 1 159 ? 2.303   17.073  6.388   1.00 27.68 ? 2192 ARG A OXT 1 
HETATM 1301 N  N   . ARF B 2 .   ? 14.716  -4.640  4.659   1.00 29.08 ? 2201 ARF A N   1 
HETATM 1302 C  C   . ARF B 2 .   ? 14.762  -5.224  3.464   1.00 29.52 ? 2201 ARF A C   1 
HETATM 1303 O  O   . ARF B 2 .   ? 13.750  -5.355  2.792   1.00 27.79 ? 2201 ARF A O   1 
HETATM 1304 N  N   A ARF C 2 .   ? 7.530   7.674   -5.615  0.50 24.39 ? 2202 ARF A N   1 
HETATM 1305 N  N   B ARF C 2 .   ? 7.405   8.819   -6.856  0.50 42.25 ? 2202 ARF A N   1 
HETATM 1306 C  C   A ARF C 2 .   ? 8.322   8.383   -6.428  0.50 25.80 ? 2202 ARF A C   1 
HETATM 1307 C  C   B ARF C 2 .   ? 7.792   8.467   -5.632  0.50 42.79 ? 2202 ARF A C   1 
HETATM 1308 O  O   A ARF C 2 .   ? 9.523   8.148   -6.457  0.50 25.66 ? 2202 ARF A O   1 
HETATM 1309 O  O   B ARF C 2 .   ? 8.986   8.404   -5.386  0.50 42.32 ? 2202 ARF A O   1 
HETATM 1310 N  N   . ARF D 2 .   ? -13.857 5.187   -3.021  1.00 50.15 ? 2203 ARF A N   1 
HETATM 1311 C  C   . ARF D 2 .   ? -13.381 5.903   -2.000  1.00 53.05 ? 2203 ARF A C   1 
HETATM 1312 O  O   . ARF D 2 .   ? -12.762 5.333   -1.111  1.00 53.38 ? 2203 ARF A O   1 
HETATM 1313 N  N   . ARF E 2 .   ? 3.615   15.994  8.931   1.00 32.45 ? 2204 ARF A N   1 
HETATM 1314 C  C   . ARF E 2 .   ? 2.998   15.002  9.588   1.00 31.07 ? 2204 ARF A C   1 
HETATM 1315 O  O   . ARF E 2 .   ? 1.791   15.024  9.647   1.00 26.42 ? 2204 ARF A O   1 
HETATM 1316 N  N   . ARF F 2 .   ? -9.639  4.909   2.035   1.00 39.71 ? 2205 ARF A N   1 
HETATM 1317 C  C   . ARF F 2 .   ? -9.472  5.385   3.281   1.00 41.32 ? 2205 ARF A C   1 
HETATM 1318 O  O   . ARF F 2 .   ? -9.704  4.645   4.233   1.00 39.14 ? 2205 ARF A O   1 
HETATM 1319 N  N   . ARF G 2 .   ? 12.309  -5.582  8.546   1.00 44.92 ? 2206 ARF A N   1 
HETATM 1320 C  C   . ARF G 2 .   ? 12.630  -6.206  7.405   1.00 47.26 ? 2206 ARF A C   1 
HETATM 1321 O  O   . ARF G 2 .   ? 12.363  -7.390  7.254   1.00 48.26 ? 2206 ARF A O   1 
HETATM 1322 N  N   . ARF H 2 .   ? -2.150  -11.396 14.809  1.00 38.43 ? 2207 ARF A N   1 
HETATM 1323 C  C   . ARF H 2 .   ? -2.306  -10.115 15.152  1.00 38.38 ? 2207 ARF A C   1 
HETATM 1324 O  O   . ARF H 2 .   ? -1.670  -9.667  16.097  1.00 40.96 ? 2207 ARF A O   1 
HETATM 1325 X  UNK . UNX I 3 .   ? 4.988   -6.457  -17.745 1.00 30.00 1 2208 UNX A UNK 1 
HETATM 1326 X  UNK . UNX J 3 .   ? 4.904   -14.637 -10.105 1.00 30.00 1 2209 UNX A UNK 1 
HETATM 1327 X  UNK . UNX K 3 .   ? 2.415   14.511  1.167   1.00 30.00 1 2210 UNX A UNK 1 
HETATM 1328 X  UNK . UNX L 3 .   ? 15.351  -4.409  12.474  1.00 30.00 1 2211 UNX A UNK 1 
HETATM 1329 X  UNK . UNX M 3 .   ? 2.263   13.524  -3.731  1.00 30.00 1 2212 UNX A UNK 1 
HETATM 1330 O  O   . HOH N 4 .   ? 4.248   -9.470  -7.246  1.00 20.72 ? 2301 HOH A O   1 
HETATM 1331 O  O   . HOH N 4 .   ? -7.118  -4.023  7.500   1.00 18.13 ? 2302 HOH A O   1 
HETATM 1332 O  O   . HOH N 4 .   ? -2.510  6.706   -11.777 1.00 24.23 ? 2303 HOH A O   1 
HETATM 1333 O  O   . HOH N 4 .   ? 10.120  -2.324  2.892   1.00 22.72 ? 2304 HOH A O   1 
HETATM 1334 O  O   . HOH N 4 .   ? -11.767 -0.008  11.554  1.00 21.28 ? 2305 HOH A O   1 
HETATM 1335 O  O   . HOH N 4 .   ? -15.623 3.870   -6.766  1.00 22.76 ? 2306 HOH A O   1 
HETATM 1336 O  O   . HOH N 4 .   ? 6.303   6.048   15.843  1.00 27.76 ? 2307 HOH A O   1 
HETATM 1337 O  O   . HOH N 4 .   ? -11.576 -6.926  -4.966  1.00 23.53 ? 2308 HOH A O   1 
HETATM 1338 O  O   . HOH N 4 .   ? 10.730  -3.418  9.634   1.00 27.12 ? 2309 HOH A O   1 
HETATM 1339 O  O   . HOH N 4 .   ? -7.919  -9.188  11.579  1.00 22.91 ? 2310 HOH A O   1 
HETATM 1340 O  O   . HOH N 4 .   ? -0.340  -16.188 7.559   1.00 27.14 ? 2311 HOH A O   1 
HETATM 1341 O  O   . HOH N 4 .   ? -14.280 -1.733  8.207   1.00 26.16 ? 2312 HOH A O   1 
HETATM 1342 O  O   . HOH N 4 .   ? 9.280   -5.854  12.268  1.00 34.99 ? 2313 HOH A O   1 
HETATM 1343 O  O   . HOH N 4 .   ? -3.565  -8.838  -12.092 1.00 24.21 ? 2314 HOH A O   1 
HETATM 1344 O  O   . HOH N 4 .   ? -12.680 9.451   -5.683  1.00 21.22 ? 2315 HOH A O   1 
HETATM 1345 O  O   . HOH N 4 .   ? 12.945  8.767   3.000   1.00 28.63 ? 2316 HOH A O   1 
HETATM 1346 O  O   . HOH N 4 .   ? -5.660  12.492  11.642  1.00 24.94 ? 2317 HOH A O   1 
HETATM 1347 O  O   . HOH N 4 .   ? 12.130  -8.553  -0.396  1.00 34.76 ? 2318 HOH A O   1 
HETATM 1348 O  O   . HOH N 4 .   ? -10.793 9.948   1.466   1.00 31.17 ? 2319 HOH A O   1 
HETATM 1349 O  O   . HOH N 4 .   ? -1.600  -1.125  17.893  1.00 29.05 ? 2320 HOH A O   1 
HETATM 1350 O  O   . HOH N 4 .   ? 3.020   -6.777  -13.697 1.00 28.61 ? 2321 HOH A O   1 
HETATM 1351 O  O   . HOH N 4 .   ? -14.440 6.312   -7.505  1.00 24.70 ? 2322 HOH A O   1 
HETATM 1352 O  O   . HOH N 4 .   ? 10.887  -2.438  -9.104  1.00 26.59 ? 2323 HOH A O   1 
HETATM 1353 O  O   . HOH N 4 .   ? -8.286  10.744  0.262   1.00 22.72 ? 2324 HOH A O   1 
HETATM 1354 O  O   . HOH N 4 .   ? 4.837   -11.294 13.526  1.00 29.89 ? 2325 HOH A O   1 
HETATM 1355 O  O   . HOH N 4 .   ? 15.817  1.898   3.117   1.00 29.69 ? 2326 HOH A O   1 
HETATM 1356 O  O   . HOH N 4 .   ? -8.936  -13.038 1.862   1.00 32.91 ? 2327 HOH A O   1 
HETATM 1357 O  O   . HOH N 4 .   ? -11.381 2.053   16.605  1.00 20.18 ? 2328 HOH A O   1 
HETATM 1358 O  O   . HOH N 4 .   ? -12.197 3.799   14.556  1.00 26.77 ? 2329 HOH A O   1 
HETATM 1359 O  O   . HOH N 4 .   ? -7.374  -12.773 8.193   1.00 25.17 ? 2330 HOH A O   1 
HETATM 1360 O  O   . HOH N 4 .   ? -6.256  -8.705  13.761  1.00 24.71 ? 2331 HOH A O   1 
HETATM 1361 O  O   . HOH N 4 .   ? -15.465 -5.139  9.408   1.00 31.43 ? 2332 HOH A O   1 
HETATM 1362 O  O   . HOH N 4 .   ? 4.128   -16.906 -2.977  1.00 32.67 ? 2333 HOH A O   1 
HETATM 1363 O  O   . HOH N 4 .   ? -11.925 2.979   3.581   1.00 23.93 ? 2334 HOH A O   1 
HETATM 1364 O  O   . HOH N 4 .   ? -5.609  21.220  1.671   1.00 32.61 ? 2335 HOH A O   1 
HETATM 1365 O  O   . HOH N 4 .   ? -3.380  1.304   -18.451 1.00 29.43 ? 2336 HOH A O   1 
HETATM 1366 O  O   A HOH N 4 .   ? -17.540 1.086   -5.240  0.70 31.10 ? 2337 HOH A O   1 
HETATM 1367 O  O   B HOH N 4 .   ? -18.530 1.193   -5.263  0.30 22.18 ? 2337 HOH A O   1 
HETATM 1368 O  O   . HOH N 4 .   ? -12.929 2.431   7.929   1.00 29.49 ? 2338 HOH A O   1 
HETATM 1369 O  O   . HOH N 4 .   ? 9.170   -16.423 -2.843  1.00 37.01 ? 2339 HOH A O   1 
HETATM 1370 O  O   . HOH N 4 .   ? 0.483   9.266   -13.529 1.00 36.28 ? 2340 HOH A O   1 
HETATM 1371 O  O   . HOH N 4 .   ? -17.767 3.420   -8.553  1.00 22.34 ? 2341 HOH A O   1 
HETATM 1372 O  O   . HOH N 4 .   ? -15.506 -6.583  5.655   1.00 35.81 ? 2342 HOH A O   1 
HETATM 1373 O  O   . HOH N 4 .   ? 2.582   -2.037  -15.480 1.00 33.17 ? 2343 HOH A O   1 
HETATM 1374 O  O   . HOH N 4 .   ? 5.336   -0.886  17.299  1.00 35.13 ? 2344 HOH A O   1 
HETATM 1375 O  O   . HOH N 4 .   ? 5.922   -8.920  -13.996 1.00 34.93 ? 2345 HOH A O   1 
HETATM 1376 O  O   . HOH N 4 .   ? -18.239 -4.819  -3.671  1.00 33.02 ? 2346 HOH A O   1 
HETATM 1377 O  O   . HOH N 4 .   ? -0.592  -11.862 -13.220 1.00 29.22 ? 2347 HOH A O   1 
HETATM 1378 O  O   . HOH N 4 .   ? 10.802  10.902  6.966   1.00 33.10 ? 2348 HOH A O   1 
HETATM 1379 O  O   . HOH N 4 .   ? -15.156 -5.004  1.781   1.00 33.54 ? 2349 HOH A O   1 
HETATM 1380 O  O   . HOH N 4 .   ? 2.382   -5.136  17.115  1.00 34.87 ? 2350 HOH A O   1 
HETATM 1381 O  O   . HOH N 4 .   ? -17.768 -1.280  -3.430  1.00 33.27 ? 2351 HOH A O   1 
HETATM 1382 O  O   . HOH N 4 .   ? 8.326   -1.424  -14.846 1.00 41.65 ? 2352 HOH A O   1 
HETATM 1383 O  O   . HOH N 4 .   ? -0.926  -14.124 -7.018  1.00 33.17 ? 2353 HOH A O   1 
HETATM 1384 O  O   . HOH N 4 .   ? -3.450  -15.134 -6.110  1.00 39.99 ? 2354 HOH A O   1 
HETATM 1385 O  O   . HOH N 4 .   ? -0.722  -4.027  -13.760 1.00 29.60 ? 2355 HOH A O   1 
HETATM 1386 O  O   . HOH N 4 .   ? 8.921   9.802   12.703  1.00 36.16 ? 2356 HOH A O   1 
HETATM 1387 O  O   . HOH N 4 .   ? -2.964  7.563   -15.734 1.00 39.23 ? 2357 HOH A O   1 
HETATM 1388 O  O   . HOH N 4 .   ? 8.999   -0.790  13.457  1.00 34.23 ? 2358 HOH A O   1 
HETATM 1389 O  O   . HOH N 4 .   ? -9.758  -0.082  15.934  0.50 18.88 ? 2359 HOH A O   1 
HETATM 1390 O  O   . HOH N 4 .   ? -0.222  -14.056 -14.740 1.00 36.81 ? 2360 HOH A O   1 
HETATM 1391 O  O   . HOH N 4 .   ? 4.381   -11.742 2.683   1.00 33.21 ? 2361 HOH A O   1 
HETATM 1392 O  O   . HOH N 4 .   ? -14.308 -1.090  10.700  1.00 29.71 ? 2362 HOH A O   1 
HETATM 1393 O  O   . HOH N 4 .   ? -11.446 1.182   -17.838 1.00 37.89 ? 2363 HOH A O   1 
HETATM 1394 O  O   . HOH N 4 .   ? 6.525   -11.463 1.178   1.00 33.18 ? 2364 HOH A O   1 
HETATM 1395 O  O   . HOH N 4 .   ? 1.912   -8.381  -15.498 1.00 32.92 ? 2365 HOH A O   1 
HETATM 1396 O  O   . HOH N 4 .   ? 1.170   12.043  -11.925 1.00 39.27 ? 2366 HOH A O   1 
HETATM 1397 O  O   . HOH N 4 .   ? -0.402  -9.273  -14.178 1.00 29.07 ? 2367 HOH A O   1 
HETATM 1398 O  O   . HOH N 4 .   ? -8.824  15.530  1.470   0.50 28.58 ? 2368 HOH A O   1 
HETATM 1399 O  O   . HOH N 4 .   ? -9.317  -1.752  -13.459 1.00 30.05 ? 2369 HOH A O   1 
HETATM 1400 O  O   . HOH N 4 .   ? 9.374   -3.383  14.197  1.00 38.41 ? 2370 HOH A O   1 
HETATM 1401 O  O   . HOH N 4 .   ? -3.422  -11.393 -13.059 1.00 31.80 ? 2371 HOH A O   1 
HETATM 1402 O  O   . HOH N 4 .   ? -3.343  9.196   -12.735 1.00 34.06 ? 2372 HOH A O   1 
HETATM 1403 O  O   . HOH N 4 .   ? 13.587  10.741  -1.809  1.00 38.06 ? 2373 HOH A O   1 
HETATM 1404 O  O   . HOH N 4 .   ? 2.153   -14.970 8.322   1.00 28.85 ? 2374 HOH A O   1 
HETATM 1405 O  O   . HOH N 4 .   ? -7.671  11.550  6.868   1.00 31.87 ? 2375 HOH A O   1 
HETATM 1406 O  O   . HOH N 4 .   ? 6.035   -1.394  -13.066 1.00 34.89 ? 2376 HOH A O   1 
HETATM 1407 O  O   . HOH N 4 .   ? 7.136   17.455  -7.811  1.00 46.29 ? 2377 HOH A O   1 
HETATM 1408 O  O   . HOH N 4 .   ? 11.944  -6.746  11.474  1.00 45.45 ? 2378 HOH A O   1 
HETATM 1409 O  O   . HOH N 4 .   ? -7.181  11.238  9.569   1.00 31.69 ? 2379 HOH A O   1 
HETATM 1410 O  O   . HOH N 4 .   ? 0.843   -14.264 -9.465  1.00 32.19 ? 2380 HOH A O   1 
HETATM 1411 O  O   . HOH N 4 .   ? 1.924   -4.343  -13.547 1.00 36.45 ? 2381 HOH A O   1 
HETATM 1412 O  O   . HOH N 4 .   ? 4.444   -17.569 9.723   1.00 48.93 ? 2382 HOH A O   1 
HETATM 1413 O  O   . HOH N 4 .   ? 12.173  11.898  3.746   1.00 38.85 ? 2383 HOH A O   1 
HETATM 1414 O  O   . HOH N 4 .   ? 10.256  -12.292 6.989   1.00 47.66 ? 2384 HOH A O   1 
HETATM 1415 O  O   . HOH N 4 .   ? -10.918 3.449   0.125   1.00 30.98 ? 2385 HOH A O   1 
HETATM 1416 O  O   . HOH N 4 .   ? 5.717   1.916   18.341  1.00 37.61 ? 2386 HOH A O   1 
HETATM 1417 O  O   . HOH N 4 .   ? 16.205  -4.063  -5.034  1.00 38.27 ? 2387 HOH A O   1 
HETATM 1418 O  O   . HOH N 4 .   ? 14.484  3.002   13.133  1.00 34.84 ? 2388 HOH A O   1 
HETATM 1419 O  O   . HOH N 4 .   ? -15.905 3.485   -4.034  1.00 32.18 ? 2389 HOH A O   1 
HETATM 1420 O  O   . HOH N 4 .   ? -2.171  -6.140  -15.179 1.00 50.11 ? 2390 HOH A O   1 
HETATM 1421 O  O   . HOH N 4 .   ? 12.285  0.381   17.085  1.00 44.42 ? 2391 HOH A O   1 
HETATM 1422 O  O   . HOH N 4 .   ? 1.680   -4.045  -21.961 1.00 39.95 ? 2392 HOH A O   1 
HETATM 1423 O  O   . HOH N 4 .   ? 13.690  2.656   -12.602 1.00 39.03 ? 2393 HOH A O   1 
HETATM 1424 O  O   . HOH N 4 .   ? 10.106  -11.539 2.538   1.00 40.12 ? 2394 HOH A O   1 
HETATM 1425 O  O   . HOH N 4 .   ? 3.941   -9.798  -15.874 1.00 36.04 ? 2395 HOH A O   1 
HETATM 1426 O  O   . HOH N 4 .   ? 7.608   13.613  -9.550  1.00 46.49 ? 2396 HOH A O   1 
HETATM 1427 O  O   . HOH N 4 .   ? -7.417  -13.893 -6.398  1.00 50.18 ? 2397 HOH A O   1 
HETATM 1428 O  O   . HOH N 4 .   ? -12.192 2.563   10.645  1.00 42.36 ? 2398 HOH A O   1 
HETATM 1429 O  O   . HOH N 4 .   ? 16.620  0.735   -4.755  1.00 38.03 ? 2399 HOH A O   1 
HETATM 1430 O  O   A HOH N 4 .   ? 14.103  6.176   2.622   0.50 25.90 ? 2400 HOH A O   1 
HETATM 1431 O  O   B HOH N 4 .   ? 13.891  4.119   2.848   0.50 28.32 ? 2400 HOH A O   1 
HETATM 1432 O  O   . HOH N 4 .   ? 0.711   -1.113  19.354  1.00 44.56 ? 2401 HOH A O   1 
HETATM 1433 O  O   . HOH N 4 .   ? -10.815 5.243   10.542  1.00 43.31 ? 2402 HOH A O   1 
HETATM 1434 O  O   . HOH N 4 .   ? 7.331   13.634  5.308   1.00 38.08 ? 2403 HOH A O   1 
HETATM 1435 O  O   . HOH N 4 .   ? -18.951 -8.178  10.747  1.00 49.06 ? 2404 HOH A O   1 
HETATM 1436 O  O   . HOH N 4 .   ? -7.133  -16.852 0.889   1.00 37.04 ? 2405 HOH A O   1 
HETATM 1437 O  O   . HOH N 4 .   ? -1.162  11.215  -10.703 1.00 37.64 ? 2406 HOH A O   1 
HETATM 1438 O  O   . HOH N 4 .   ? -16.457 -1.270  -0.760  1.00 39.44 ? 2407 HOH A O   1 
HETATM 1439 O  O   . HOH N 4 .   ? 11.924  4.062   14.414  1.00 42.80 ? 2408 HOH A O   1 
HETATM 1440 O  O   . HOH N 4 .   ? -1.808  3.463   -19.602 1.00 43.74 ? 2409 HOH A O   1 
HETATM 1441 O  O   . HOH N 4 .   ? 4.492   4.216   16.964  1.00 37.81 ? 2410 HOH A O   1 
HETATM 1442 O  O   . HOH N 4 .   ? -4.325  -18.536 0.147   1.00 48.51 ? 2411 HOH A O   1 
HETATM 1443 O  O   . HOH N 4 .   ? -1.420  -12.132 19.065  1.00 38.04 ? 2412 HOH A O   1 
HETATM 1444 O  O   . HOH N 4 .   ? 11.453  -9.164  11.449  1.00 46.28 ? 2413 HOH A O   1 
HETATM 1445 O  O   A HOH N 4 .   ? -14.807 -7.233  -2.278  0.50 21.70 ? 2414 HOH A O   1 
HETATM 1446 O  O   B HOH N 4 .   ? -14.273 -6.860  -3.603  0.50 30.43 ? 2414 HOH A O   1 
HETATM 1447 O  O   . HOH N 4 .   ? -13.023 -11.670 6.443   1.00 39.87 ? 2415 HOH A O   1 
HETATM 1448 O  O   . HOH N 4 .   ? 7.290   6.577   -13.748 1.00 38.97 ? 2416 HOH A O   1 
HETATM 1449 O  O   . HOH N 4 .   ? 5.187   9.227   -14.459 1.00 42.51 ? 2417 HOH A O   1 
HETATM 1450 O  O   . HOH N 4 .   ? 15.591  4.641   5.645   1.00 41.24 ? 2418 HOH A O   1 
HETATM 1451 O  O   . HOH N 4 .   ? 9.339   16.312  -1.223  1.00 49.77 ? 2419 HOH A O   1 
HETATM 1452 O  O   . HOH N 4 .   ? -7.119  8.772   8.700   1.00 39.38 ? 2420 HOH A O   1 
HETATM 1453 O  O   . HOH N 4 .   ? 17.699  0.243   -0.315  1.00 45.14 ? 2421 HOH A O   1 
HETATM 1454 O  O   . HOH N 4 .   ? 4.398   16.665  4.506   1.00 36.19 ? 2422 HOH A O   1 
HETATM 1455 O  O   . HOH N 4 .   ? 9.102   6.218   16.960  1.00 41.19 ? 2423 HOH A O   1 
HETATM 1456 O  O   . HOH N 4 .   ? -5.418  12.369  -10.767 1.00 43.47 ? 2424 HOH A O   1 
HETATM 1457 O  O   . HOH N 4 .   ? -14.799 8.870   -19.109 1.00 40.84 ? 2425 HOH A O   1 
HETATM 1458 O  O   . HOH N 4 .   ? -15.803 5.263   -18.372 1.00 38.11 ? 2426 HOH A O   1 
HETATM 1459 O  O   . HOH N 4 .   ? 4.901   -13.128 15.806  1.00 50.28 ? 2427 HOH A O   1 
HETATM 1460 O  O   . HOH N 4 .   ? 10.368  -10.999 -9.892  1.00 38.24 ? 2428 HOH A O   1 
HETATM 1461 O  O   . HOH N 4 .   ? 10.409  11.738  11.764  1.00 51.96 ? 2429 HOH A O   1 
HETATM 1462 O  O   . HOH N 4 .   ? 1.488   -3.852  -17.657 1.00 47.39 ? 2430 HOH A O   1 
HETATM 1463 O  O   . HOH N 4 .   ? 9.316   -6.691  17.156  1.00 53.78 ? 2431 HOH A O   1 
HETATM 1464 O  O   . HOH N 4 .   ? 0.861   4.225   18.137  1.00 46.63 ? 2432 HOH A O   1 
HETATM 1465 O  O   . HOH N 4 .   ? 12.100  6.497   -10.933 1.00 58.96 ? 2433 HOH A O   1 
HETATM 1466 O  O   . HOH N 4 .   ? -5.519  -1.132  -20.181 0.50 34.31 ? 2434 HOH A O   1 
HETATM 1467 O  O   . HOH N 4 .   ? 3.170   20.030  5.770   1.00 41.90 ? 2435 HOH A O   1 
HETATM 1468 O  O   . HOH N 4 .   ? -9.319  -12.295 -5.241  1.00 31.87 ? 2436 HOH A O   1 
HETATM 1469 O  O   A HOH N 4 .   ? -6.792  12.180  -8.446  0.50 33.07 ? 2437 HOH A O   1 
HETATM 1470 O  O   B HOH N 4 .   ? -8.186  -11.597 6.047   0.50 28.15 ? 2437 HOH A O   1 
HETATM 1471 O  O   . HOH N 4 .   ? -13.657 6.967   -4.932  1.00 30.61 ? 2438 HOH A O   1 
HETATM 1472 O  O   . HOH N 4 .   ? -5.626  3.618   -20.216 1.00 37.96 ? 2439 HOH A O   1 
HETATM 1473 O  O   . HOH N 4 .   ? 8.945   -4.521  -15.516 1.00 41.95 ? 2440 HOH A O   1 
HETATM 1474 O  O   . HOH N 4 .   ? 15.216  3.776   -4.880  1.00 50.44 ? 2441 HOH A O   1 
HETATM 1475 O  O   . HOH N 4 .   ? 11.061  11.010  -4.497  1.00 50.79 ? 2442 HOH A O   1 
HETATM 1476 O  O   . HOH N 4 .   ? 7.098   11.537  -6.201  1.00 39.51 ? 2443 HOH A O   1 
HETATM 1477 O  O   . HOH N 4 .   ? 14.915  7.821   -0.381  1.00 47.83 ? 2444 HOH A O   1 
HETATM 1478 O  O   . HOH N 4 .   ? 10.998  13.241  0.190   1.00 38.52 ? 2445 HOH A O   1 
HETATM 1479 O  O   . HOH N 4 .   ? -15.583 5.326   2.772   1.00 45.19 ? 2446 HOH A O   1 
HETATM 1480 O  O   . HOH N 4 .   ? 3.001   -2.636  18.214  1.00 50.04 ? 2447 HOH A O   1 
HETATM 1481 O  O   . HOH N 4 .   ? 10.080  13.297  -2.589  1.00 48.84 ? 2448 HOH A O   1 
HETATM 1482 O  O   A HOH N 4 .   ? 1.297   23.317  5.412   0.50 22.29 ? 2449 HOH A O   1 
HETATM 1483 O  O   B HOH N 4 .   ? -5.133  -12.476 -9.072  0.50 31.70 ? 2449 HOH A O   1 
HETATM 1484 O  O   . HOH N 4 .   ? -16.742 1.199   3.592   0.50 36.46 ? 2450 HOH A O   1 
HETATM 1485 O  O   . HOH N 4 .   ? 12.495  -7.244  -12.744 1.00 55.58 ? 2451 HOH A O   1 
HETATM 1486 O  O   . HOH N 4 .   ? 12.983  2.062   -15.507 1.00 47.53 ? 2452 HOH A O   1 
HETATM 1487 O  O   . HOH N 4 .   ? 14.634  9.870   4.820   1.00 45.25 ? 2453 HOH A O   1 
HETATM 1488 O  O   . HOH N 4 .   ? -14.859 -9.014  4.190   1.00 59.93 ? 2454 HOH A O   1 
HETATM 1489 O  O   . HOH N 4 .   ? 0.926   -7.455  18.495  1.00 44.22 ? 2455 HOH A O   1 
HETATM 1490 O  O   . HOH N 4 .   ? 18.088  -1.930  -2.218  1.00 56.76 ? 2456 HOH A O   1 
HETATM 1491 O  O   . HOH N 4 .   ? 12.100  -10.195 8.904   1.00 52.81 ? 2457 HOH A O   1 
# 
